data_4UX9
#
_entry.id   4UX9
#
_cell.length_a   108.666
_cell.length_b   180.159
_cell.length_c   101.144
_cell.angle_alpha   90.00
_cell.angle_beta   110.30
_cell.angle_gamma   90.00
#
_symmetry.space_group_name_H-M   'C 1 2 1'
#
loop_
_entity.id
_entity.type
_entity.pdbx_description
1 polymer 'MITOGEN-ACTIVATED PROTEIN KINASE 8'
2 polymer 'DUAL SPECIFICITY MITOGEN-ACTIVATED PROTEIN KINASE KINASE 7'
3 non-polymer 'PHOSPHOAMINOPHOSPHONIC ACID-ADENYLATE ESTER'
4 non-polymer 'SULFATE ION'
5 water water
#
loop_
_entity_poly.entity_id
_entity_poly.type
_entity_poly.pdbx_seq_one_letter_code
_entity_poly.pdbx_strand_id
1 'polypeptide(L)'
;MSRSKRDNNFYSVEIGDSTFTVLKRYQNLKPIGSGAQGIVCAAYDAILERNVAIKKLSRPFQNQTHAKRAYRELVLMKCV
NHKNIIGLLNVFTPQKSLEEFQDVYIVMELMDANLCQVIQMELDHERMSYLLYQMLCGIKHLHSAGIIHRDLKPSNIVVK
SDCTLKILDFGLARTAGTSFMMTPYVVTRYYRAPEVILGMGYKENVDLWSVGCIMGEMVCHKILFPGRDYIDQWNKVIEQ
LGTPCPEFMKKLQPTVRTYVENRPKYAGYSFEKLFPDVLFPADSEHNKLKASQARDLLSKMLVIDASKRISVDEALQHPY
INVWYDPSEAEAPPPKIPDKQLDEREHTIEEWKELIYKEVMDLE
;
A,B,C,D
2 'polypeptide(L)' QRPRPTLQLPLA F,G,H,I
#
loop_
_chem_comp.id
_chem_comp.type
_chem_comp.name
_chem_comp.formula
ANP non-polymer 'PHOSPHOAMINOPHOSPHONIC ACID-ADENYLATE ESTER' 'C10 H17 N6 O12 P3'
SO4 non-polymer 'SULFATE ION' 'O4 S -2'
#
# COMPACT_ATOMS: atom_id res chain seq x y z
N ASN A 8 -13.29 58.83 20.28
CA ASN A 8 -12.60 57.62 20.72
C ASN A 8 -11.16 57.59 20.16
N ASN A 9 -10.23 56.98 20.93
CA ASN A 9 -8.81 56.81 20.59
C ASN A 9 -8.61 55.84 19.41
N PHE A 10 -9.60 54.96 19.16
CA PHE A 10 -9.61 53.95 18.10
C PHE A 10 -10.46 54.38 16.90
N TYR A 11 -10.54 53.52 15.87
CA TYR A 11 -11.32 53.67 14.64
C TYR A 11 -11.39 52.32 13.93
N SER A 12 -12.49 52.07 13.19
CA SER A 12 -12.69 50.81 12.48
C SER A 12 -12.50 50.95 10.97
N VAL A 13 -11.85 49.92 10.37
CA VAL A 13 -11.56 49.79 8.94
C VAL A 13 -11.72 48.30 8.60
N GLU A 14 -12.50 48.01 7.55
CA GLU A 14 -12.77 46.66 7.08
C GLU A 14 -11.62 46.16 6.22
N ILE A 15 -11.11 44.97 6.55
CA ILE A 15 -10.03 44.31 5.83
C ILE A 15 -10.62 42.98 5.34
N GLY A 16 -11.02 42.98 4.07
CA GLY A 16 -11.68 41.83 3.44
C GLY A 16 -13.11 41.77 3.91
N ASP A 17 -13.34 41.15 5.08
CA ASP A 17 -14.65 41.02 5.71
C ASP A 17 -14.56 41.37 7.20
N SER A 18 -13.49 40.92 7.90
CA SER A 18 -13.27 41.18 9.32
C SER A 18 -12.99 42.66 9.58
N THR A 19 -13.36 43.14 10.78
CA THR A 19 -13.20 44.54 11.17
C THR A 19 -11.91 44.72 11.97
N PHE A 20 -11.16 45.77 11.63
CA PHE A 20 -9.92 46.11 12.31
C PHE A 20 -10.14 47.39 13.12
N THR A 21 -10.30 47.26 14.45
CA THR A 21 -10.48 48.41 15.34
C THR A 21 -9.12 48.68 15.98
N VAL A 22 -8.35 49.58 15.37
CA VAL A 22 -7.00 49.92 15.81
C VAL A 22 -6.90 51.35 16.33
N LEU A 23 -5.79 51.66 17.04
CA LEU A 23 -5.46 53.00 17.52
C LEU A 23 -5.33 53.95 16.33
N LYS A 24 -5.73 55.23 16.52
CA LYS A 24 -5.72 56.29 15.50
C LYS A 24 -4.33 56.49 14.88
N ARG A 25 -3.24 56.27 15.67
CA ARG A 25 -1.81 56.37 15.27
C ARG A 25 -1.46 55.43 14.09
N TYR A 26 -2.15 54.28 13.99
CA TYR A 26 -1.92 53.27 12.95
C TYR A 26 -2.83 53.59 11.79
N GLN A 27 -2.23 54.06 10.69
CA GLN A 27 -2.93 54.50 9.47
C GLN A 27 -2.46 53.74 8.22
N ASN A 28 -3.32 53.75 7.17
CA ASN A 28 -3.12 53.13 5.85
C ASN A 28 -2.88 51.58 5.98
N LEU A 29 -3.82 50.90 6.66
CA LEU A 29 -3.81 49.47 6.89
C LEU A 29 -4.13 48.70 5.61
N LYS A 30 -3.21 47.80 5.22
CA LYS A 30 -3.25 46.98 4.01
C LYS A 30 -3.01 45.51 4.39
N PRO A 31 -3.82 44.55 3.87
CA PRO A 31 -3.59 43.13 4.25
C PRO A 31 -2.28 42.61 3.67
N ILE A 32 -1.55 41.81 4.47
CA ILE A 32 -0.28 41.26 4.00
C ILE A 32 -0.31 39.73 4.07
N GLY A 33 -0.83 39.18 5.16
CA GLY A 33 -0.92 37.74 5.34
C GLY A 33 -2.14 37.23 6.07
N SER A 34 -2.44 35.93 5.83
CA SER A 34 -3.56 35.18 6.40
C SER A 34 -3.07 34.18 7.48
N GLY A 35 -3.98 33.77 8.36
CA GLY A 35 -3.68 32.82 9.42
C GLY A 35 -4.87 32.02 9.90
N ALA A 36 -4.80 31.55 11.17
CA ALA A 36 -5.83 30.76 11.85
C ALA A 36 -5.85 31.08 13.35
N GLY A 38 -5.10 34.28 13.06
CA GLY A 38 -4.77 35.71 13.13
C GLY A 38 -4.44 36.33 11.78
N ILE A 39 -5.20 37.39 11.42
CA ILE A 39 -5.02 38.12 10.16
C ILE A 39 -4.02 39.29 10.39
N VAL A 40 -3.06 39.50 9.44
CA VAL A 40 -1.98 40.50 9.57
C VAL A 40 -2.08 41.61 8.52
N CYS A 41 -1.96 42.87 8.99
CA CYS A 41 -1.97 44.09 8.17
C CYS A 41 -0.65 44.81 8.30
N ALA A 42 -0.24 45.48 7.21
CA ALA A 42 0.88 46.43 7.19
C ALA A 42 0.29 47.82 7.43
N ALA A 43 0.93 48.63 8.28
CA ALA A 43 0.43 49.97 8.59
C ALA A 43 1.56 50.94 8.84
N TYR A 44 1.21 52.22 9.00
CA TYR A 44 2.16 53.28 9.33
C TYR A 44 1.83 53.79 10.73
N ASP A 45 2.84 53.79 11.62
CA ASP A 45 2.71 54.33 12.97
C ASP A 45 3.03 55.83 12.88
N ALA A 46 1.98 56.68 12.98
CA ALA A 46 2.15 58.14 12.90
C ALA A 46 3.03 58.68 14.05
N ILE A 47 2.89 58.10 15.26
CA ILE A 47 3.67 58.46 16.44
C ILE A 47 5.14 58.03 16.29
N LEU A 48 5.41 56.77 15.89
CA LEU A 48 6.77 56.25 15.77
C LEU A 48 7.45 56.58 14.43
N GLU A 49 6.68 57.07 13.43
CA GLU A 49 7.21 57.44 12.10
C GLU A 49 7.88 56.22 11.44
N ARG A 50 7.17 55.08 11.49
CA ARG A 50 7.67 53.82 10.94
C ARG A 50 6.54 52.89 10.53
N ASN A 51 6.89 51.94 9.66
CA ASN A 51 5.95 50.90 9.20
C ASN A 51 5.84 49.83 10.25
N VAL A 52 4.63 49.32 10.45
CA VAL A 52 4.36 48.28 11.45
C VAL A 52 3.52 47.15 10.86
N ALA A 53 3.56 45.99 11.52
CA ALA A 53 2.68 44.88 11.19
C ALA A 53 1.71 44.74 12.35
N ILE A 54 0.42 44.64 12.03
CA ILE A 54 -0.63 44.53 13.05
C ILE A 54 -1.36 43.21 12.86
N LYS A 55 -1.27 42.37 13.88
CA LYS A 55 -1.93 41.07 13.92
C LYS A 55 -3.10 41.16 14.87
N LYS A 56 -4.27 40.74 14.37
CA LYS A 56 -5.49 40.68 15.16
C LYS A 56 -5.72 39.24 15.48
N LEU A 57 -5.59 38.87 16.78
CA LEU A 57 -5.87 37.50 17.19
C LEU A 57 -7.40 37.42 17.16
N SER A 58 -7.93 36.85 16.06
CA SER A 58 -9.34 36.74 15.69
C SER A 58 -10.26 36.36 16.86
N PRO A 60 -9.16 34.47 20.08
CA PRO A 60 -8.06 34.31 21.03
C PRO A 60 -8.41 33.41 22.22
N PHE A 61 -9.65 33.50 22.76
CA PHE A 61 -10.06 32.67 23.89
C PHE A 61 -11.41 31.98 23.60
N GLN A 62 -11.63 31.54 22.34
CA GLN A 62 -12.85 30.81 21.94
C GLN A 62 -12.82 29.42 22.59
N ASN A 63 -11.61 28.85 22.72
CA ASN A 63 -11.34 27.57 23.36
C ASN A 63 -10.02 27.63 24.11
N GLN A 64 -9.79 26.68 25.04
CA GLN A 64 -8.60 26.55 25.88
C GLN A 64 -7.28 26.42 25.07
N THR A 65 -7.36 25.93 23.82
CA THR A 65 -6.21 25.72 22.93
C THR A 65 -5.72 27.09 22.41
N HIS A 66 -6.64 27.91 21.86
CA HIS A 66 -6.36 29.26 21.35
C HIS A 66 -5.82 30.15 22.47
N ALA A 67 -6.42 30.03 23.67
CA ALA A 67 -6.10 30.75 24.91
C ALA A 67 -4.63 30.56 25.31
N LYS A 68 -4.14 29.30 25.31
CA LYS A 68 -2.75 28.96 25.62
C LYS A 68 -1.81 29.49 24.52
N ARG A 69 -2.23 29.37 23.25
CA ARG A 69 -1.52 29.86 22.06
C ARG A 69 -1.33 31.39 22.12
N ALA A 70 -2.39 32.14 22.45
CA ALA A 70 -2.38 33.61 22.57
C ALA A 70 -1.57 34.06 23.78
N TYR A 71 -1.69 33.35 24.93
CA TYR A 71 -0.95 33.68 26.16
C TYR A 71 0.56 33.53 25.96
N ARG A 72 0.96 32.43 25.30
CA ARG A 72 2.34 32.05 24.99
C ARG A 72 2.96 33.11 24.09
N GLU A 73 2.25 33.44 23.00
CA GLU A 73 2.61 34.44 22.00
C GLU A 73 2.90 35.79 22.70
N LEU A 74 1.99 36.25 23.58
CA LEU A 74 2.10 37.52 24.30
C LEU A 74 3.27 37.56 25.26
N VAL A 75 3.38 36.53 26.14
CA VAL A 75 4.43 36.44 27.15
C VAL A 75 5.84 36.31 26.50
N LEU A 76 5.99 35.45 25.50
CA LEU A 76 7.29 35.24 24.83
C LEU A 76 7.69 36.44 23.97
N MET A 77 6.72 37.12 23.34
CA MET A 77 7.01 38.32 22.53
C MET A 77 7.62 39.47 23.37
N LYS A 78 7.17 39.63 24.63
CA LYS A 78 7.69 40.68 25.51
C LYS A 78 9.07 40.31 26.07
N CYS A 79 9.27 39.07 26.53
CA CYS A 79 10.53 38.61 27.14
C CYS A 79 11.69 38.56 26.13
N VAL A 80 11.45 38.04 24.94
CA VAL A 80 12.51 37.86 23.95
C VAL A 80 12.89 39.21 23.29
N ASN A 81 14.20 39.47 23.25
CA ASN A 81 14.80 40.64 22.64
C ASN A 81 16.03 40.17 21.86
N HIS A 82 15.82 39.87 20.57
CA HIS A 82 16.89 39.41 19.70
C HIS A 82 16.69 39.89 18.26
N LYS A 83 17.81 40.11 17.57
CA LYS A 83 17.96 40.58 16.18
C LYS A 83 17.21 39.71 15.17
N ASN A 84 17.07 38.42 15.48
CA ASN A 84 16.50 37.44 14.56
C ASN A 84 15.16 36.87 15.07
N ILE A 85 14.56 37.58 16.03
CA ILE A 85 13.24 37.27 16.58
C ILE A 85 12.41 38.50 16.30
N ILE A 86 11.13 38.34 15.92
CA ILE A 86 10.27 39.49 15.65
C ILE A 86 9.98 40.23 16.96
N GLY A 87 10.25 41.52 16.95
CA GLY A 87 10.07 42.37 18.11
C GLY A 87 8.68 42.91 18.30
N LEU A 88 8.25 42.96 19.56
CA LEU A 88 6.98 43.53 19.97
C LEU A 88 7.13 45.06 20.12
N LEU A 89 6.25 45.81 19.47
CA LEU A 89 6.31 47.28 19.55
C LEU A 89 5.20 47.79 20.42
N ASN A 90 4.02 47.14 20.35
CA ASN A 90 2.83 47.51 21.10
C ASN A 90 1.81 46.36 21.10
N VAL A 91 0.96 46.33 22.14
CA VAL A 91 -0.17 45.41 22.35
C VAL A 91 -1.34 46.27 22.86
N PHE A 92 -2.54 46.08 22.31
CA PHE A 92 -3.72 46.85 22.74
C PHE A 92 -5.02 46.08 22.50
N THR A 93 -6.13 46.64 23.02
CA THR A 93 -7.50 46.12 22.88
C THR A 93 -8.48 47.29 22.79
N PRO A 94 -9.50 47.25 21.90
CA PRO A 94 -10.47 48.37 21.84
C PRO A 94 -11.36 48.45 23.10
N GLN A 95 -11.76 47.26 23.62
CA GLN A 95 -12.61 47.01 24.79
C GLN A 95 -12.03 47.64 26.07
N LYS A 96 -12.92 48.12 26.98
CA LYS A 96 -12.47 48.83 28.18
C LYS A 96 -12.63 48.04 29.52
N SER A 97 -13.28 46.86 29.52
CA SER A 97 -13.40 46.04 30.74
C SER A 97 -13.10 44.56 30.46
N LEU A 98 -12.91 43.74 31.52
CA LEU A 98 -12.64 42.30 31.44
C LEU A 98 -13.83 41.55 30.82
N GLU A 99 -15.06 42.04 31.08
CA GLU A 99 -16.30 41.46 30.57
C GLU A 99 -16.48 41.84 29.09
N GLU A 100 -16.10 43.09 28.73
CA GLU A 100 -16.14 43.62 27.37
C GLU A 100 -15.12 42.92 26.47
N PHE A 101 -13.91 42.66 27.00
CA PHE A 101 -12.72 42.04 26.38
C PHE A 101 -13.07 40.96 25.36
N GLN A 102 -12.58 41.14 24.12
CA GLN A 102 -12.81 40.21 23.02
C GLN A 102 -11.55 40.04 22.13
N ASP A 103 -11.12 41.11 21.44
CA ASP A 103 -10.00 41.09 20.50
C ASP A 103 -8.69 41.64 21.08
N VAL A 104 -7.58 40.98 20.69
CA VAL A 104 -6.21 41.34 21.06
C VAL A 104 -5.43 41.70 19.77
N TYR A 105 -4.77 42.86 19.77
CA TYR A 105 -3.97 43.35 18.64
C TYR A 105 -2.50 43.45 19.03
N ILE A 106 -1.63 42.85 18.20
CA ILE A 106 -0.19 42.84 18.42
C ILE A 106 0.46 43.64 17.32
N VAL A 107 1.29 44.61 17.71
CA VAL A 107 2.00 45.48 16.80
C VAL A 107 3.49 45.08 16.80
N MET A 108 4.04 44.76 15.61
CA MET A 108 5.46 44.38 15.46
C MET A 108 6.13 45.13 14.36
N GLU A 109 7.45 44.89 14.21
CA GLU A 109 8.27 45.43 13.13
C GLU A 109 7.75 44.84 11.79
N LEU A 110 7.70 45.64 10.73
CA LEU A 110 7.24 45.16 9.44
C LEU A 110 8.38 44.72 8.58
N MET A 111 8.31 43.47 8.10
CA MET A 111 9.31 42.88 7.22
C MET A 111 8.72 42.88 5.81
N ASP A 112 9.57 42.72 4.80
CA ASP A 112 9.18 42.82 3.40
C ASP A 112 8.54 41.54 2.80
N ALA A 113 8.88 40.34 3.32
CA ALA A 113 8.35 39.08 2.77
C ALA A 113 8.57 37.84 3.66
N ASN A 114 7.90 36.73 3.24
CA ASN A 114 7.95 35.33 3.67
C ASN A 114 9.19 34.68 3.13
N LEU A 115 9.58 33.50 3.67
CA LEU A 115 10.67 32.74 3.08
C LEU A 115 10.20 31.97 1.79
N CYS A 116 8.86 31.86 1.56
CA CYS A 116 8.24 31.26 0.35
C CYS A 116 8.78 31.93 -0.93
N GLN A 117 8.92 33.26 -0.89
CA GLN A 117 9.47 34.07 -1.98
C GLN A 117 10.94 33.76 -2.21
N VAL A 118 11.70 33.48 -1.14
CA VAL A 118 13.12 33.17 -1.21
C VAL A 118 13.31 31.78 -1.85
N ILE A 119 12.39 30.85 -1.56
CA ILE A 119 12.38 29.47 -2.09
C ILE A 119 12.13 29.52 -3.63
N GLN A 120 11.42 30.58 -4.11
CA GLN A 120 11.18 30.80 -5.54
C GLN A 120 12.31 31.64 -6.21
N MET A 121 13.40 31.88 -5.47
CA MET A 121 14.56 32.63 -5.92
C MET A 121 15.77 31.73 -6.04
N GLU A 122 16.68 32.12 -6.93
CA GLU A 122 17.97 31.45 -7.14
C GLU A 122 19.03 32.25 -6.37
N LEU A 123 19.45 31.75 -5.20
CA LEU A 123 20.46 32.42 -4.37
C LEU A 123 21.88 31.98 -4.69
N ASP A 124 22.85 32.70 -4.15
CA ASP A 124 24.27 32.39 -4.20
C ASP A 124 24.57 31.80 -2.83
N HIS A 125 25.73 31.16 -2.64
CA HIS A 125 26.08 30.55 -1.36
C HIS A 125 26.08 31.56 -0.20
N GLU A 126 26.55 32.79 -0.43
CA GLU A 126 26.63 33.80 0.62
C GLU A 126 25.26 34.15 1.20
N ARG A 127 24.21 34.31 0.34
CA ARG A 127 22.87 34.68 0.82
C ARG A 127 22.19 33.50 1.50
N MET A 128 22.33 32.27 0.94
CA MET A 128 21.75 31.08 1.56
C MET A 128 22.35 30.88 2.96
N SER A 129 23.69 30.87 3.04
CA SER A 129 24.47 30.70 4.26
C SER A 129 24.07 31.74 5.35
N TYR A 130 24.05 33.03 4.98
CA TYR A 130 23.73 34.14 5.86
C TYR A 130 22.29 34.06 6.38
N LEU A 131 21.33 33.70 5.52
CA LEU A 131 19.92 33.51 5.92
C LEU A 131 19.78 32.36 6.93
N LEU A 132 20.47 31.22 6.69
CA LEU A 132 20.51 30.05 7.56
C LEU A 132 21.21 30.35 8.88
N TYR A 133 22.34 31.09 8.84
CA TYR A 133 23.07 31.53 10.02
C TYR A 133 22.14 32.34 10.94
N GLN A 134 21.36 33.29 10.39
CA GLN A 134 20.46 34.15 11.18
C GLN A 134 19.35 33.35 11.80
N MET A 135 18.78 32.40 11.04
CA MET A 135 17.75 31.47 11.45
C MET A 135 18.25 30.69 12.68
N LEU A 136 19.49 30.18 12.61
CA LEU A 136 20.15 29.43 13.67
C LEU A 136 20.37 30.29 14.90
N CYS A 137 20.69 31.59 14.72
CA CYS A 137 20.86 32.56 15.81
C CYS A 137 19.53 32.76 16.55
N GLY A 138 18.44 32.90 15.80
CA GLY A 138 17.10 33.04 16.36
C GLY A 138 16.70 31.84 17.20
N ILE A 139 16.96 30.63 16.64
CA ILE A 139 16.68 29.35 17.30
C ILE A 139 17.58 29.18 18.54
N LYS A 140 18.88 29.54 18.44
CA LYS A 140 19.80 29.40 19.57
C LYS A 140 19.35 30.27 20.76
N HIS A 141 18.86 31.49 20.46
CA HIS A 141 18.34 32.41 21.46
C HIS A 141 17.14 31.79 22.19
N LEU A 142 16.15 31.27 21.46
CA LEU A 142 14.99 30.63 22.11
C LEU A 142 15.39 29.40 22.95
N HIS A 143 16.32 28.57 22.44
CA HIS A 143 16.79 27.36 23.13
C HIS A 143 17.60 27.69 24.38
N SER A 144 18.29 28.85 24.41
CA SER A 144 19.12 29.25 25.56
C SER A 144 18.25 29.47 26.80
N ALA A 145 16.94 29.71 26.61
CA ALA A 145 15.93 29.85 27.67
C ALA A 145 15.06 28.57 27.76
N GLY A 146 15.49 27.51 27.08
CA GLY A 146 14.78 26.24 27.03
C GLY A 146 13.47 26.26 26.26
N ILE A 147 13.28 27.24 25.36
CA ILE A 147 12.07 27.36 24.56
C ILE A 147 12.33 26.75 23.19
N ILE A 148 11.47 25.80 22.80
CA ILE A 148 11.55 25.15 21.49
C ILE A 148 10.44 25.76 20.60
N HIS A 149 10.80 26.23 19.38
CA HIS A 149 9.83 26.88 18.47
C HIS A 149 8.71 25.92 18.04
N ARG A 150 9.06 24.67 17.63
CA ARG A 150 8.15 23.59 17.24
C ARG A 150 7.46 23.74 15.85
N ASP A 151 7.23 24.96 15.37
CA ASP A 151 6.53 25.15 14.09
C ASP A 151 7.34 26.02 13.11
N LEU A 152 8.62 25.71 12.91
CA LEU A 152 9.42 26.48 11.94
C LEU A 152 9.06 26.04 10.52
N LYS A 153 8.62 26.99 9.72
CA LYS A 153 8.21 26.77 8.34
C LYS A 153 8.45 28.08 7.58
N PRO A 154 8.48 28.09 6.22
CA PRO A 154 8.77 29.33 5.48
C PRO A 154 7.79 30.50 5.70
N SER A 155 6.52 30.24 6.06
CA SER A 155 5.56 31.33 6.31
C SER A 155 5.75 31.94 7.73
N ASN A 156 6.57 31.29 8.59
CA ASN A 156 6.92 31.76 9.94
C ASN A 156 8.28 32.44 9.94
N ILE A 157 8.90 32.54 8.76
CA ILE A 157 10.20 33.16 8.65
C ILE A 157 10.08 34.36 7.71
N VAL A 158 10.38 35.56 8.23
CA VAL A 158 10.24 36.80 7.47
C VAL A 158 11.60 37.42 7.14
N VAL A 159 11.69 38.02 5.96
CA VAL A 159 12.94 38.59 5.46
C VAL A 159 12.77 40.05 4.99
N LYS A 160 13.89 40.77 4.95
CA LYS A 160 13.95 42.14 4.46
C LYS A 160 14.86 42.19 3.22
N SER A 161 14.66 43.22 2.39
CA SER A 161 15.41 43.46 1.15
C SER A 161 16.96 43.53 1.36
N ASP A 162 17.42 43.85 2.58
CA ASP A 162 18.84 43.89 2.92
C ASP A 162 19.37 42.47 3.36
N CYS A 163 18.54 41.40 3.10
CA CYS A 163 18.81 39.99 3.34
C CYS A 163 18.85 39.66 4.86
N THR A 164 18.13 40.46 5.67
CA THR A 164 18.06 40.20 7.11
C THR A 164 16.81 39.32 7.33
N LEU A 165 16.77 38.59 8.46
CA LEU A 165 15.76 37.60 8.76
C LEU A 165 15.32 37.61 10.21
N LYS A 166 14.03 37.29 10.48
CA LYS A 166 13.48 37.16 11.83
C LYS A 166 12.47 36.00 11.91
N ILE A 167 12.42 35.31 13.06
CA ILE A 167 11.44 34.25 13.31
C ILE A 167 10.15 34.91 13.82
N LEU A 168 8.99 34.38 13.42
CA LEU A 168 7.66 34.91 13.66
C LEU A 168 6.73 34.20 14.71
N ASP A 169 6.29 32.94 14.49
CA ASP A 169 5.25 32.32 15.35
C ASP A 169 5.72 31.83 16.75
N PHE A 170 5.04 32.28 17.81
CA PHE A 170 5.39 31.85 19.17
C PHE A 170 4.18 31.22 19.88
N GLY A 171 3.17 30.87 19.09
CA GLY A 171 1.94 30.24 19.57
C GLY A 171 2.10 28.83 20.08
N LEU A 172 3.02 28.05 19.48
CA LEU A 172 3.32 26.67 19.87
C LEU A 172 4.63 26.58 20.64
N ALA A 173 5.43 27.67 20.65
CA ALA A 173 6.72 27.72 21.33
C ALA A 173 6.59 27.40 22.83
N ARG A 174 7.34 26.37 23.30
CA ARG A 174 7.34 25.87 24.68
C ARG A 174 8.58 25.00 25.00
N THR A 175 8.73 24.55 26.26
CA THR A 175 9.83 23.69 26.75
C THR A 175 9.73 22.28 26.18
N ALA A 176 10.81 21.48 26.38
CA ALA A 176 10.92 20.11 25.89
C ALA A 176 9.85 19.20 26.47
N GLY A 177 9.23 18.39 25.64
CA GLY A 177 8.18 17.52 26.18
C GLY A 177 7.95 16.23 25.45
N THR A 178 6.73 15.73 25.57
CA THR A 178 6.19 14.65 24.77
C THR A 178 5.04 15.20 23.96
N PRO A 184 -0.69 18.12 19.33
CA PRO A 184 -0.71 16.71 18.86
C PRO A 184 -0.44 16.64 17.39
N TYR A 185 -1.27 17.37 16.63
CA TYR A 185 -1.15 17.54 15.22
C TYR A 185 -0.92 19.04 14.78
N VAL A 186 -0.46 19.84 15.74
CA VAL A 186 -0.33 21.29 15.50
C VAL A 186 0.86 21.74 14.63
N VAL A 187 1.95 20.94 14.57
CA VAL A 187 3.11 21.23 13.70
C VAL A 187 2.65 20.99 12.26
N THR A 188 3.07 21.85 11.31
CA THR A 188 2.73 21.69 9.88
C THR A 188 3.38 20.40 9.35
N ARG A 189 2.55 19.54 8.72
CA ARG A 189 2.88 18.21 8.21
C ARG A 189 4.32 18.01 7.65
N TYR A 190 4.68 18.75 6.61
CA TYR A 190 5.93 18.63 5.83
C TYR A 190 7.20 18.83 6.62
N TYR A 191 7.10 19.61 7.69
CA TYR A 191 8.19 20.03 8.56
C TYR A 191 8.20 19.23 9.85
N ARG A 192 7.26 18.24 10.04
CA ARG A 192 7.19 17.43 11.26
C ARG A 192 8.39 16.46 11.31
N ALA A 193 9.12 16.48 12.41
CA ALA A 193 10.26 15.62 12.67
C ALA A 193 9.80 14.18 12.97
N PRO A 194 10.65 13.14 12.73
CA PRO A 194 10.23 11.76 13.09
C PRO A 194 9.70 11.61 14.53
N GLU A 195 10.31 12.29 15.53
CA GLU A 195 9.88 12.23 16.94
C GLU A 195 8.48 12.89 17.17
N VAL A 196 8.06 13.82 16.29
CA VAL A 196 6.73 14.43 16.35
C VAL A 196 5.74 13.52 15.60
N ILE A 197 6.11 13.08 14.36
CA ILE A 197 5.29 12.16 13.56
C ILE A 197 4.96 10.88 14.37
N LEU A 198 6.00 10.29 15.05
CA LEU A 198 5.92 8.99 15.72
C LEU A 198 5.61 9.07 17.24
N GLY A 199 5.26 10.27 17.72
CA GLY A 199 4.84 10.48 19.10
C GLY A 199 5.85 10.26 20.21
N MET A 200 7.14 10.36 19.89
CA MET A 200 8.22 10.24 20.87
C MET A 200 8.36 11.58 21.61
N GLY A 201 9.34 11.67 22.48
CA GLY A 201 9.63 12.93 23.15
C GLY A 201 10.49 13.78 22.22
N TYR A 202 10.33 15.11 22.24
CA TYR A 202 11.13 16.03 21.43
C TYR A 202 11.99 16.95 22.31
N LYS A 203 13.28 17.06 21.94
CA LYS A 203 14.26 17.95 22.57
C LYS A 203 14.45 19.16 21.63
N GLU A 204 15.40 20.06 21.93
CA GLU A 204 15.70 21.27 21.16
C GLU A 204 16.02 21.01 19.68
N ASN A 205 16.76 19.92 19.36
CA ASN A 205 17.14 19.65 17.98
C ASN A 205 15.96 19.19 17.08
N VAL A 206 14.71 19.21 17.58
CA VAL A 206 13.51 18.95 16.77
C VAL A 206 13.40 20.08 15.75
N ASP A 207 13.89 21.25 16.18
CA ASP A 207 13.94 22.49 15.44
C ASP A 207 14.92 22.38 14.29
N LEU A 208 16.02 21.63 14.46
CA LEU A 208 17.01 21.43 13.38
C LEU A 208 16.47 20.59 12.23
N TRP A 209 15.56 19.69 12.51
CA TRP A 209 14.91 18.94 11.44
C TRP A 209 14.15 19.93 10.57
N SER A 210 13.41 20.87 11.17
CA SER A 210 12.65 21.88 10.44
C SER A 210 13.56 22.72 9.54
N VAL A 211 14.75 23.13 10.08
CA VAL A 211 15.80 23.86 9.35
C VAL A 211 16.30 23.05 8.15
N GLY A 212 16.45 21.72 8.30
CA GLY A 212 16.87 20.84 7.22
C GLY A 212 15.84 20.75 6.10
N CYS A 213 14.55 20.76 6.46
CA CYS A 213 13.43 20.73 5.50
C CYS A 213 13.36 22.04 4.75
N ILE A 214 13.61 23.16 5.47
CA ILE A 214 13.59 24.50 4.88
C ILE A 214 14.83 24.66 4.02
N MET A 215 15.99 24.22 4.52
CA MET A 215 17.23 24.31 3.74
C MET A 215 17.13 23.50 2.43
N GLY A 216 16.54 22.31 2.49
CA GLY A 216 16.33 21.44 1.34
C GLY A 216 15.36 22.03 0.34
N GLU A 217 14.31 22.71 0.83
CA GLU A 217 13.30 23.42 0.03
C GLU A 217 13.93 24.60 -0.74
N MET A 218 14.89 25.30 -0.09
CA MET A 218 15.63 26.41 -0.69
C MET A 218 16.51 25.95 -1.86
N VAL A 219 17.13 24.76 -1.73
CA VAL A 219 18.02 24.17 -2.74
C VAL A 219 17.21 23.54 -3.88
N CYS A 220 16.13 22.81 -3.56
CA CYS A 220 15.30 22.12 -4.55
C CYS A 220 14.14 22.95 -5.06
N HIS A 221 13.69 23.99 -4.34
CA HIS A 221 12.57 24.91 -4.70
C HIS A 221 11.21 24.20 -4.75
N LYS A 222 11.11 23.09 -4.01
CA LYS A 222 9.95 22.21 -3.82
C LYS A 222 10.04 21.62 -2.42
N ILE A 223 8.89 21.28 -1.84
CA ILE A 223 8.81 20.64 -0.52
C ILE A 223 9.58 19.31 -0.57
N LEU A 224 10.44 19.09 0.43
CA LEU A 224 11.33 17.95 0.58
C LEU A 224 10.60 16.63 0.77
N PHE A 225 9.61 16.58 1.71
CA PHE A 225 8.82 15.41 2.01
C PHE A 225 7.33 15.76 1.86
N PRO A 226 6.77 15.67 0.63
CA PRO A 226 5.36 16.08 0.46
C PRO A 226 4.35 14.96 0.80
N GLY A 227 4.21 14.65 2.08
CA GLY A 227 3.22 13.66 2.54
C GLY A 227 1.80 14.12 2.24
N ARG A 228 0.94 13.17 1.86
CA ARG A 228 -0.44 13.46 1.47
C ARG A 228 -1.40 13.47 2.67
N ASP A 229 -0.94 12.97 3.80
CA ASP A 229 -1.64 12.96 5.07
C ASP A 229 -0.59 12.77 6.16
N TYR A 230 -1.01 12.71 7.43
CA TYR A 230 -0.13 12.59 8.57
C TYR A 230 0.61 11.24 8.65
N ILE A 231 0.02 10.16 8.10
CA ILE A 231 0.62 8.82 8.10
C ILE A 231 1.53 8.71 6.85
N ASP A 232 1.06 9.17 5.67
CA ASP A 232 1.86 9.16 4.45
C ASP A 232 3.17 10.03 4.61
N GLN A 233 3.17 10.98 5.57
CA GLN A 233 4.34 11.80 5.87
C GLN A 233 5.55 10.92 6.24
N TRP A 234 5.31 9.81 6.97
CA TRP A 234 6.36 8.86 7.39
C TRP A 234 6.93 8.09 6.16
N ASN A 235 6.05 7.72 5.21
CA ASN A 235 6.43 7.05 3.96
C ASN A 235 7.37 7.91 3.14
N LYS A 236 7.11 9.22 3.11
CA LYS A 236 7.92 10.19 2.37
C LYS A 236 9.33 10.34 2.93
N VAL A 237 9.44 10.28 4.24
CA VAL A 237 10.73 10.42 4.91
C VAL A 237 11.60 9.13 4.74
N ILE A 238 11.01 7.93 4.97
CA ILE A 238 11.80 6.70 4.89
C ILE A 238 12.18 6.34 3.47
N GLU A 239 11.37 6.73 2.47
CA GLU A 239 11.73 6.47 1.07
C GLU A 239 12.99 7.26 0.65
N GLN A 240 13.12 8.51 1.11
CA GLN A 240 14.27 9.35 0.79
C GLN A 240 15.46 9.06 1.68
N LEU A 241 15.24 8.83 2.97
CA LEU A 241 16.37 8.71 3.90
C LEU A 241 16.75 7.27 4.27
N GLY A 242 15.85 6.33 4.04
CA GLY A 242 16.06 4.95 4.40
C GLY A 242 15.35 4.61 5.67
N THR A 243 14.94 3.34 5.82
CA THR A 243 14.29 2.80 7.02
C THR A 243 15.24 3.09 8.20
N PRO A 244 14.79 3.61 9.37
CA PRO A 244 15.73 3.81 10.48
C PRO A 244 16.29 2.48 11.01
N CYS A 245 17.46 2.55 11.64
CA CYS A 245 18.14 1.37 12.13
C CYS A 245 17.53 0.82 13.38
N PRO A 246 17.76 -0.46 13.80
CA PRO A 246 16.97 -0.97 14.89
C PRO A 246 17.15 -0.29 16.21
N GLU A 247 18.23 0.40 16.39
CA GLU A 247 18.50 1.16 17.61
C GLU A 247 17.45 2.26 17.79
N PHE A 248 16.98 2.89 16.70
CA PHE A 248 15.92 3.89 16.78
C PHE A 248 14.51 3.23 17.04
N MET A 249 14.24 2.06 16.48
CA MET A 249 12.98 1.32 16.63
C MET A 249 12.68 0.98 18.09
N LYS A 250 13.72 0.59 18.84
CA LYS A 250 13.63 0.23 20.26
C LYS A 250 13.12 1.40 21.10
N LYS A 251 13.35 2.64 20.64
CA LYS A 251 12.92 3.88 21.31
C LYS A 251 11.43 4.18 21.07
N LEU A 252 10.77 3.47 20.17
CA LEU A 252 9.37 3.76 19.88
C LEU A 252 8.44 3.07 20.87
N GLN A 253 7.26 3.66 21.10
CA GLN A 253 6.19 3.02 21.89
C GLN A 253 5.84 1.69 21.18
N PRO A 254 5.58 0.58 21.90
CA PRO A 254 5.30 -0.71 21.22
C PRO A 254 4.27 -0.65 20.07
N THR A 255 3.20 0.14 20.21
CA THR A 255 2.14 0.27 19.19
C THR A 255 2.63 0.94 17.91
N VAL A 256 3.44 2.01 18.05
CA VAL A 256 3.98 2.74 16.90
C VAL A 256 5.06 1.90 16.25
N ARG A 257 5.85 1.23 17.09
CA ARG A 257 6.93 0.37 16.65
C ARG A 257 6.46 -0.77 15.77
N THR A 258 5.34 -1.38 16.10
CA THR A 258 4.84 -2.48 15.31
C THR A 258 4.52 -2.02 13.90
N TYR A 259 3.87 -0.87 13.74
CA TYR A 259 3.55 -0.32 12.44
C TYR A 259 4.81 0.09 11.63
N VAL A 260 5.77 0.74 12.25
CA VAL A 260 7.02 1.19 11.65
C VAL A 260 7.85 -0.03 11.22
N GLU A 261 7.90 -1.10 12.03
CA GLU A 261 8.64 -2.31 11.65
C GLU A 261 7.91 -3.09 10.51
N ASN A 262 6.60 -2.87 10.35
CA ASN A 262 5.73 -3.53 9.37
C ASN A 262 5.75 -2.88 8.02
N ARG A 263 6.31 -1.66 7.93
CA ARG A 263 6.45 -0.88 6.70
C ARG A 263 7.38 -1.60 5.74
N PRO A 264 7.26 -1.38 4.40
CA PRO A 264 8.28 -1.95 3.49
C PRO A 264 9.63 -1.29 3.79
N LYS A 265 10.71 -2.02 3.52
CA LYS A 265 12.07 -1.60 3.81
C LYS A 265 12.64 -0.73 2.69
N TYR A 266 13.26 0.39 3.10
CA TYR A 266 13.85 1.37 2.18
C TYR A 266 15.34 1.54 2.41
N ALA A 267 16.11 1.54 1.33
CA ALA A 267 17.56 1.76 1.37
C ALA A 267 17.85 3.26 1.54
N GLY A 268 16.97 4.07 0.93
CA GLY A 268 17.08 5.51 0.89
C GLY A 268 18.08 5.91 -0.16
N TYR A 269 18.31 7.21 -0.27
CA TYR A 269 19.25 7.71 -1.27
C TYR A 269 20.36 8.47 -0.59
N SER A 270 21.55 8.49 -1.22
CA SER A 270 22.65 9.26 -0.68
C SER A 270 22.32 10.76 -0.86
N PHE A 271 22.95 11.62 -0.06
CA PHE A 271 22.75 13.07 -0.10
C PHE A 271 23.25 13.68 -1.42
N GLU A 272 24.21 12.99 -2.09
CA GLU A 272 24.76 13.35 -3.39
C GLU A 272 23.67 13.16 -4.45
N LYS A 273 22.87 12.08 -4.32
CA LYS A 273 21.74 11.82 -5.22
C LYS A 273 20.52 12.68 -4.85
N LEU A 274 20.29 12.94 -3.54
CA LEU A 274 19.17 13.78 -3.10
C LEU A 274 19.42 15.25 -3.46
N PHE A 275 20.65 15.70 -3.26
CA PHE A 275 21.03 17.09 -3.55
C PHE A 275 22.27 17.15 -4.46
N PRO A 276 22.11 16.92 -5.79
CA PRO A 276 23.29 17.02 -6.70
C PRO A 276 23.80 18.45 -6.83
N ASP A 277 25.10 18.61 -7.15
CA ASP A 277 25.81 19.88 -7.30
C ASP A 277 25.02 20.90 -8.12
N VAL A 278 24.42 20.46 -9.24
CA VAL A 278 23.64 21.30 -10.14
C VAL A 278 22.48 22.05 -9.38
N LEU A 279 21.92 21.46 -8.29
CA LEU A 279 20.83 22.11 -7.57
C LEU A 279 21.32 23.22 -6.63
N PHE A 280 22.58 23.14 -6.17
CA PHE A 280 23.14 24.16 -5.30
C PHE A 280 23.66 25.34 -6.11
N PRO A 281 23.84 26.54 -5.51
CA PRO A 281 24.52 27.62 -6.25
C PRO A 281 25.94 27.21 -6.65
N ALA A 282 26.47 27.81 -7.73
CA ALA A 282 27.83 27.56 -8.18
C ALA A 282 28.83 28.06 -7.12
N ASP A 283 29.94 27.34 -6.94
CA ASP A 283 30.97 27.69 -5.98
C ASP A 283 31.69 28.96 -6.49
N SER A 284 31.51 30.08 -5.74
CA SER A 284 32.07 31.38 -6.09
C SER A 284 33.59 31.40 -5.95
N GLU A 285 34.24 32.17 -6.83
CA GLU A 285 35.68 32.36 -6.84
C GLU A 285 36.11 33.42 -5.80
N HIS A 286 35.14 34.20 -5.28
CA HIS A 286 35.30 35.34 -4.39
C HIS A 286 35.12 35.01 -2.90
N ASN A 287 34.69 33.77 -2.58
CA ASN A 287 34.54 33.32 -1.19
C ASN A 287 34.91 31.81 -1.10
N LYS A 288 34.92 31.25 0.11
CA LYS A 288 35.29 29.83 0.33
C LYS A 288 34.06 28.87 0.58
N LEU A 289 32.82 29.35 0.37
CA LEU A 289 31.58 28.58 0.55
C LEU A 289 31.37 27.60 -0.61
N LYS A 290 31.01 26.37 -0.28
CA LYS A 290 30.91 25.29 -1.25
C LYS A 290 29.70 24.40 -1.08
N ALA A 291 29.19 23.90 -2.22
CA ALA A 291 28.07 22.95 -2.33
C ALA A 291 28.29 21.73 -1.45
N SER A 292 29.54 21.18 -1.43
CA SER A 292 29.91 20.01 -0.61
C SER A 292 29.71 20.25 0.91
N GLN A 293 29.88 21.52 1.38
CA GLN A 293 29.68 21.86 2.80
C GLN A 293 28.19 22.01 3.11
N ALA A 294 27.42 22.61 2.19
CA ALA A 294 25.97 22.79 2.31
C ALA A 294 25.29 21.40 2.40
N ARG A 295 25.69 20.49 1.51
CA ARG A 295 25.23 19.10 1.50
C ARG A 295 25.65 18.37 2.80
N ASP A 296 26.87 18.61 3.30
CA ASP A 296 27.33 18.00 4.57
C ASP A 296 26.43 18.46 5.72
N LEU A 297 26.08 19.77 5.75
CA LEU A 297 25.22 20.36 6.76
C LEU A 297 23.82 19.75 6.68
N LEU A 298 23.27 19.59 5.46
CA LEU A 298 21.97 18.95 5.22
C LEU A 298 21.95 17.51 5.70
N SER A 299 23.04 16.76 5.49
CA SER A 299 23.17 15.36 5.89
C SER A 299 23.28 15.22 7.43
N LYS A 300 23.62 16.29 8.15
CA LYS A 300 23.70 16.24 9.61
C LYS A 300 22.40 16.73 10.32
N MET A 301 21.53 17.45 9.58
CA MET A 301 20.22 17.95 10.04
C MET A 301 19.09 16.94 9.68
N LEU A 302 19.15 16.38 8.46
CA LEU A 302 18.16 15.41 8.01
C LEU A 302 18.54 13.98 8.41
N VAL A 303 18.62 13.77 9.72
CA VAL A 303 18.91 12.52 10.42
C VAL A 303 17.62 12.19 11.22
N ILE A 304 17.04 11.00 10.98
CA ILE A 304 15.79 10.54 11.60
C ILE A 304 15.94 10.46 13.15
N ASP A 305 16.97 9.78 13.63
CA ASP A 305 17.19 9.61 15.07
C ASP A 305 17.82 10.91 15.62
N ALA A 306 17.03 11.66 16.40
CA ALA A 306 17.37 12.94 17.03
C ALA A 306 18.63 12.85 17.91
N SER A 307 18.98 11.64 18.43
CA SER A 307 20.18 11.45 19.24
C SER A 307 21.44 11.36 18.35
N LYS A 308 21.26 11.20 17.02
CA LYS A 308 22.38 11.13 16.08
C LYS A 308 22.47 12.41 15.20
N ARG A 309 21.43 13.25 15.22
CA ARG A 309 21.28 14.54 14.54
C ARG A 309 22.03 15.62 15.33
N ILE A 310 22.66 16.59 14.64
CA ILE A 310 23.43 17.67 15.28
C ILE A 310 22.52 18.65 16.02
N SER A 311 23.12 19.44 16.94
CA SER A 311 22.48 20.51 17.73
C SER A 311 22.59 21.84 16.98
N VAL A 312 21.89 22.88 17.45
CA VAL A 312 21.96 24.23 16.87
C VAL A 312 23.40 24.79 16.95
N ASP A 313 24.12 24.54 18.07
CA ASP A 313 25.50 24.99 18.29
C ASP A 313 26.41 24.37 17.27
N GLU A 314 26.32 23.03 17.07
CA GLU A 314 27.11 22.31 16.06
C GLU A 314 26.78 22.86 14.65
N ALA A 315 25.50 23.24 14.41
CA ALA A 315 25.11 23.84 13.14
C ALA A 315 25.78 25.23 12.95
N LEU A 316 25.88 26.02 14.05
CA LEU A 316 26.54 27.35 14.03
C LEU A 316 28.08 27.21 13.87
N GLN A 317 28.65 26.07 14.30
CA GLN A 317 30.09 25.73 14.17
C GLN A 317 30.43 25.20 12.79
N HIS A 318 29.40 24.83 12.01
CA HIS A 318 29.59 24.20 10.71
C HIS A 318 30.27 25.12 9.70
N PRO A 319 31.29 24.60 8.97
CA PRO A 319 32.02 25.42 7.97
C PRO A 319 31.14 26.21 6.98
N TYR A 320 29.94 25.72 6.66
CA TYR A 320 29.07 26.46 5.76
C TYR A 320 28.44 27.69 6.47
N ILE A 321 28.42 27.70 7.81
CA ILE A 321 27.77 28.74 8.60
C ILE A 321 28.73 29.60 9.46
N ASN A 322 29.78 29.00 10.04
CA ASN A 322 30.65 29.71 11.00
C ASN A 322 31.31 31.02 10.48
N VAL A 323 31.48 31.19 9.16
CA VAL A 323 32.06 32.40 8.57
C VAL A 323 31.40 33.71 9.11
N TRP A 324 30.09 33.67 9.43
CA TRP A 324 29.32 34.82 9.91
C TRP A 324 29.30 34.94 11.42
N TYR A 325 29.79 33.92 12.15
CA TYR A 325 29.72 33.92 13.61
C TYR A 325 30.09 35.25 14.25
N ASP A 326 29.16 35.74 15.06
CA ASP A 326 29.31 36.96 15.83
C ASP A 326 28.73 36.68 17.21
N PRO A 327 29.55 36.69 18.30
CA PRO A 327 29.02 36.34 19.63
C PRO A 327 27.92 37.26 20.12
N SER A 328 27.84 38.49 19.61
CA SER A 328 26.80 39.43 19.98
C SER A 328 25.40 38.89 19.60
N GLU A 329 25.32 38.12 18.48
CA GLU A 329 24.08 37.51 17.99
C GLU A 329 23.99 36.01 18.36
N ALA A 330 25.13 35.31 18.24
CA ALA A 330 25.25 33.87 18.47
C ALA A 330 25.45 33.47 19.93
N GLU A 331 25.93 34.39 20.80
CA GLU A 331 26.13 34.13 22.24
C GLU A 331 25.40 35.19 23.10
N ALA A 332 24.26 35.71 22.60
CA ALA A 332 23.44 36.73 23.27
C ALA A 332 22.84 36.18 24.56
N PRO A 333 22.76 36.98 25.66
CA PRO A 333 22.19 36.44 26.92
C PRO A 333 20.76 35.90 26.73
N PRO A 334 20.41 34.79 27.41
CA PRO A 334 19.08 34.19 27.23
C PRO A 334 17.92 35.12 27.62
N PRO A 335 16.74 35.01 26.96
CA PRO A 335 15.60 35.83 27.39
C PRO A 335 15.15 35.43 28.79
N LYS A 336 14.79 36.42 29.61
CA LYS A 336 14.36 36.18 30.99
C LYS A 336 12.86 35.90 31.00
N ILE A 337 12.47 34.64 31.25
CA ILE A 337 11.06 34.24 31.31
C ILE A 337 10.65 34.12 32.79
N PRO A 338 9.62 34.87 33.25
CA PRO A 338 9.21 34.78 34.67
C PRO A 338 8.42 33.50 34.97
N ARG A 345 -0.03 24.27 33.96
CA ARG A 345 -0.23 25.15 32.80
C ARG A 345 -1.60 24.85 32.16
N GLU A 346 -2.60 24.55 33.02
CA GLU A 346 -3.97 24.23 32.64
C GLU A 346 -4.95 25.12 33.42
N HIS A 347 -5.77 25.92 32.69
CA HIS A 347 -6.76 26.86 33.24
C HIS A 347 -8.05 26.83 32.45
N THR A 348 -9.17 27.35 33.01
CA THR A 348 -10.44 27.40 32.28
C THR A 348 -10.44 28.64 31.36
N ILE A 349 -11.41 28.73 30.40
CA ILE A 349 -11.53 29.87 29.46
C ILE A 349 -11.65 31.19 30.26
N GLU A 350 -12.48 31.21 31.34
CA GLU A 350 -12.67 32.36 32.23
C GLU A 350 -11.34 32.78 32.90
N GLU A 351 -10.54 31.79 33.36
CA GLU A 351 -9.23 32.01 33.99
C GLU A 351 -8.22 32.52 32.97
N TRP A 352 -8.31 32.02 31.72
CA TRP A 352 -7.45 32.39 30.60
C TRP A 352 -7.74 33.81 30.12
N LYS A 353 -9.04 34.17 29.93
CA LYS A 353 -9.49 35.48 29.47
C LYS A 353 -8.96 36.57 30.40
N GLU A 354 -9.05 36.31 31.71
CA GLU A 354 -8.58 37.17 32.80
C GLU A 354 -7.06 37.32 32.72
N LEU A 355 -6.34 36.19 32.47
CA LEU A 355 -4.88 36.06 32.33
C LEU A 355 -4.33 36.83 31.10
N ILE A 356 -5.04 36.76 29.92
CA ILE A 356 -4.69 37.45 28.67
C ILE A 356 -4.79 38.98 28.91
N TYR A 357 -5.95 39.41 29.46
CA TYR A 357 -6.32 40.80 29.79
C TYR A 357 -5.28 41.46 30.69
N LYS A 358 -4.84 40.77 31.76
CA LYS A 358 -3.82 41.23 32.69
C LYS A 358 -2.49 41.49 31.98
N GLU A 359 -2.13 40.63 31.01
CA GLU A 359 -0.90 40.79 30.24
C GLU A 359 -1.02 41.91 29.21
N VAL A 360 -2.22 42.12 28.60
CA VAL A 360 -2.48 43.18 27.61
C VAL A 360 -2.37 44.56 28.29
N MET A 361 -3.00 44.73 29.47
CA MET A 361 -3.01 45.97 30.25
C MET A 361 -1.59 46.32 30.75
N ASP A 362 -0.83 45.31 31.25
CA ASP A 362 0.55 45.42 31.74
C ASP A 362 1.51 46.05 30.71
N LEU A 363 1.30 45.71 29.42
CA LEU A 363 2.14 46.15 28.30
C LEU A 363 1.30 46.89 27.26
N ASN B 8 0.72 -14.90 62.31
CA ASN B 8 -0.07 -13.86 61.64
C ASN B 8 -1.36 -14.43 61.02
N ASN B 9 -2.23 -13.54 60.51
CA ASN B 9 -3.46 -13.88 59.80
C ASN B 9 -3.16 -14.17 58.30
N PHE B 10 -1.96 -13.78 57.84
CA PHE B 10 -1.48 -13.94 56.47
C PHE B 10 -0.38 -14.97 56.38
N TYR B 11 -0.12 -15.47 55.16
CA TYR B 11 0.97 -16.40 54.82
C TYR B 11 1.37 -16.16 53.35
N SER B 12 2.67 -16.32 53.03
CA SER B 12 3.22 -16.11 51.69
C SER B 12 3.37 -17.44 50.92
N VAL B 13 3.32 -17.39 49.57
CA VAL B 13 3.42 -18.57 48.70
C VAL B 13 4.06 -18.21 47.32
N GLU B 14 4.77 -19.19 46.70
CA GLU B 14 5.47 -19.06 45.42
C GLU B 14 4.53 -19.35 44.23
N ILE B 15 4.23 -18.30 43.45
CA ILE B 15 3.41 -18.43 42.24
C ILE B 15 4.27 -17.88 41.10
N GLY B 16 5.04 -18.77 40.48
CA GLY B 16 5.99 -18.44 39.42
C GLY B 16 7.09 -17.54 39.94
N ASP B 17 7.17 -16.33 39.38
CA ASP B 17 8.12 -15.30 39.78
C ASP B 17 7.51 -14.41 40.87
N SER B 18 6.16 -14.42 41.00
CA SER B 18 5.42 -13.62 41.97
C SER B 18 5.25 -14.33 43.33
N THR B 19 5.12 -13.52 44.40
CA THR B 19 4.91 -13.97 45.78
C THR B 19 3.50 -13.53 46.20
N PHE B 20 2.62 -14.51 46.47
CA PHE B 20 1.26 -14.24 46.92
C PHE B 20 1.19 -14.32 48.45
N THR B 21 0.96 -13.17 49.11
CA THR B 21 0.84 -13.06 50.57
C THR B 21 -0.65 -12.86 50.90
N VAL B 22 -1.37 -13.97 51.11
CA VAL B 22 -2.81 -13.95 51.33
C VAL B 22 -3.22 -14.40 52.73
N LEU B 23 -4.49 -14.11 53.10
CA LEU B 23 -5.12 -14.55 54.35
C LEU B 23 -5.11 -16.09 54.44
N LYS B 24 -4.96 -16.62 55.68
CA LYS B 24 -4.91 -18.06 55.98
C LYS B 24 -6.19 -18.83 55.53
N ARG B 25 -7.35 -18.15 55.37
CA ARG B 25 -8.61 -18.74 54.88
C ARG B 25 -8.49 -19.27 53.44
N TYR B 26 -7.50 -18.75 52.68
CA TYR B 26 -7.25 -19.09 51.27
C TYR B 26 -6.05 -20.03 51.12
N GLN B 27 -6.27 -21.14 50.45
CA GLN B 27 -5.19 -22.09 50.31
C GLN B 27 -5.23 -22.88 49.03
N ASN B 28 -4.09 -23.45 48.69
CA ASN B 28 -3.96 -24.24 47.48
C ASN B 28 -3.98 -23.31 46.29
N LEU B 29 -3.21 -22.24 46.40
CA LEU B 29 -3.12 -21.26 45.32
C LEU B 29 -2.40 -21.86 44.13
N LYS B 30 -3.13 -21.91 43.03
CA LYS B 30 -2.69 -22.44 41.74
C LYS B 30 -2.96 -21.37 40.66
N PRO B 31 -1.96 -20.97 39.83
CA PRO B 31 -2.21 -19.94 38.82
C PRO B 31 -3.21 -20.38 37.74
N ILE B 32 -4.05 -19.43 37.28
CA ILE B 32 -5.03 -19.67 36.23
C ILE B 32 -4.93 -18.60 35.12
N GLY B 33 -4.27 -17.46 35.41
CA GLY B 33 -4.13 -16.39 34.43
C GLY B 33 -3.05 -15.37 34.70
N SER B 34 -2.94 -14.37 33.80
CA SER B 34 -1.99 -13.23 33.83
C SER B 34 -2.40 -12.18 32.80
N ILE B 39 -1.91 -11.00 37.46
CA ILE B 39 -1.75 -12.43 37.75
C ILE B 39 -2.93 -12.92 38.65
N VAL B 40 -3.65 -13.97 38.17
CA VAL B 40 -4.83 -14.54 38.82
C VAL B 40 -4.55 -15.97 39.28
N CYS B 41 -5.04 -16.29 40.50
CA CYS B 41 -4.91 -17.58 41.15
C CYS B 41 -6.24 -18.19 41.50
N ALA B 42 -6.34 -19.50 41.31
CA ALA B 42 -7.49 -20.26 41.79
C ALA B 42 -7.12 -20.68 43.22
N ALA B 43 -8.04 -20.47 44.16
CA ALA B 43 -7.83 -20.81 45.57
C ALA B 43 -9.12 -21.37 46.18
N TYR B 44 -9.00 -22.02 47.33
CA TYR B 44 -10.15 -22.57 48.05
C TYR B 44 -10.32 -21.75 49.34
N ASP B 45 -11.53 -21.22 49.53
CA ASP B 45 -11.87 -20.44 50.70
C ASP B 45 -12.47 -21.37 51.78
N ALA B 46 -11.71 -21.59 52.88
CA ALA B 46 -12.08 -22.46 53.99
C ALA B 46 -13.21 -21.89 54.83
N ILE B 47 -13.47 -20.57 54.73
CA ILE B 47 -14.58 -19.93 55.45
C ILE B 47 -15.88 -20.07 54.64
N LEU B 48 -15.84 -19.79 53.31
CA LEU B 48 -17.01 -19.88 52.43
C LEU B 48 -17.24 -21.31 51.92
N GLU B 49 -16.27 -22.22 52.17
CA GLU B 49 -16.27 -23.64 51.79
C GLU B 49 -16.53 -23.76 50.27
N ARG B 50 -15.72 -23.02 49.48
CA ARG B 50 -15.81 -22.98 48.02
C ARG B 50 -14.54 -22.41 47.39
N ASN B 51 -14.34 -22.75 46.11
CA ASN B 51 -13.22 -22.28 45.31
C ASN B 51 -13.44 -20.82 44.91
N VAL B 52 -12.37 -20.02 44.96
CA VAL B 52 -12.41 -18.58 44.65
C VAL B 52 -11.29 -18.21 43.68
N ALA B 53 -11.39 -17.00 43.09
CA ALA B 53 -10.37 -16.42 42.22
C ALA B 53 -9.70 -15.29 42.98
N ILE B 54 -8.37 -15.25 42.98
CA ILE B 54 -7.62 -14.19 43.65
C ILE B 54 -6.69 -13.51 42.63
N LYS B 55 -6.91 -12.20 42.42
CA LYS B 55 -6.12 -11.35 41.54
C LYS B 55 -5.16 -10.50 42.35
N LYS B 56 -3.87 -10.50 42.04
CA LYS B 56 -2.90 -9.64 42.72
C LYS B 56 -2.60 -8.42 41.86
N LEU B 57 -2.79 -7.23 42.42
CA LEU B 57 -2.44 -5.95 41.78
C LEU B 57 -1.16 -5.45 42.46
N SER B 58 0.00 -5.97 42.00
CA SER B 58 1.31 -5.64 42.56
C SER B 58 1.75 -4.24 42.12
N ARG B 59 2.23 -3.43 43.09
CA ARG B 59 2.70 -2.04 42.93
C ARG B 59 1.84 -1.27 41.87
N PRO B 60 0.51 -1.08 42.10
CA PRO B 60 -0.30 -0.38 41.09
C PRO B 60 -0.12 1.15 41.14
N PHE B 61 0.44 1.66 42.24
CA PHE B 61 0.71 3.09 42.45
C PHE B 61 2.02 3.54 41.74
N GLN B 62 2.79 2.57 41.17
CA GLN B 62 4.06 2.81 40.47
C GLN B 62 3.91 3.69 39.22
N ASN B 63 2.81 3.53 38.47
CA ASN B 63 2.53 4.27 37.24
C ASN B 63 1.29 5.16 37.41
N GLN B 64 1.00 6.01 36.41
CA GLN B 64 -0.19 6.88 36.42
C GLN B 64 -1.40 6.13 35.86
N THR B 65 -1.18 5.33 34.80
CA THR B 65 -2.20 4.51 34.15
C THR B 65 -2.61 3.34 35.06
N HIS B 66 -1.63 2.69 35.71
CA HIS B 66 -1.82 1.56 36.63
C HIS B 66 -2.65 1.98 37.86
N ALA B 67 -2.43 3.23 38.37
CA ALA B 67 -3.12 3.80 39.53
C ALA B 67 -4.62 4.05 39.26
N LYS B 68 -4.97 4.54 38.06
CA LYS B 68 -6.37 4.82 37.68
C LYS B 68 -7.11 3.52 37.36
N ARG B 69 -6.41 2.53 36.75
CA ARG B 69 -6.98 1.22 36.42
C ARG B 69 -7.33 0.44 37.71
N ALA B 70 -6.48 0.55 38.75
CA ALA B 70 -6.67 -0.08 40.06
C ALA B 70 -7.87 0.52 40.79
N TYR B 71 -7.92 1.87 40.90
CA TYR B 71 -9.01 2.60 41.55
C TYR B 71 -10.36 2.28 40.90
N ARG B 72 -10.43 2.30 39.55
CA ARG B 72 -11.65 2.03 38.78
C ARG B 72 -12.13 0.60 38.98
N GLU B 73 -11.23 -0.39 38.91
CA GLU B 73 -11.56 -1.80 39.12
C GLU B 73 -12.11 -1.99 40.54
N LEU B 74 -11.50 -1.33 41.55
CA LEU B 74 -11.90 -1.44 42.96
C LEU B 74 -13.27 -0.83 43.21
N VAL B 75 -13.46 0.44 42.82
CA VAL B 75 -14.71 1.18 43.02
C VAL B 75 -15.87 0.47 42.33
N LEU B 76 -15.74 0.13 41.03
CA LEU B 76 -16.80 -0.52 40.24
C LEU B 76 -17.18 -1.90 40.74
N MET B 77 -16.18 -2.74 41.12
CA MET B 77 -16.48 -4.08 41.62
C MET B 77 -17.22 -4.05 42.96
N LYS B 78 -17.04 -2.99 43.74
CA LYS B 78 -17.77 -2.78 45.00
C LYS B 78 -19.22 -2.34 44.71
N CYS B 79 -19.40 -1.44 43.73
CA CYS B 79 -20.67 -0.82 43.37
C CYS B 79 -21.57 -1.72 42.51
N VAL B 80 -20.99 -2.39 41.50
CA VAL B 80 -21.76 -3.23 40.59
C VAL B 80 -22.08 -4.58 41.26
N ASN B 81 -23.32 -5.04 41.07
CA ASN B 81 -23.84 -6.30 41.59
C ASN B 81 -24.95 -6.80 40.65
N HIS B 82 -24.59 -7.73 39.76
CA HIS B 82 -25.44 -8.37 38.75
C HIS B 82 -24.91 -9.78 38.54
N LYS B 83 -25.79 -10.74 38.21
CA LYS B 83 -25.42 -12.14 38.00
C LYS B 83 -24.50 -12.34 36.75
N ASN B 84 -24.43 -11.33 35.84
CA ASN B 84 -23.64 -11.40 34.60
C ASN B 84 -22.41 -10.54 34.66
N ILE B 85 -22.10 -10.06 35.87
CA ILE B 85 -20.90 -9.27 36.22
C ILE B 85 -20.17 -10.05 37.31
N ILE B 86 -18.83 -10.25 37.18
CA ILE B 86 -18.06 -11.00 38.17
C ILE B 86 -18.20 -10.35 39.57
N GLY B 87 -18.65 -11.15 40.52
CA GLY B 87 -18.92 -10.71 41.88
C GLY B 87 -17.71 -10.65 42.78
N LEU B 88 -17.54 -9.52 43.48
CA LEU B 88 -16.44 -9.36 44.44
C LEU B 88 -16.81 -10.09 45.76
N LEU B 89 -15.86 -10.81 46.34
CA LEU B 89 -16.07 -11.55 47.57
C LEU B 89 -15.29 -10.92 48.72
N ASN B 90 -14.09 -10.41 48.43
CA ASN B 90 -13.18 -9.82 49.42
C ASN B 90 -12.11 -8.94 48.73
N VAL B 91 -11.50 -8.04 49.51
CA VAL B 91 -10.39 -7.17 49.10
C VAL B 91 -9.54 -6.91 50.35
N PHE B 92 -8.26 -7.23 50.26
CA PHE B 92 -7.33 -7.07 51.37
C PHE B 92 -5.92 -6.71 50.87
N THR B 93 -5.09 -6.27 51.82
CA THR B 93 -3.68 -5.93 51.65
C THR B 93 -2.91 -6.58 52.83
N PRO B 94 -1.76 -7.23 52.58
CA PRO B 94 -0.99 -7.82 53.70
C PRO B 94 -0.33 -6.77 54.61
N GLN B 95 -0.01 -5.58 54.04
CA GLN B 95 0.66 -4.46 54.70
C GLN B 95 -0.23 -3.83 55.76
N LYS B 96 0.35 -3.63 56.96
CA LYS B 96 -0.35 -3.11 58.14
C LYS B 96 -0.64 -1.60 58.07
N SER B 97 0.23 -0.80 57.41
CA SER B 97 0.04 0.66 57.36
C SER B 97 0.04 1.24 55.92
N LEU B 98 -0.39 2.53 55.80
CA LEU B 98 -0.47 3.33 54.58
C LEU B 98 0.94 3.60 54.00
N GLU B 99 1.98 3.58 54.88
CA GLU B 99 3.39 3.78 54.54
C GLU B 99 4.04 2.47 54.05
N GLU B 100 3.64 1.32 54.61
CA GLU B 100 4.17 -0.01 54.25
C GLU B 100 3.50 -0.54 52.96
N PHE B 101 2.29 -0.02 52.65
CA PHE B 101 1.42 -0.32 51.51
C PHE B 101 2.19 -0.60 50.20
N GLN B 102 1.91 -1.78 49.58
CA GLN B 102 2.58 -2.24 48.35
C GLN B 102 1.63 -2.96 47.37
N ASP B 103 0.84 -3.94 47.87
CA ASP B 103 -0.04 -4.76 47.02
C ASP B 103 -1.50 -4.82 47.50
N VAL B 104 -2.42 -4.98 46.52
CA VAL B 104 -3.86 -5.11 46.67
C VAL B 104 -4.28 -6.46 46.08
N TYR B 105 -5.04 -7.26 46.86
CA TYR B 105 -5.57 -8.53 46.39
C TYR B 105 -7.07 -8.44 46.29
N ILE B 106 -7.64 -8.93 45.18
CA ILE B 106 -9.07 -8.96 44.95
C ILE B 106 -9.53 -10.42 44.90
N VAL B 107 -10.49 -10.76 45.74
CA VAL B 107 -11.08 -12.08 45.78
C VAL B 107 -12.42 -11.96 45.08
N MET B 108 -12.70 -12.88 44.15
CA MET B 108 -13.94 -12.87 43.39
C MET B 108 -14.38 -14.31 43.07
N GLU B 109 -15.63 -14.46 42.54
CA GLU B 109 -16.18 -15.77 42.12
C GLU B 109 -15.26 -16.45 41.12
N LEU B 110 -15.12 -17.78 41.22
CA LEU B 110 -14.28 -18.53 40.31
C LEU B 110 -15.16 -19.19 39.25
N MET B 111 -14.81 -18.97 37.98
CA MET B 111 -15.55 -19.57 36.87
C MET B 111 -14.69 -20.65 36.23
N ASP B 112 -15.30 -21.55 35.48
CA ASP B 112 -14.59 -22.69 34.88
C ASP B 112 -13.63 -22.30 33.74
N ALA B 113 -14.03 -21.38 32.83
CA ALA B 113 -13.21 -21.08 31.67
C ALA B 113 -13.46 -19.68 31.04
N ASN B 114 -12.60 -19.35 30.06
CA ASN B 114 -12.63 -18.19 29.15
C ASN B 114 -13.60 -18.41 28.06
N LEU B 115 -13.99 -17.34 27.36
CA LEU B 115 -14.82 -17.46 26.17
C LEU B 115 -13.95 -17.96 24.97
N CYS B 116 -12.60 -17.98 25.14
CA CYS B 116 -11.62 -18.52 24.17
C CYS B 116 -11.89 -20.00 23.88
N GLN B 117 -12.27 -20.77 24.93
CA GLN B 117 -12.63 -22.19 24.83
C GLN B 117 -13.94 -22.38 24.09
N VAL B 118 -14.88 -21.44 24.24
CA VAL B 118 -16.18 -21.50 23.57
C VAL B 118 -15.98 -21.25 22.06
N ILE B 119 -15.05 -20.36 21.67
CA ILE B 119 -14.74 -20.03 20.27
C ILE B 119 -14.13 -21.28 19.56
N GLN B 120 -13.47 -22.16 20.34
CA GLN B 120 -12.87 -23.42 19.90
C GLN B 120 -13.86 -24.60 20.01
N MET B 121 -15.16 -24.27 20.18
CA MET B 121 -16.28 -25.21 20.28
C MET B 121 -17.31 -24.92 19.23
N GLU B 122 -18.06 -25.94 18.82
CA GLU B 122 -19.20 -25.78 17.94
C GLU B 122 -20.44 -25.79 18.82
N LEU B 123 -21.20 -24.69 18.78
CA LEU B 123 -22.40 -24.53 19.57
C LEU B 123 -23.66 -24.74 18.75
N ASP B 124 -24.80 -24.85 19.45
CA ASP B 124 -26.14 -24.89 18.86
C ASP B 124 -26.70 -23.47 19.06
N HIS B 125 -27.82 -23.12 18.40
CA HIS B 125 -28.41 -21.80 18.53
C HIS B 125 -28.76 -21.44 19.98
N GLU B 126 -29.31 -22.40 20.75
CA GLU B 126 -29.73 -22.23 22.15
C GLU B 126 -28.57 -21.75 23.04
N ARG B 127 -27.40 -22.40 22.95
CA ARG B 127 -26.25 -22.02 23.76
C ARG B 127 -25.62 -20.71 23.29
N MET B 128 -25.58 -20.43 21.97
CA MET B 128 -25.02 -19.18 21.45
C MET B 128 -25.89 -17.99 21.84
N SER B 129 -27.20 -18.10 21.57
CA SER B 129 -28.21 -17.11 21.91
C SER B 129 -28.18 -16.77 23.40
N TYR B 130 -28.07 -17.82 24.26
CA TYR B 130 -28.07 -17.67 25.70
C TYR B 130 -26.80 -16.96 26.20
N LEU B 131 -25.63 -17.31 25.62
CA LEU B 131 -24.35 -16.67 25.98
C LEU B 131 -24.38 -15.16 25.65
N LEU B 132 -24.86 -14.80 24.44
CA LEU B 132 -24.96 -13.42 23.99
C LEU B 132 -25.97 -12.65 24.84
N TYR B 133 -27.12 -13.26 25.18
CA TYR B 133 -28.15 -12.67 26.07
C TYR B 133 -27.54 -12.24 27.43
N GLN B 134 -26.70 -13.11 28.04
CA GLN B 134 -26.03 -12.87 29.32
C GLN B 134 -25.01 -11.76 29.18
N MET B 135 -24.28 -11.75 28.06
CA MET B 135 -23.29 -10.72 27.71
C MET B 135 -23.99 -9.36 27.65
N LEU B 136 -25.15 -9.31 26.96
CA LEU B 136 -25.93 -8.08 26.80
C LEU B 136 -26.51 -7.58 28.13
N CYS B 137 -27.00 -8.50 29.01
CA CYS B 137 -27.55 -8.19 30.34
C CYS B 137 -26.51 -7.51 31.22
N GLY B 138 -25.29 -8.04 31.20
CA GLY B 138 -24.16 -7.49 31.95
C GLY B 138 -23.78 -6.09 31.48
N ILE B 139 -23.74 -5.91 30.15
CA ILE B 139 -23.43 -4.65 29.47
C ILE B 139 -24.54 -3.60 29.80
N LYS B 140 -25.81 -4.03 29.69
CA LYS B 140 -26.98 -3.20 29.99
C LYS B 140 -26.90 -2.71 31.45
N HIS B 141 -26.52 -3.62 32.38
CA HIS B 141 -26.36 -3.26 33.78
C HIS B 141 -25.35 -2.13 33.95
N LEU B 142 -24.22 -2.17 33.23
CA LEU B 142 -23.20 -1.13 33.30
C LEU B 142 -23.61 0.15 32.58
N HIS B 143 -24.26 0.03 31.41
CA HIS B 143 -24.70 1.16 30.57
C HIS B 143 -25.75 2.02 31.29
N SER B 144 -26.65 1.37 32.07
CA SER B 144 -27.71 2.02 32.86
C SER B 144 -27.13 3.02 33.91
N ALA B 145 -25.83 2.90 34.25
CA ALA B 145 -25.11 3.82 35.15
C ALA B 145 -24.10 4.68 34.36
N GLY B 146 -24.15 4.59 33.04
CA GLY B 146 -23.25 5.29 32.13
C GLY B 146 -21.85 4.73 32.12
N ILE B 147 -21.69 3.45 32.50
CA ILE B 147 -20.37 2.79 32.53
C ILE B 147 -20.17 2.04 31.22
N ILE B 148 -19.07 2.35 30.54
CA ILE B 148 -18.68 1.67 29.32
C ILE B 148 -17.50 0.78 29.67
N HIS B 149 -17.61 -0.54 29.41
CA HIS B 149 -16.56 -1.53 29.69
C HIS B 149 -15.27 -1.19 28.94
N ARG B 150 -15.36 -1.00 27.59
CA ARG B 150 -14.29 -0.59 26.65
C ARG B 150 -13.33 -1.73 26.24
N ASP B 151 -13.22 -2.76 27.07
CA ASP B 151 -12.28 -3.85 26.86
C ASP B 151 -12.96 -5.22 26.71
N LEU B 152 -14.19 -5.28 26.15
CA LEU B 152 -14.81 -6.57 25.92
C LEU B 152 -14.02 -7.33 24.87
N LYS B 153 -13.65 -8.56 25.21
CA LYS B 153 -12.83 -9.50 24.44
C LYS B 153 -13.01 -10.91 25.08
N PRO B 154 -12.77 -12.00 24.30
CA PRO B 154 -13.01 -13.37 24.83
C PRO B 154 -12.37 -13.70 26.19
N SER B 155 -11.14 -13.22 26.48
CA SER B 155 -10.45 -13.50 27.76
C SER B 155 -11.03 -12.70 28.94
N ASN B 156 -11.86 -11.69 28.65
CA ASN B 156 -12.52 -10.86 29.66
C ASN B 156 -13.95 -11.35 29.91
N ILE B 157 -14.30 -12.48 29.33
CA ILE B 157 -15.62 -13.07 29.51
C ILE B 157 -15.40 -14.50 29.99
N VAL B 158 -16.02 -14.84 31.11
CA VAL B 158 -15.88 -16.14 31.71
C VAL B 158 -17.21 -16.89 31.74
N VAL B 159 -17.14 -18.21 31.64
CA VAL B 159 -18.26 -19.13 31.62
C VAL B 159 -18.06 -20.26 32.64
N LYS B 160 -19.18 -20.94 32.96
CA LYS B 160 -19.27 -22.11 33.80
C LYS B 160 -19.90 -23.21 32.95
N SER B 161 -19.61 -24.48 33.28
CA SER B 161 -20.12 -25.68 32.58
C SER B 161 -21.68 -25.71 32.44
N ASP B 162 -22.44 -24.94 33.24
CA ASP B 162 -23.90 -24.91 33.10
C ASP B 162 -24.36 -23.81 32.10
N CYS B 163 -23.42 -23.33 31.25
CA CYS B 163 -23.61 -22.32 30.20
C CYS B 163 -23.95 -20.91 30.79
N THR B 164 -23.44 -20.61 32.00
CA THR B 164 -23.66 -19.29 32.60
C THR B 164 -22.43 -18.42 32.26
N LEU B 165 -22.62 -17.09 32.23
CA LEU B 165 -21.58 -16.17 31.78
C LEU B 165 -21.47 -14.94 32.69
N LYS B 166 -20.24 -14.42 32.84
CA LYS B 166 -19.91 -13.20 33.59
C LYS B 166 -18.80 -12.40 32.91
N ILE B 167 -18.89 -11.07 33.03
CA ILE B 167 -17.90 -10.10 32.52
C ILE B 167 -16.84 -9.86 33.61
N LEU B 168 -15.56 -9.83 33.22
CA LEU B 168 -14.41 -9.75 34.10
C LEU B 168 -13.74 -8.37 34.41
N ASP B 169 -12.89 -7.80 33.52
CA ASP B 169 -12.00 -6.65 33.80
C ASP B 169 -12.65 -5.24 33.71
N PHE B 170 -12.54 -4.47 34.82
CA PHE B 170 -13.10 -3.12 34.92
C PHE B 170 -12.04 -2.02 35.03
N GLY B 171 -10.79 -2.37 34.73
CA GLY B 171 -9.65 -1.46 34.72
C GLY B 171 -9.79 -0.32 33.73
N LEU B 172 -10.46 -0.56 32.58
CA LEU B 172 -10.67 0.48 31.56
C LEU B 172 -12.08 1.08 31.59
N ALA B 173 -13.02 0.45 32.33
CA ALA B 173 -14.41 0.86 32.43
C ALA B 173 -14.58 2.26 33.01
N ARG B 174 -15.39 3.10 32.33
CA ARG B 174 -15.66 4.50 32.70
C ARG B 174 -16.87 5.07 31.96
N THR B 175 -17.07 6.39 32.07
CA THR B 175 -18.16 7.11 31.40
C THR B 175 -17.71 7.54 29.99
N ALA B 176 -18.68 7.91 29.10
CA ALA B 176 -18.41 8.34 27.73
C ALA B 176 -17.49 9.55 27.68
N GLY B 177 -16.59 9.56 26.70
CA GLY B 177 -15.61 10.61 26.51
C GLY B 177 -14.45 10.20 25.61
N PRO B 184 -5.43 5.70 24.42
CA PRO B 184 -5.97 5.36 23.10
C PRO B 184 -5.76 3.82 22.81
N TYR B 185 -4.69 3.19 23.29
CA TYR B 185 -4.21 1.84 22.81
C TYR B 185 -4.45 0.82 23.63
N VAL B 186 -5.14 1.28 24.69
CA VAL B 186 -5.52 0.66 25.88
C VAL B 186 -6.39 -0.56 25.49
N VAL B 187 -7.27 -0.37 24.49
CA VAL B 187 -8.18 -1.38 23.98
C VAL B 187 -7.39 -2.34 23.06
N THR B 188 -7.67 -3.66 23.16
CA THR B 188 -7.07 -4.73 22.38
C THR B 188 -7.48 -4.54 20.92
N ARG B 189 -6.46 -4.42 20.05
CA ARG B 189 -6.46 -4.11 18.62
C ARG B 189 -7.67 -4.61 17.83
N TYR B 190 -7.93 -5.94 17.87
CA TYR B 190 -8.95 -6.62 17.06
C TYR B 190 -10.38 -6.27 17.43
N TYR B 191 -10.61 -5.74 18.62
CA TYR B 191 -11.95 -5.44 19.12
C TYR B 191 -12.20 -3.94 19.20
N ARG B 192 -11.20 -3.10 18.77
CA ARG B 192 -11.29 -1.64 18.76
C ARG B 192 -12.33 -1.20 17.75
N ALA B 193 -13.28 -0.39 18.18
CA ALA B 193 -14.35 0.13 17.36
C ALA B 193 -13.82 1.22 16.45
N PRO B 194 -14.50 1.51 15.31
CA PRO B 194 -13.99 2.57 14.41
C PRO B 194 -13.70 3.91 15.11
N GLU B 195 -14.55 4.31 16.08
CA GLU B 195 -14.42 5.55 16.88
C GLU B 195 -13.18 5.50 17.78
N VAL B 196 -12.75 4.29 18.19
CA VAL B 196 -11.53 4.11 19.01
C VAL B 196 -10.29 4.12 18.07
N ILE B 197 -10.37 3.40 16.94
CA ILE B 197 -9.29 3.39 15.93
C ILE B 197 -9.03 4.82 15.41
N LEU B 198 -10.12 5.60 15.16
CA LEU B 198 -10.00 6.91 14.51
C LEU B 198 -10.08 8.15 15.43
N GLY B 199 -9.94 7.95 16.74
CA GLY B 199 -9.88 9.04 17.71
C GLY B 199 -11.11 9.93 17.81
N MET B 200 -12.28 9.35 17.61
CA MET B 200 -13.54 10.05 17.74
C MET B 200 -14.02 9.91 19.17
N GLY B 201 -15.17 10.50 19.47
CA GLY B 201 -15.76 10.33 20.78
C GLY B 201 -16.48 8.99 20.79
N TYR B 202 -16.40 8.27 21.92
CA TYR B 202 -17.12 7.00 22.06
C TYR B 202 -18.28 7.16 23.00
N LYS B 203 -19.38 6.48 22.68
CA LYS B 203 -20.59 6.46 23.51
C LYS B 203 -20.73 5.03 24.04
N GLU B 204 -21.93 4.61 24.46
CA GLU B 204 -22.17 3.30 25.05
C GLU B 204 -22.04 2.16 24.02
N ASN B 205 -22.65 2.32 22.81
CA ASN B 205 -22.62 1.28 21.78
C ASN B 205 -21.20 1.02 21.21
N VAL B 206 -20.13 1.59 21.81
CA VAL B 206 -18.75 1.24 21.44
C VAL B 206 -18.51 -0.25 21.83
N ASP B 207 -19.14 -0.65 22.94
CA ASP B 207 -19.18 -1.98 23.48
C ASP B 207 -19.94 -2.92 22.55
N LEU B 208 -20.92 -2.42 21.80
CA LEU B 208 -21.66 -3.30 20.89
C LEU B 208 -20.86 -3.69 19.66
N TRP B 209 -19.88 -2.91 19.30
CA TRP B 209 -18.97 -3.31 18.24
C TRP B 209 -18.13 -4.49 18.75
N SER B 210 -17.67 -4.46 19.99
CA SER B 210 -16.89 -5.54 20.60
C SER B 210 -17.67 -6.83 20.62
N VAL B 211 -18.99 -6.79 20.96
CA VAL B 211 -19.91 -7.93 20.99
C VAL B 211 -20.03 -8.55 19.59
N GLY B 212 -20.11 -7.72 18.53
CA GLY B 212 -20.15 -8.17 17.15
C GLY B 212 -18.88 -8.91 16.75
N CYS B 213 -17.70 -8.45 17.27
CA CYS B 213 -16.40 -9.09 16.99
C CYS B 213 -16.32 -10.44 17.68
N ILE B 214 -16.78 -10.49 18.95
CA ILE B 214 -16.87 -11.69 19.79
C ILE B 214 -17.86 -12.67 19.15
N MET B 215 -19.06 -12.19 18.82
CA MET B 215 -20.11 -13.00 18.20
C MET B 215 -19.63 -13.55 16.85
N GLY B 216 -19.03 -12.70 16.01
CA GLY B 216 -18.47 -13.12 14.74
C GLY B 216 -17.37 -14.16 14.88
N GLU B 217 -16.50 -14.00 15.90
CA GLU B 217 -15.41 -14.92 16.21
C GLU B 217 -15.96 -16.29 16.70
N MET B 218 -17.10 -16.30 17.45
CA MET B 218 -17.80 -17.52 17.92
C MET B 218 -18.33 -18.31 16.74
N VAL B 219 -18.83 -17.59 15.73
CA VAL B 219 -19.38 -18.15 14.50
C VAL B 219 -18.25 -18.66 13.56
N CYS B 220 -17.22 -17.84 13.24
CA CYS B 220 -16.21 -18.31 12.31
CA CYS B 220 -16.16 -18.23 12.32
C CYS B 220 -15.01 -18.98 13.00
N HIS B 221 -14.91 -18.91 14.36
CA HIS B 221 -13.85 -19.55 15.19
C HIS B 221 -12.47 -18.97 14.90
N LYS B 222 -12.46 -17.76 14.35
CA LYS B 222 -11.27 -17.00 13.98
C LYS B 222 -11.56 -15.55 14.19
N ILE B 223 -10.51 -14.77 14.54
CA ILE B 223 -10.58 -13.33 14.72
C ILE B 223 -11.11 -12.71 13.41
N LEU B 224 -12.16 -11.91 13.57
CA LEU B 224 -12.89 -11.23 12.51
C LEU B 224 -12.05 -10.20 11.77
N PHE B 225 -11.38 -9.27 12.51
CA PHE B 225 -10.56 -8.23 11.89
C PHE B 225 -9.15 -8.35 12.39
N PRO B 226 -8.33 -9.22 11.76
CA PRO B 226 -6.98 -9.44 12.29
C PRO B 226 -5.90 -8.45 11.80
N GLY B 227 -5.99 -7.19 12.24
CA GLY B 227 -5.00 -6.15 11.89
C GLY B 227 -3.63 -6.50 12.40
N ARG B 228 -2.62 -6.22 11.61
CA ARG B 228 -1.23 -6.54 11.94
C ARG B 228 -0.58 -5.45 12.82
N ASP B 229 -1.25 -4.30 12.92
CA ASP B 229 -0.88 -3.14 13.74
C ASP B 229 -2.12 -2.21 13.86
N TYR B 230 -2.01 -1.14 14.63
CA TYR B 230 -3.12 -0.22 14.93
C TYR B 230 -3.66 0.53 13.70
N ILE B 231 -2.81 0.77 12.69
CA ILE B 231 -3.20 1.43 11.46
C ILE B 231 -3.78 0.37 10.49
N ASP B 232 -3.11 -0.80 10.35
CA ASP B 232 -3.59 -1.90 9.49
C ASP B 232 -4.97 -2.42 9.98
N GLN B 233 -5.27 -2.18 11.27
CA GLN B 233 -6.55 -2.52 11.84
C GLN B 233 -7.72 -1.84 11.08
N TRP B 234 -7.54 -0.56 10.63
CA TRP B 234 -8.57 0.15 9.88
C TRP B 234 -8.78 -0.50 8.48
N ASN B 235 -7.68 -0.98 7.87
CA ASN B 235 -7.71 -1.67 6.59
C ASN B 235 -8.54 -2.96 6.63
N LYS B 236 -8.49 -3.71 7.74
CA LYS B 236 -9.20 -4.98 7.88
C LYS B 236 -10.71 -4.78 7.94
N VAL B 237 -11.12 -3.69 8.58
CA VAL B 237 -12.51 -3.32 8.78
C VAL B 237 -13.15 -2.89 7.46
N ILE B 238 -12.48 -2.01 6.67
CA ILE B 238 -13.01 -1.45 5.44
C ILE B 238 -13.06 -2.47 4.37
N GLU B 239 -12.09 -3.40 4.35
CA GLU B 239 -12.06 -4.44 3.35
C GLU B 239 -13.29 -5.37 3.49
N GLN B 240 -13.62 -5.76 4.74
CA GLN B 240 -14.77 -6.61 5.01
C GLN B 240 -16.10 -5.84 4.95
N LEU B 241 -16.17 -4.66 5.59
CA LEU B 241 -17.42 -3.94 5.73
C LEU B 241 -17.72 -2.91 4.64
N GLY B 242 -16.67 -2.39 4.01
CA GLY B 242 -16.75 -1.39 2.97
C GLY B 242 -16.31 -0.04 3.48
N THR B 243 -15.84 0.83 2.57
CA THR B 243 -15.49 2.21 2.89
C THR B 243 -16.75 2.90 3.48
N PRO B 244 -16.63 3.60 4.64
CA PRO B 244 -17.81 4.26 5.23
C PRO B 244 -18.35 5.43 4.37
N CYS B 245 -19.61 5.83 4.65
CA CYS B 245 -20.34 6.90 3.98
C CYS B 245 -19.75 8.27 4.27
N PRO B 246 -20.00 9.23 3.37
CA PRO B 246 -19.48 10.61 3.55
C PRO B 246 -19.97 11.26 4.81
N GLU B 247 -21.20 10.95 5.22
CA GLU B 247 -21.70 11.55 6.44
C GLU B 247 -20.89 11.05 7.67
N PHE B 248 -20.33 9.85 7.64
CA PHE B 248 -19.42 9.42 8.69
C PHE B 248 -18.08 10.18 8.60
N MET B 249 -17.56 10.39 7.37
CA MET B 249 -16.30 11.08 7.07
C MET B 249 -16.25 12.49 7.66
N LYS B 250 -17.38 13.23 7.64
CA LYS B 250 -17.49 14.61 8.17
C LYS B 250 -17.37 14.63 9.70
N LYS B 251 -17.68 13.51 10.37
CA LYS B 251 -17.57 13.39 11.82
C LYS B 251 -16.10 13.18 12.27
N LEU B 252 -15.19 12.93 11.32
CA LEU B 252 -13.77 12.72 11.64
C LEU B 252 -13.02 14.04 11.81
N GLN B 253 -11.96 14.03 12.67
CA GLN B 253 -11.08 15.19 12.84
C GLN B 253 -10.34 15.43 11.51
N PRO B 254 -10.13 16.71 11.08
CA PRO B 254 -9.56 16.97 9.73
C PRO B 254 -8.32 16.15 9.33
N THR B 255 -7.37 15.93 10.26
CA THR B 255 -6.13 15.17 10.06
C THR B 255 -6.43 13.70 9.72
N VAL B 256 -7.26 13.05 10.55
CA VAL B 256 -7.67 11.65 10.44
C VAL B 256 -8.49 11.47 9.18
N ARG B 257 -9.35 12.45 8.90
CA ARG B 257 -10.25 12.41 7.77
C ARG B 257 -9.48 12.40 6.46
N THR B 258 -8.40 13.14 6.37
CA THR B 258 -7.60 13.17 5.16
C THR B 258 -7.00 11.79 4.92
N TYR B 259 -6.51 11.12 5.95
CA TYR B 259 -5.98 9.78 5.77
C TYR B 259 -7.06 8.76 5.40
N VAL B 260 -8.25 8.81 5.99
CA VAL B 260 -9.31 7.87 5.71
C VAL B 260 -9.86 8.04 4.29
N GLU B 261 -9.96 9.28 3.83
CA GLU B 261 -10.44 9.55 2.47
C GLU B 261 -9.38 9.18 1.41
N ASN B 262 -8.08 9.13 1.79
CA ASN B 262 -6.96 8.83 0.89
C ASN B 262 -6.75 7.32 0.71
N ARG B 263 -7.42 6.51 1.53
CA ARG B 263 -7.34 5.06 1.48
C ARG B 263 -7.97 4.55 0.18
N PRO B 264 -7.54 3.36 -0.34
CA PRO B 264 -8.26 2.78 -1.50
C PRO B 264 -9.70 2.55 -1.08
N LYS B 265 -10.62 2.58 -2.04
CA LYS B 265 -12.03 2.40 -1.81
C LYS B 265 -12.39 0.93 -1.82
N TYR B 266 -13.23 0.50 -0.88
CA TYR B 266 -13.71 -0.87 -0.80
C TYR B 266 -15.19 -0.91 -0.81
N ALA B 267 -15.74 -1.84 -1.56
CA ALA B 267 -17.18 -2.06 -1.61
C ALA B 267 -17.61 -2.88 -0.35
N GLY B 268 -16.73 -3.76 0.12
CA GLY B 268 -17.00 -4.65 1.24
C GLY B 268 -17.81 -5.85 0.81
N TYR B 269 -18.18 -6.73 1.76
CA TYR B 269 -18.95 -7.94 1.40
C TYR B 269 -20.28 -7.96 2.12
N SER B 270 -21.29 -8.63 1.53
CA SER B 270 -22.60 -8.79 2.19
C SER B 270 -22.45 -9.67 3.45
N PHE B 271 -23.39 -9.58 4.38
CA PHE B 271 -23.31 -10.36 5.60
C PHE B 271 -23.53 -11.85 5.34
N GLU B 272 -24.19 -12.14 4.22
CA GLU B 272 -24.47 -13.47 3.70
C GLU B 272 -23.15 -14.11 3.23
N LYS B 273 -22.23 -13.32 2.65
CA LYS B 273 -20.92 -13.78 2.16
C LYS B 273 -19.90 -13.81 3.28
N LEU B 274 -20.01 -12.87 4.23
CA LEU B 274 -19.15 -12.82 5.41
C LEU B 274 -19.46 -13.97 6.36
N PHE B 275 -20.76 -14.28 6.47
CA PHE B 275 -21.24 -15.33 7.37
C PHE B 275 -22.22 -16.25 6.65
N PRO B 276 -21.70 -17.21 5.84
CA PRO B 276 -22.62 -18.18 5.16
C PRO B 276 -23.32 -19.07 6.18
N ASP B 277 -24.46 -19.68 5.78
CA ASP B 277 -25.31 -20.53 6.63
C ASP B 277 -24.54 -21.68 7.33
N VAL B 278 -23.62 -22.35 6.62
CA VAL B 278 -22.83 -23.50 7.10
C VAL B 278 -21.93 -23.11 8.31
N LEU B 279 -21.69 -21.81 8.55
CA LEU B 279 -20.86 -21.39 9.67
C LEU B 279 -21.66 -21.30 10.96
N PHE B 280 -22.98 -21.10 10.84
CA PHE B 280 -23.92 -20.99 11.94
C PHE B 280 -24.40 -22.34 12.42
N PRO B 281 -24.90 -22.49 13.67
CA PRO B 281 -25.49 -23.78 14.07
C PRO B 281 -26.65 -24.17 13.13
N ALA B 282 -26.86 -25.47 12.95
CA ALA B 282 -27.94 -26.00 12.11
C ALA B 282 -29.33 -25.56 12.63
N ASP B 283 -30.23 -25.17 11.70
CA ASP B 283 -31.60 -24.74 12.02
C ASP B 283 -32.49 -25.98 12.26
N SER B 284 -33.71 -25.75 12.82
CA SER B 284 -34.70 -26.77 13.12
C SER B 284 -36.11 -26.27 12.80
N LEU B 289 -35.09 -19.88 16.77
CA LEU B 289 -33.70 -19.44 16.60
C LEU B 289 -33.12 -19.95 15.27
N LYS B 290 -32.73 -19.01 14.37
CA LYS B 290 -32.20 -19.29 13.01
C LYS B 290 -30.90 -18.54 12.69
N ALA B 291 -30.17 -19.03 11.67
CA ALA B 291 -28.94 -18.44 11.14
C ALA B 291 -29.19 -17.02 10.58
N SER B 292 -30.36 -16.81 9.90
CA SER B 292 -30.75 -15.51 9.35
C SER B 292 -30.94 -14.44 10.45
N GLN B 293 -31.48 -14.83 11.61
CA GLN B 293 -31.66 -13.92 12.76
C GLN B 293 -30.33 -13.53 13.40
N ALA B 294 -29.43 -14.51 13.52
CA ALA B 294 -28.09 -14.36 14.06
C ALA B 294 -27.27 -13.42 13.15
N ARG B 295 -27.35 -13.64 11.80
CA ARG B 295 -26.70 -12.81 10.79
C ARG B 295 -27.22 -11.40 10.86
N ASP B 296 -28.55 -11.26 11.03
CA ASP B 296 -29.23 -9.96 11.13
C ASP B 296 -28.74 -9.15 12.34
N LEU B 297 -28.60 -9.79 13.51
CA LEU B 297 -28.09 -9.14 14.71
C LEU B 297 -26.62 -8.71 14.50
N LEU B 298 -25.80 -9.56 13.85
CA LEU B 298 -24.41 -9.26 13.50
C LEU B 298 -24.31 -8.05 12.56
N SER B 299 -25.18 -7.99 11.54
CA SER B 299 -25.20 -6.91 10.56
C SER B 299 -25.55 -5.55 11.21
N LYS B 300 -26.14 -5.57 12.41
CA LYS B 300 -26.55 -4.39 13.17
C LYS B 300 -25.51 -3.95 14.22
N MET B 301 -24.60 -4.84 14.63
CA MET B 301 -23.55 -4.51 15.63
C MET B 301 -22.27 -4.13 14.89
N LEU B 302 -22.04 -4.77 13.74
CA LEU B 302 -20.86 -4.48 12.97
C LEU B 302 -21.20 -3.39 11.95
N VAL B 303 -21.42 -2.18 12.49
CA VAL B 303 -21.75 -0.95 11.77
C VAL B 303 -20.65 0.05 12.15
N ILE B 304 -19.95 0.60 11.14
CA ILE B 304 -18.85 1.55 11.31
C ILE B 304 -19.36 2.81 12.01
N ASP B 305 -20.42 3.44 11.47
CA ASP B 305 -20.98 4.65 12.06
C ASP B 305 -21.77 4.27 13.33
N ALA B 306 -21.26 4.67 14.50
CA ALA B 306 -21.83 4.38 15.82
C ALA B 306 -23.29 4.89 15.98
N SER B 307 -23.64 6.05 15.36
CA SER B 307 -24.99 6.62 15.46
C SER B 307 -26.02 5.72 14.72
N LYS B 308 -25.53 4.79 13.86
CA LYS B 308 -26.32 3.81 13.10
C LYS B 308 -26.22 2.38 13.70
N ARG B 309 -25.41 2.20 14.74
CA ARG B 309 -25.21 0.91 15.39
C ARG B 309 -26.26 0.68 16.47
N ILE B 310 -26.72 -0.58 16.61
CA ILE B 310 -27.73 -1.03 17.58
C ILE B 310 -27.30 -0.70 19.02
N SER B 311 -28.28 -0.38 19.86
CA SER B 311 -28.07 -0.11 21.28
C SER B 311 -28.15 -1.42 22.04
N VAL B 312 -27.70 -1.46 23.31
CA VAL B 312 -27.78 -2.67 24.14
C VAL B 312 -29.27 -3.10 24.31
N ASP B 313 -30.21 -2.13 24.45
CA ASP B 313 -31.65 -2.40 24.61
C ASP B 313 -32.30 -2.94 23.35
N GLU B 314 -31.97 -2.40 22.14
CA GLU B 314 -32.53 -2.97 20.91
C GLU B 314 -32.02 -4.40 20.69
N ALA B 315 -30.74 -4.65 21.07
CA ALA B 315 -30.09 -5.95 20.94
C ALA B 315 -30.76 -6.98 21.82
N LEU B 316 -31.15 -6.61 23.06
CA LEU B 316 -31.85 -7.52 23.98
C LEU B 316 -33.27 -7.86 23.47
N GLN B 317 -33.89 -6.95 22.69
CA GLN B 317 -35.23 -7.08 22.12
C GLN B 317 -35.20 -7.77 20.75
N HIS B 318 -34.00 -8.10 20.24
CA HIS B 318 -33.82 -8.75 18.94
C HIS B 318 -34.38 -10.17 18.99
N PRO B 319 -35.11 -10.65 17.96
CA PRO B 319 -35.66 -12.03 18.00
C PRO B 319 -34.65 -13.15 18.27
N TYR B 320 -33.34 -12.92 18.03
CA TYR B 320 -32.35 -13.97 18.30
C TYR B 320 -32.01 -13.99 19.79
N ILE B 321 -32.23 -12.86 20.51
CA ILE B 321 -31.90 -12.74 21.92
C ILE B 321 -33.17 -12.81 22.83
N ASN B 322 -34.24 -12.08 22.45
CA ASN B 322 -35.53 -11.90 23.15
C ASN B 322 -36.12 -13.15 23.81
N VAL B 323 -35.99 -14.34 23.17
CA VAL B 323 -36.51 -15.64 23.65
C VAL B 323 -36.19 -15.89 25.17
N TRP B 324 -35.04 -15.40 25.67
CA TRP B 324 -34.56 -15.53 27.04
C TRP B 324 -34.96 -14.38 27.96
N TYR B 325 -35.51 -13.27 27.40
CA TYR B 325 -35.83 -12.07 28.17
C TYR B 325 -36.53 -12.37 29.49
N ASP B 326 -35.94 -11.84 30.57
CA ASP B 326 -36.41 -11.93 31.94
C ASP B 326 -36.18 -10.57 32.61
N PRO B 327 -37.28 -9.84 32.99
CA PRO B 327 -37.12 -8.52 33.64
C PRO B 327 -36.24 -8.49 34.90
N SER B 328 -36.09 -9.62 35.62
CA SER B 328 -35.22 -9.65 36.80
C SER B 328 -33.74 -9.58 36.38
N GLU B 329 -33.41 -10.19 35.22
CA GLU B 329 -32.07 -10.26 34.63
C GLU B 329 -31.70 -8.99 33.82
N ALA B 330 -32.62 -8.54 32.93
CA ALA B 330 -32.43 -7.43 32.01
C ALA B 330 -32.92 -6.05 32.50
N GLU B 331 -33.70 -5.97 33.60
CA GLU B 331 -34.23 -4.68 34.08
C GLU B 331 -33.86 -4.37 35.55
N ALA B 332 -32.78 -5.00 36.07
CA ALA B 332 -32.28 -4.82 37.44
C ALA B 332 -31.92 -3.34 37.75
N PRO B 333 -31.99 -2.86 39.02
CA PRO B 333 -31.63 -1.44 39.30
C PRO B 333 -30.16 -1.12 38.95
N PRO B 334 -29.85 0.10 38.46
CA PRO B 334 -28.46 0.40 38.08
C PRO B 334 -27.49 0.49 39.27
N PRO B 335 -26.17 0.26 39.08
CA PRO B 335 -25.25 0.41 40.22
C PRO B 335 -25.10 1.88 40.65
N LYS B 336 -24.96 2.13 41.97
CA LYS B 336 -24.78 3.47 42.52
C LYS B 336 -23.29 3.75 42.63
N ILE B 337 -22.83 4.89 42.12
CA ILE B 337 -21.41 5.28 42.12
C ILE B 337 -21.22 6.61 42.91
N PRO B 338 -20.19 6.73 43.80
CA PRO B 338 -20.01 7.98 44.56
C PRO B 338 -19.54 9.16 43.68
N LYS B 353 -2.49 6.08 44.91
CA LYS B 353 -1.47 5.91 45.94
C LYS B 353 -2.11 5.98 47.33
N GLU B 354 -2.78 7.12 47.60
CA GLU B 354 -3.48 7.46 48.84
C GLU B 354 -4.97 7.04 48.75
N LEU B 355 -5.53 7.20 47.54
CA LEU B 355 -6.91 6.94 47.13
C LEU B 355 -7.23 5.45 47.16
N ILE B 356 -6.24 4.61 46.80
CA ILE B 356 -6.34 3.15 46.73
C ILE B 356 -6.53 2.57 48.16
N TYR B 357 -5.63 2.93 49.10
CA TYR B 357 -5.61 2.46 50.48
C TYR B 357 -6.96 2.65 51.21
N LYS B 358 -7.68 3.76 50.95
CA LYS B 358 -8.97 4.08 51.56
C LYS B 358 -10.05 3.04 51.21
N GLU B 359 -10.12 2.64 49.92
CA GLU B 359 -11.11 1.69 49.36
C GLU B 359 -10.90 0.26 49.88
N VAL B 360 -9.63 -0.16 50.08
CA VAL B 360 -9.25 -1.50 50.55
C VAL B 360 -9.72 -1.71 52.03
N MET B 361 -9.71 -0.62 52.85
CA MET B 361 -10.08 -0.67 54.27
C MET B 361 -11.58 -1.02 54.49
N ASP B 362 -12.46 -0.60 53.57
CA ASP B 362 -13.89 -0.94 53.64
C ASP B 362 -14.30 -1.74 52.39
N ASN C 8 -34.89 -34.00 -40.99
CA ASN C 8 -33.57 -34.18 -40.40
C ASN C 8 -33.66 -34.77 -38.97
N ASN C 9 -32.51 -35.24 -38.46
CA ASN C 9 -32.38 -35.89 -37.14
C ASN C 9 -32.08 -34.88 -36.00
N PHE C 10 -32.37 -33.59 -36.23
CA PHE C 10 -32.14 -32.50 -35.28
C PHE C 10 -33.38 -31.63 -35.01
N TYR C 11 -33.52 -31.12 -33.76
CA TYR C 11 -34.56 -30.17 -33.33
C TYR C 11 -33.92 -29.07 -32.47
N SER C 12 -34.42 -27.82 -32.60
CA SER C 12 -33.94 -26.66 -31.88
C SER C 12 -34.80 -26.35 -30.65
N VAL C 13 -34.15 -25.95 -29.54
CA VAL C 13 -34.82 -25.59 -28.29
C VAL C 13 -34.05 -24.41 -27.66
N GLU C 14 -34.78 -23.35 -27.31
CA GLU C 14 -34.18 -22.16 -26.71
C GLU C 14 -33.96 -22.36 -25.23
N ILE C 15 -32.71 -22.17 -24.82
CA ILE C 15 -32.23 -22.25 -23.45
C ILE C 15 -31.56 -20.91 -23.20
N GLY C 16 -32.33 -19.97 -22.64
CA GLY C 16 -31.90 -18.60 -22.41
C GLY C 16 -31.74 -17.89 -23.74
N ASP C 17 -30.56 -17.30 -23.97
CA ASP C 17 -30.26 -16.65 -25.24
C ASP C 17 -29.83 -17.68 -26.28
N SER C 18 -29.27 -18.81 -25.82
CA SER C 18 -28.75 -19.86 -26.67
C SER C 18 -29.85 -20.77 -27.23
N THR C 19 -29.62 -21.24 -28.47
CA THR C 19 -30.45 -22.16 -29.22
C THR C 19 -29.68 -23.48 -29.31
N PHE C 20 -30.29 -24.57 -28.81
CA PHE C 20 -29.66 -25.88 -28.83
C PHE C 20 -30.23 -26.73 -29.94
N THR C 21 -29.49 -26.90 -31.05
CA THR C 21 -29.94 -27.78 -32.13
C THR C 21 -29.28 -29.12 -31.83
N VAL C 22 -30.06 -30.02 -31.25
CA VAL C 22 -29.57 -31.32 -30.78
C VAL C 22 -30.26 -32.47 -31.51
N LEU C 23 -29.71 -33.68 -31.34
CA LEU C 23 -30.28 -34.92 -31.88
C LEU C 23 -31.55 -35.25 -31.10
N LYS C 24 -32.59 -35.71 -31.83
CA LYS C 24 -33.91 -36.03 -31.27
C LYS C 24 -33.87 -37.04 -30.11
N ARG C 25 -32.73 -37.76 -29.94
CA ARG C 25 -32.49 -38.73 -28.85
C ARG C 25 -32.39 -38.02 -27.49
N TYR C 26 -31.92 -36.76 -27.52
CA TYR C 26 -31.72 -35.86 -26.37
C TYR C 26 -33.03 -35.09 -26.16
N GLN C 27 -33.70 -35.38 -25.05
CA GLN C 27 -35.00 -34.81 -24.70
C GLN C 27 -34.98 -34.16 -23.34
N ASN C 28 -36.02 -33.34 -23.04
CA ASN C 28 -36.24 -32.68 -21.76
C ASN C 28 -34.99 -31.86 -21.31
N LEU C 29 -34.42 -31.09 -22.25
CA LEU C 29 -33.27 -30.24 -22.00
C LEU C 29 -33.60 -29.20 -20.91
N LYS C 30 -32.75 -29.16 -19.88
CA LYS C 30 -32.90 -28.29 -18.72
C LYS C 30 -31.55 -27.66 -18.40
N PRO C 31 -31.42 -26.31 -18.31
CA PRO C 31 -30.12 -25.72 -17.98
C PRO C 31 -29.71 -26.12 -16.55
N ILE C 32 -28.43 -26.51 -16.38
CA ILE C 32 -27.88 -26.96 -15.09
C ILE C 32 -26.64 -26.12 -14.67
N GLY C 33 -26.05 -25.40 -15.63
CA GLY C 33 -24.89 -24.56 -15.40
C GLY C 33 -24.48 -23.70 -16.58
N SER C 34 -23.47 -22.85 -16.37
CA SER C 34 -22.92 -21.93 -17.38
C SER C 34 -21.48 -21.52 -17.03
N GLY C 35 -20.77 -21.00 -18.03
CA GLY C 35 -19.39 -20.55 -17.92
C GLY C 35 -18.93 -19.82 -19.17
N GLN C 37 -17.39 -20.67 -21.99
CA GLN C 37 -17.57 -21.39 -23.26
C GLN C 37 -19.07 -21.48 -23.65
N GLY C 38 -19.96 -21.34 -22.67
CA GLY C 38 -21.41 -21.37 -22.87
C GLY C 38 -22.22 -22.08 -21.81
N ILE C 39 -23.54 -22.15 -22.03
CA ILE C 39 -24.49 -22.80 -21.12
C ILE C 39 -24.41 -24.34 -21.30
N VAL C 40 -24.72 -25.07 -20.20
CA VAL C 40 -24.72 -26.54 -20.10
C VAL C 40 -26.15 -26.99 -19.76
N CYS C 41 -26.59 -28.04 -20.41
CA CYS C 41 -27.93 -28.59 -20.21
C CYS C 41 -27.89 -30.01 -19.73
N ALA C 42 -28.88 -30.39 -18.94
CA ALA C 42 -29.17 -31.77 -18.61
C ALA C 42 -30.21 -32.24 -19.62
N ALA C 43 -30.20 -33.52 -19.97
CA ALA C 43 -31.14 -34.13 -20.92
C ALA C 43 -31.27 -35.62 -20.66
N TYR C 44 -32.26 -36.24 -21.30
CA TYR C 44 -32.46 -37.67 -21.31
C TYR C 44 -32.11 -38.17 -22.68
N ASP C 45 -31.21 -39.15 -22.73
CA ASP C 45 -30.80 -39.81 -23.97
C ASP C 45 -31.70 -41.03 -24.13
N ALA C 46 -32.63 -41.00 -25.10
CA ALA C 46 -33.58 -42.08 -25.37
C ALA C 46 -32.88 -43.38 -25.84
N ILE C 47 -31.81 -43.25 -26.67
CA ILE C 47 -31.05 -44.39 -27.21
C ILE C 47 -30.25 -45.11 -26.08
N LEU C 48 -29.48 -44.36 -25.25
CA LEU C 48 -28.71 -44.95 -24.14
C LEU C 48 -29.58 -45.22 -22.91
N GLU C 49 -30.79 -44.61 -22.87
CA GLU C 49 -31.77 -44.70 -21.79
C GLU C 49 -31.14 -44.24 -20.45
N ARG C 50 -30.54 -43.03 -20.50
CA ARG C 50 -29.85 -42.42 -19.37
C ARG C 50 -29.82 -40.90 -19.48
N ASN C 51 -29.57 -40.23 -18.34
CA ASN C 51 -29.42 -38.78 -18.26
C ASN C 51 -28.02 -38.39 -18.73
N VAL C 52 -27.92 -37.27 -19.44
CA VAL C 52 -26.66 -36.77 -20.01
C VAL C 52 -26.52 -35.25 -19.76
N ALA C 53 -25.32 -34.73 -19.98
CA ALA C 53 -25.03 -33.30 -19.93
C ALA C 53 -24.64 -32.87 -21.32
N ILE C 54 -25.18 -31.73 -21.82
CA ILE C 54 -24.86 -31.22 -23.16
C ILE C 54 -24.30 -29.79 -23.05
N LYS C 55 -23.04 -29.63 -23.52
CA LYS C 55 -22.31 -28.37 -23.56
C LYS C 55 -22.23 -27.90 -24.99
N LYS C 56 -22.62 -26.65 -25.21
CA LYS C 56 -22.54 -26.05 -26.54
C LYS C 56 -21.32 -25.13 -26.60
N LEU C 57 -20.51 -25.30 -27.67
CA LEU C 57 -19.38 -24.45 -28.04
C LEU C 57 -19.83 -23.66 -29.27
N SER C 58 -20.21 -22.37 -29.07
CA SER C 58 -20.71 -21.51 -30.15
C SER C 58 -19.55 -20.85 -30.89
N ARG C 59 -19.43 -21.14 -32.21
CA ARG C 59 -18.36 -20.66 -33.09
C ARG C 59 -17.00 -20.77 -32.35
N PRO C 60 -16.51 -21.99 -32.04
CA PRO C 60 -15.27 -22.11 -31.26
C PRO C 60 -14.05 -21.56 -31.99
N PHE C 61 -14.10 -21.49 -33.34
CA PHE C 61 -13.06 -20.99 -34.23
C PHE C 61 -13.05 -19.44 -34.38
N GLN C 62 -14.13 -18.73 -33.94
CA GLN C 62 -14.30 -17.26 -34.00
C GLN C 62 -13.05 -16.52 -33.44
N ASN C 63 -12.50 -17.02 -32.32
CA ASN C 63 -11.29 -16.53 -31.67
C ASN C 63 -10.23 -17.64 -31.73
N GLN C 64 -8.95 -17.29 -31.93
CA GLN C 64 -7.86 -18.28 -32.02
C GLN C 64 -7.51 -18.88 -30.64
N THR C 65 -7.85 -18.18 -29.52
CA THR C 65 -7.62 -18.69 -28.16
C THR C 65 -8.72 -19.68 -27.82
N HIS C 66 -9.96 -19.39 -28.29
CA HIS C 66 -11.14 -20.23 -28.09
C HIS C 66 -11.02 -21.52 -28.91
N ALA C 67 -10.30 -21.46 -30.05
CA ALA C 67 -10.08 -22.58 -30.98
C ALA C 67 -9.09 -23.58 -30.40
N LYS C 68 -7.99 -23.08 -29.79
CA LYS C 68 -6.96 -23.89 -29.13
C LYS C 68 -7.59 -24.58 -27.91
N ARG C 69 -8.52 -23.88 -27.23
CA ARG C 69 -9.30 -24.32 -26.07
C ARG C 69 -10.24 -25.46 -26.48
N ALA C 70 -10.90 -25.30 -27.64
CA ALA C 70 -11.85 -26.27 -28.21
C ALA C 70 -11.12 -27.53 -28.67
N TYR C 71 -10.03 -27.36 -29.45
CA TYR C 71 -9.20 -28.46 -29.97
C TYR C 71 -8.72 -29.34 -28.82
N ARG C 72 -8.12 -28.72 -27.78
CA ARG C 72 -7.60 -29.39 -26.58
C ARG C 72 -8.71 -30.16 -25.85
N GLU C 73 -9.87 -29.51 -25.63
CA GLU C 73 -11.04 -30.12 -24.99
C GLU C 73 -11.47 -31.40 -25.74
N LEU C 74 -11.58 -31.32 -27.09
CA LEU C 74 -12.00 -32.43 -27.95
C LEU C 74 -10.95 -33.55 -27.98
N VAL C 75 -9.67 -33.20 -28.22
CA VAL C 75 -8.53 -34.13 -28.29
C VAL C 75 -8.37 -34.89 -26.96
N LEU C 76 -8.37 -34.18 -25.82
CA LEU C 76 -8.19 -34.78 -24.49
C LEU C 76 -9.39 -35.60 -24.02
N MET C 77 -10.64 -35.14 -24.24
CA MET C 77 -11.86 -35.91 -23.84
C MET C 77 -11.96 -37.23 -24.62
N LYS C 78 -11.37 -37.28 -25.83
CA LYS C 78 -11.29 -38.44 -26.72
C LYS C 78 -10.23 -39.45 -26.25
N CYS C 79 -9.07 -38.94 -25.78
CA CYS C 79 -7.90 -39.75 -25.37
C CYS C 79 -7.91 -40.19 -23.91
N VAL C 80 -8.52 -39.41 -22.99
CA VAL C 80 -8.53 -39.74 -21.56
C VAL C 80 -9.71 -40.65 -21.23
N ASN C 81 -9.50 -41.59 -20.28
CA ASN C 81 -10.50 -42.56 -19.85
C ASN C 81 -10.24 -42.99 -18.39
N HIS C 82 -10.88 -42.28 -17.44
CA HIS C 82 -10.75 -42.54 -16.00
C HIS C 82 -12.06 -42.28 -15.30
N LYS C 83 -12.32 -42.99 -14.21
CA LYS C 83 -13.53 -42.89 -13.39
C LYS C 83 -13.67 -41.51 -12.70
N ASN C 84 -12.55 -40.76 -12.56
CA ASN C 84 -12.54 -39.46 -11.89
C ASN C 84 -12.32 -38.27 -12.87
N ILE C 85 -12.62 -38.51 -14.16
CA ILE C 85 -12.55 -37.57 -15.28
C ILE C 85 -13.89 -37.68 -15.98
N ILE C 86 -14.46 -36.55 -16.44
CA ILE C 86 -15.77 -36.56 -17.08
C ILE C 86 -15.73 -37.36 -18.40
N GLY C 87 -16.63 -38.34 -18.46
CA GLY C 87 -16.76 -39.23 -19.60
C GLY C 87 -17.47 -38.62 -20.77
N LEU C 88 -16.83 -38.68 -21.96
CA LEU C 88 -17.39 -38.24 -23.22
C LEU C 88 -18.35 -39.31 -23.77
N LEU C 89 -19.62 -38.94 -24.05
CA LEU C 89 -20.62 -39.90 -24.54
C LEU C 89 -20.87 -39.74 -26.01
N ASN C 90 -20.88 -38.50 -26.52
CA ASN C 90 -21.09 -38.17 -27.92
C ASN C 90 -20.56 -36.76 -28.20
N VAL C 91 -20.30 -36.45 -29.47
CA VAL C 91 -19.86 -35.14 -30.00
C VAL C 91 -20.51 -35.00 -31.37
N PHE C 92 -21.21 -33.88 -31.59
CA PHE C 92 -21.88 -33.67 -32.87
C PHE C 92 -21.95 -32.21 -33.26
N THR C 93 -22.43 -31.96 -34.47
CA THR C 93 -22.67 -30.66 -35.05
C THR C 93 -23.98 -30.72 -35.86
N PRO C 94 -24.91 -29.76 -35.67
CA PRO C 94 -26.16 -29.79 -36.44
C PRO C 94 -25.95 -29.41 -37.91
N GLN C 95 -24.88 -28.64 -38.19
CA GLN C 95 -24.48 -28.17 -39.52
C GLN C 95 -24.03 -29.35 -40.39
N LYS C 96 -24.54 -29.39 -41.64
CA LYS C 96 -24.35 -30.47 -42.60
C LYS C 96 -22.97 -30.49 -43.30
N SER C 97 -22.35 -29.31 -43.53
CA SER C 97 -21.07 -29.28 -44.23
C SER C 97 -20.01 -28.39 -43.55
N LEU C 98 -18.79 -28.44 -44.10
CA LEU C 98 -17.59 -27.69 -43.75
C LEU C 98 -17.81 -26.17 -43.86
N GLU C 99 -18.55 -25.75 -44.91
CA GLU C 99 -18.89 -24.38 -45.26
C GLU C 99 -19.79 -23.74 -44.18
N GLU C 100 -20.93 -24.38 -43.90
CA GLU C 100 -21.94 -23.91 -42.96
C GLU C 100 -21.64 -24.27 -41.48
N PHE C 101 -20.48 -24.91 -41.18
CA PHE C 101 -20.09 -25.31 -39.82
C PHE C 101 -20.01 -24.10 -38.88
N GLN C 102 -20.71 -24.20 -37.71
CA GLN C 102 -20.75 -23.12 -36.73
C GLN C 102 -20.50 -23.59 -35.29
N ASP C 103 -21.29 -24.58 -34.80
CA ASP C 103 -21.25 -24.99 -33.40
C ASP C 103 -20.90 -26.46 -33.16
N VAL C 104 -20.27 -26.72 -31.99
CA VAL C 104 -19.92 -28.07 -31.51
C VAL C 104 -20.68 -28.35 -30.23
N TYR C 105 -21.31 -29.53 -30.17
CA TYR C 105 -22.06 -30.00 -29.02
C TYR C 105 -21.31 -31.18 -28.40
N ILE C 106 -21.00 -31.09 -27.09
CA ILE C 106 -20.31 -32.13 -26.36
C ILE C 106 -21.30 -32.76 -25.39
N VAL C 107 -21.54 -34.07 -25.53
CA VAL C 107 -22.42 -34.85 -24.67
C VAL C 107 -21.54 -35.62 -23.68
N MET C 108 -21.82 -35.47 -22.37
CA MET C 108 -21.09 -36.08 -21.26
C MET C 108 -21.99 -36.79 -20.27
N GLU C 109 -21.35 -37.47 -19.29
CA GLU C 109 -22.05 -38.07 -18.14
C GLU C 109 -22.67 -36.93 -17.32
N LEU C 110 -23.79 -37.18 -16.66
CA LEU C 110 -24.42 -36.16 -15.85
C LEU C 110 -24.16 -36.41 -14.38
N MET C 111 -23.56 -35.41 -13.73
CA MET C 111 -23.28 -35.40 -12.29
C MET C 111 -24.36 -34.52 -11.59
N ASP C 112 -24.52 -34.64 -10.29
CA ASP C 112 -25.62 -33.95 -9.64
C ASP C 112 -25.34 -32.52 -9.21
N ALA C 113 -24.07 -32.16 -8.98
CA ALA C 113 -23.71 -30.82 -8.48
C ALA C 113 -22.24 -30.48 -8.70
N ASN C 114 -21.92 -29.19 -8.46
CA ASN C 114 -20.59 -28.60 -8.38
C ASN C 114 -20.03 -28.86 -7.04
N LEU C 115 -18.72 -28.72 -6.87
CA LEU C 115 -18.13 -28.79 -5.54
C LEU C 115 -18.44 -27.49 -4.72
N CYS C 116 -19.00 -26.42 -5.34
CA CYS C 116 -19.43 -25.18 -4.66
C CYS C 116 -20.50 -25.51 -3.63
N GLN C 117 -21.43 -26.44 -3.98
CA GLN C 117 -22.49 -26.93 -3.10
C GLN C 117 -21.92 -27.71 -1.90
N VAL C 118 -20.82 -28.46 -2.12
CA VAL C 118 -20.13 -29.30 -1.13
C VAL C 118 -19.42 -28.39 -0.09
N ILE C 119 -18.93 -27.22 -0.52
CA ILE C 119 -18.21 -26.24 0.31
C ILE C 119 -19.17 -25.62 1.33
N GLN C 120 -20.47 -25.58 0.99
CA GLN C 120 -21.56 -25.04 1.80
C GLN C 120 -22.14 -26.11 2.72
N MET C 121 -21.55 -27.30 2.73
CA MET C 121 -21.97 -28.42 3.55
C MET C 121 -20.96 -28.75 4.63
N GLU C 122 -21.42 -29.34 5.73
CA GLU C 122 -20.54 -29.81 6.79
C GLU C 122 -20.30 -31.31 6.55
N LEU C 123 -19.07 -31.66 6.23
CA LEU C 123 -18.69 -33.04 5.94
C LEU C 123 -18.06 -33.71 7.14
N ASP C 124 -17.94 -35.04 7.10
CA ASP C 124 -17.20 -35.79 8.09
C ASP C 124 -15.88 -36.16 7.42
N HIS C 125 -14.94 -36.78 8.16
CA HIS C 125 -13.63 -37.12 7.63
C HIS C 125 -13.71 -38.10 6.48
N GLU C 126 -14.67 -39.04 6.49
CA GLU C 126 -14.84 -40.07 5.45
C GLU C 126 -15.12 -39.43 4.11
N ARG C 127 -16.10 -38.51 4.06
CA ARG C 127 -16.54 -37.79 2.85
C ARG C 127 -15.44 -36.89 2.30
N MET C 128 -14.78 -36.08 3.16
CA MET C 128 -13.73 -35.14 2.76
C MET C 128 -12.53 -35.88 2.16
N SER C 129 -12.07 -36.89 2.88
CA SER C 129 -10.99 -37.79 2.54
C SER C 129 -11.23 -38.48 1.20
N TYR C 130 -12.46 -39.03 1.03
CA TYR C 130 -12.84 -39.74 -0.17
C TYR C 130 -12.89 -38.77 -1.38
N LEU C 131 -13.44 -37.55 -1.21
CA LEU C 131 -13.51 -36.55 -2.31
C LEU C 131 -12.09 -36.12 -2.78
N LEU C 132 -11.19 -35.87 -1.82
CA LEU C 132 -9.81 -35.48 -2.08
C LEU C 132 -9.03 -36.59 -2.79
N TYR C 133 -9.23 -37.86 -2.35
CA TYR C 133 -8.63 -39.05 -2.93
C TYR C 133 -8.98 -39.13 -4.43
N GLN C 134 -10.28 -38.99 -4.74
CA GLN C 134 -10.83 -39.03 -6.10
C GLN C 134 -10.26 -37.90 -6.93
N MET C 135 -10.16 -36.69 -6.34
CA MET C 135 -9.55 -35.53 -6.98
C MET C 135 -8.12 -35.87 -7.40
N LEU C 136 -7.31 -36.41 -6.47
CA LEU C 136 -5.92 -36.81 -6.68
C LEU C 136 -5.76 -37.92 -7.72
N CYS C 137 -6.66 -38.93 -7.75
CA CYS C 137 -6.67 -40.01 -8.73
C CYS C 137 -6.86 -39.46 -10.16
N GLY C 138 -7.80 -38.51 -10.30
CA GLY C 138 -8.08 -37.85 -11.57
C GLY C 138 -6.91 -37.05 -12.10
N ILE C 139 -6.19 -36.34 -11.20
CA ILE C 139 -5.02 -35.52 -11.46
C ILE C 139 -3.83 -36.42 -11.82
N LYS C 140 -3.64 -37.52 -11.06
CA LYS C 140 -2.58 -38.51 -11.33
C LYS C 140 -2.74 -39.03 -12.76
N HIS C 141 -3.97 -39.36 -13.17
CA HIS C 141 -4.24 -39.85 -14.52
C HIS C 141 -3.79 -38.83 -15.56
N LEU C 142 -4.15 -37.54 -15.37
CA LEU C 142 -3.74 -36.48 -16.29
C LEU C 142 -2.21 -36.30 -16.28
N HIS C 143 -1.59 -36.31 -15.10
CA HIS C 143 -0.14 -36.13 -14.96
C HIS C 143 0.65 -37.32 -15.51
N SER C 144 0.08 -38.56 -15.47
CA SER C 144 0.74 -39.79 -15.98
C SER C 144 0.95 -39.71 -17.49
N ALA C 145 0.13 -38.88 -18.17
CA ALA C 145 0.26 -38.59 -19.59
C ALA C 145 0.92 -37.23 -19.81
N GLY C 146 1.53 -36.68 -18.75
CA GLY C 146 2.16 -35.37 -18.77
C GLY C 146 1.23 -34.18 -19.00
N ILE C 147 -0.08 -34.31 -18.63
CA ILE C 147 -1.06 -33.23 -18.80
C ILE C 147 -1.31 -32.54 -17.45
N ILE C 148 -1.19 -31.22 -17.45
CA ILE C 148 -1.44 -30.36 -16.29
C ILE C 148 -2.79 -29.70 -16.53
N HIS C 149 -3.76 -29.85 -15.58
CA HIS C 149 -5.10 -29.29 -15.71
C HIS C 149 -5.07 -27.77 -15.70
N ARG C 150 -4.33 -27.17 -14.73
CA ARG C 150 -4.08 -25.73 -14.56
C ARG C 150 -5.29 -24.90 -14.06
N ASP C 151 -6.54 -25.41 -14.15
CA ASP C 151 -7.70 -24.63 -13.74
C ASP C 151 -8.62 -25.39 -12.78
N LEU C 152 -8.03 -26.15 -11.86
CA LEU C 152 -8.80 -26.86 -10.85
C LEU C 152 -9.37 -25.83 -9.89
N LYS C 153 -10.69 -25.87 -9.73
CA LYS C 153 -11.48 -24.97 -8.90
C LYS C 153 -12.83 -25.62 -8.65
N PRO C 154 -13.61 -25.17 -7.64
CA PRO C 154 -14.87 -25.86 -7.31
C PRO C 154 -15.94 -25.97 -8.42
N SER C 155 -15.98 -25.04 -9.40
CA SER C 155 -16.99 -25.09 -10.46
C SER C 155 -16.62 -26.13 -11.56
N ASN C 156 -15.33 -26.51 -11.64
CA ASN C 156 -14.75 -27.49 -12.56
C ASN C 156 -14.73 -28.91 -11.98
N ILE C 157 -15.25 -29.09 -10.77
CA ILE C 157 -15.27 -30.40 -10.12
C ILE C 157 -16.72 -30.71 -9.80
N VAL C 158 -17.20 -31.85 -10.30
CA VAL C 158 -18.59 -32.26 -10.14
C VAL C 158 -18.71 -33.54 -9.28
N VAL C 159 -19.84 -33.67 -8.59
CA VAL C 159 -20.09 -34.76 -7.68
C VAL C 159 -21.50 -35.37 -7.88
N LYS C 160 -21.67 -36.61 -7.41
CA LYS C 160 -22.97 -37.29 -7.39
C LYS C 160 -23.37 -37.45 -5.92
N SER C 161 -24.65 -37.76 -5.66
CA SER C 161 -25.21 -37.97 -4.33
C SER C 161 -24.54 -39.13 -3.53
N ASP C 162 -23.91 -40.10 -4.23
CA ASP C 162 -23.19 -41.23 -3.64
C ASP C 162 -21.74 -40.86 -3.24
N CYS C 163 -21.38 -39.55 -3.35
CA CYS C 163 -20.09 -38.93 -3.03
C CYS C 163 -19.01 -39.26 -4.08
N THR C 164 -19.42 -39.63 -5.30
CA THR C 164 -18.44 -39.90 -6.34
C THR C 164 -18.11 -38.55 -7.03
N LEU C 165 -16.87 -38.39 -7.49
CA LEU C 165 -16.35 -37.14 -8.01
C LEU C 165 -15.67 -37.33 -9.37
N LYS C 166 -15.80 -36.30 -10.25
CA LYS C 166 -15.16 -36.23 -11.57
C LYS C 166 -14.64 -34.79 -11.87
N ILE C 167 -13.48 -34.69 -12.55
CA ILE C 167 -12.88 -33.45 -13.03
C ILE C 167 -13.55 -33.13 -14.39
N LEU C 168 -13.81 -31.85 -14.66
CA LEU C 168 -14.60 -31.36 -15.79
C LEU C 168 -13.90 -30.60 -16.95
N ASP C 169 -13.32 -29.40 -16.72
CA ASP C 169 -12.84 -28.51 -17.80
C ASP C 169 -11.40 -28.75 -18.25
N PHE C 170 -11.20 -29.08 -19.55
CA PHE C 170 -9.85 -29.33 -20.08
C PHE C 170 -9.41 -28.37 -21.21
N GLY C 171 -10.04 -27.20 -21.28
CA GLY C 171 -9.71 -26.17 -22.26
C GLY C 171 -8.35 -25.52 -22.06
N LEU C 172 -7.84 -25.51 -20.80
CA LEU C 172 -6.56 -24.92 -20.40
C LEU C 172 -5.49 -25.99 -20.22
N ALA C 173 -5.92 -27.26 -20.06
CA ALA C 173 -5.07 -28.43 -19.85
C ALA C 173 -3.98 -28.56 -20.94
N ARG C 174 -2.72 -28.41 -20.48
CA ARG C 174 -1.48 -28.39 -21.25
C ARG C 174 -0.41 -29.31 -20.63
N THR C 175 0.78 -29.32 -21.24
CA THR C 175 1.97 -30.00 -20.74
C THR C 175 2.81 -28.89 -20.02
N ALA C 176 3.93 -29.24 -19.36
CA ALA C 176 4.77 -28.26 -18.64
C ALA C 176 5.33 -27.17 -19.57
N GLY C 177 5.19 -25.91 -19.14
CA GLY C 177 5.64 -24.73 -19.88
C GLY C 177 5.78 -23.51 -19.01
N TYR C 185 -3.26 -15.58 -15.50
CA TYR C 185 -4.24 -14.72 -16.17
C TYR C 185 -5.47 -15.56 -16.82
N VAL C 186 -5.19 -16.73 -17.43
CA VAL C 186 -6.33 -17.64 -17.90
C VAL C 186 -6.92 -18.47 -16.68
N VAL C 187 -6.08 -18.71 -15.65
CA VAL C 187 -6.40 -19.41 -14.40
C VAL C 187 -7.24 -18.47 -13.48
N THR C 188 -8.25 -18.99 -12.74
CA THR C 188 -9.06 -18.19 -11.83
C THR C 188 -8.16 -17.72 -10.68
N ARG C 189 -8.17 -16.39 -10.47
CA ARG C 189 -7.38 -15.59 -9.55
C ARG C 189 -7.05 -16.25 -8.23
N TYR C 190 -8.08 -16.71 -7.50
CA TYR C 190 -7.99 -17.25 -6.14
C TYR C 190 -7.20 -18.55 -6.00
N TYR C 191 -7.11 -19.33 -7.09
CA TYR C 191 -6.49 -20.65 -7.14
C TYR C 191 -5.17 -20.58 -7.88
N ARG C 192 -4.76 -19.37 -8.37
CA ARG C 192 -3.49 -19.18 -9.06
C ARG C 192 -2.36 -19.44 -8.08
N ALA C 193 -1.46 -20.35 -8.47
CA ALA C 193 -0.31 -20.74 -7.69
C ALA C 193 0.75 -19.66 -7.76
N PRO C 194 1.63 -19.53 -6.73
CA PRO C 194 2.70 -18.49 -6.79
C PRO C 194 3.47 -18.44 -8.12
N GLU C 195 3.83 -19.61 -8.71
CA GLU C 195 4.55 -19.71 -9.98
C GLU C 195 3.74 -19.15 -11.14
N VAL C 196 2.41 -19.28 -11.10
CA VAL C 196 1.55 -18.71 -12.14
C VAL C 196 1.43 -17.20 -11.87
N ILE C 197 1.24 -16.80 -10.60
CA ILE C 197 1.13 -15.41 -10.20
C ILE C 197 2.39 -14.63 -10.61
N LEU C 198 3.55 -15.24 -10.36
CA LEU C 198 4.85 -14.59 -10.53
C LEU C 198 5.53 -14.85 -11.86
N GLY C 199 4.82 -15.50 -12.78
CA GLY C 199 5.30 -15.76 -14.13
C GLY C 199 6.55 -16.61 -14.23
N MET C 200 6.65 -17.59 -13.35
CA MET C 200 7.75 -18.53 -13.36
C MET C 200 7.33 -19.70 -14.22
N GLY C 201 8.14 -20.74 -14.27
CA GLY C 201 7.74 -21.95 -14.99
C GLY C 201 6.83 -22.79 -14.11
N TYR C 202 5.82 -23.44 -14.70
CA TYR C 202 4.96 -24.32 -13.92
C TYR C 202 5.20 -25.80 -14.29
N LYS C 203 5.37 -26.63 -13.26
CA LYS C 203 5.54 -28.09 -13.36
C LYS C 203 4.18 -28.72 -12.98
N GLU C 204 4.12 -30.06 -12.85
CA GLU C 204 2.86 -30.76 -12.55
C GLU C 204 2.25 -30.41 -11.19
N ASN C 205 3.07 -30.16 -10.15
CA ASN C 205 2.51 -29.89 -8.83
C ASN C 205 1.84 -28.48 -8.69
N VAL C 206 1.71 -27.70 -9.78
CA VAL C 206 0.98 -26.43 -9.81
C VAL C 206 -0.49 -26.74 -9.48
N ASP C 207 -0.95 -27.94 -9.93
CA ASP C 207 -2.27 -28.48 -9.71
C ASP C 207 -2.51 -28.79 -8.23
N LEU C 208 -1.48 -29.15 -7.49
CA LEU C 208 -1.62 -29.41 -6.06
C LEU C 208 -1.79 -28.13 -5.22
N TRP C 209 -1.36 -26.97 -5.68
CA TRP C 209 -1.66 -25.72 -5.00
C TRP C 209 -3.18 -25.50 -5.05
N SER C 210 -3.76 -25.73 -6.23
CA SER C 210 -5.19 -25.61 -6.47
C SER C 210 -5.96 -26.52 -5.54
N VAL C 211 -5.47 -27.77 -5.35
CA VAL C 211 -6.10 -28.74 -4.44
C VAL C 211 -6.03 -28.24 -3.01
N GLY C 212 -4.87 -27.71 -2.62
CA GLY C 212 -4.67 -27.12 -1.30
C GLY C 212 -5.69 -26.01 -1.01
N CYS C 213 -5.97 -25.16 -2.03
CA CYS C 213 -6.96 -24.06 -1.99
C CYS C 213 -8.40 -24.59 -1.88
N ILE C 214 -8.74 -25.68 -2.59
CA ILE C 214 -10.10 -26.25 -2.56
C ILE C 214 -10.31 -26.95 -1.23
N MET C 215 -9.29 -27.67 -0.74
CA MET C 215 -9.36 -28.33 0.55
C MET C 215 -9.54 -27.29 1.66
N GLY C 216 -8.73 -26.23 1.63
CA GLY C 216 -8.79 -25.13 2.58
C GLY C 216 -10.18 -24.53 2.61
N GLU C 217 -10.74 -24.28 1.42
CA GLU C 217 -12.10 -23.75 1.22
C GLU C 217 -13.19 -24.73 1.76
N MET C 218 -12.96 -26.06 1.71
CA MET C 218 -13.91 -27.08 2.22
C MET C 218 -13.98 -27.03 3.75
N VAL C 219 -12.82 -26.84 4.41
CA VAL C 219 -12.66 -26.73 5.86
C VAL C 219 -13.16 -25.34 6.40
N CYS C 220 -12.87 -24.24 5.70
CA CYS C 220 -13.26 -22.88 6.15
C CYS C 220 -14.63 -22.45 5.64
N HIS C 221 -15.07 -23.00 4.48
CA HIS C 221 -16.34 -22.68 3.80
C HIS C 221 -16.28 -21.28 3.20
N LYS C 222 -15.04 -20.79 3.03
CA LYS C 222 -14.71 -19.48 2.49
C LYS C 222 -13.46 -19.59 1.65
N ILE C 223 -13.34 -18.70 0.65
CA ILE C 223 -12.15 -18.59 -0.19
C ILE C 223 -10.94 -18.24 0.71
N LEU C 224 -9.88 -19.02 0.56
CA LEU C 224 -8.63 -18.98 1.31
C LEU C 224 -7.80 -17.72 1.03
N PHE C 225 -7.56 -17.41 -0.25
CA PHE C 225 -6.77 -16.24 -0.66
C PHE C 225 -7.64 -15.33 -1.56
N PRO C 226 -8.53 -14.51 -0.94
CA PRO C 226 -9.45 -13.70 -1.74
C PRO C 226 -8.83 -12.36 -2.24
N GLY C 227 -7.94 -12.45 -3.23
CA GLY C 227 -7.30 -11.28 -3.83
C GLY C 227 -8.31 -10.42 -4.58
N ARG C 228 -8.13 -9.09 -4.50
CA ARG C 228 -9.05 -8.12 -5.12
C ARG C 228 -8.68 -7.76 -6.58
N ASP C 229 -7.52 -8.21 -7.00
CA ASP C 229 -6.97 -8.10 -8.34
C ASP C 229 -5.80 -9.06 -8.42
N TYR C 230 -5.23 -9.23 -9.61
CA TYR C 230 -4.15 -10.18 -9.88
C TYR C 230 -2.87 -9.85 -9.12
N ILE C 231 -2.67 -8.57 -8.71
CA ILE C 231 -1.49 -8.14 -7.95
C ILE C 231 -1.79 -8.28 -6.44
N ASP C 232 -3.03 -7.99 -6.00
CA ASP C 232 -3.44 -8.11 -4.61
C ASP C 232 -3.45 -9.62 -4.20
N GLN C 233 -3.59 -10.52 -5.18
CA GLN C 233 -3.54 -11.96 -4.99
C GLN C 233 -2.25 -12.39 -4.27
N TRP C 234 -1.11 -11.83 -4.68
CA TRP C 234 0.19 -12.13 -4.06
C TRP C 234 0.21 -11.65 -2.60
N ASN C 235 -0.45 -10.52 -2.31
CA ASN C 235 -0.51 -9.94 -0.96
C ASN C 235 -1.24 -10.87 0.02
N LYS C 236 -2.31 -11.50 -0.47
CA LYS C 236 -3.15 -12.43 0.27
C LYS C 236 -2.42 -13.74 0.62
N VAL C 237 -1.59 -14.23 -0.28
CA VAL C 237 -0.80 -15.45 -0.09
C VAL C 237 0.30 -15.20 0.95
N ILE C 238 1.13 -14.15 0.77
CA ILE C 238 2.24 -13.87 1.68
C ILE C 238 1.75 -13.48 3.07
N GLU C 239 0.57 -12.86 3.18
CA GLU C 239 0.08 -12.49 4.49
C GLU C 239 -0.21 -13.74 5.34
N GLN C 240 -0.84 -14.75 4.71
CA GLN C 240 -1.21 -15.98 5.37
C GLN C 240 -0.04 -16.98 5.53
N LEU C 241 0.82 -17.11 4.51
CA LEU C 241 1.88 -18.13 4.50
C LEU C 241 3.26 -17.60 4.85
N GLY C 242 3.40 -16.29 4.86
CA GLY C 242 4.67 -15.66 5.15
C GLY C 242 5.43 -15.36 3.89
N THR C 243 6.31 -14.38 4.00
CA THR C 243 7.21 -13.97 2.92
C THR C 243 8.09 -15.21 2.53
N PRO C 244 8.20 -15.57 1.24
CA PRO C 244 9.04 -16.72 0.87
C PRO C 244 10.53 -16.48 1.10
N CYS C 245 11.29 -17.60 1.23
CA CYS C 245 12.74 -17.65 1.49
C CYS C 245 13.57 -16.99 0.39
N PRO C 246 14.81 -16.56 0.72
CA PRO C 246 15.70 -15.95 -0.30
C PRO C 246 16.00 -16.86 -1.47
N GLU C 247 15.94 -18.17 -1.22
CA GLU C 247 16.14 -19.24 -2.16
C GLU C 247 15.10 -19.21 -3.28
N PHE C 248 13.83 -18.94 -2.92
CA PHE C 248 12.74 -18.83 -3.88
C PHE C 248 12.88 -17.53 -4.70
N MET C 249 13.28 -16.41 -4.05
CA MET C 249 13.48 -15.08 -4.69
C MET C 249 14.44 -15.16 -5.87
N LYS C 250 15.57 -15.87 -5.69
CA LYS C 250 16.64 -16.07 -6.67
C LYS C 250 16.14 -16.73 -7.97
N LYS C 251 15.03 -17.49 -7.90
CA LYS C 251 14.41 -18.16 -9.05
C LYS C 251 13.51 -17.21 -9.84
N LEU C 252 13.14 -16.04 -9.25
CA LEU C 252 12.29 -15.07 -9.94
C LEU C 252 13.12 -14.25 -10.93
N GLN C 253 12.48 -13.81 -12.03
CA GLN C 253 13.11 -12.94 -13.04
C GLN C 253 13.40 -11.55 -12.41
N PRO C 254 14.47 -10.84 -12.83
CA PRO C 254 14.87 -9.58 -12.16
C PRO C 254 13.76 -8.56 -11.89
N THR C 255 12.85 -8.33 -12.87
CA THR C 255 11.77 -7.35 -12.75
C THR C 255 10.75 -7.77 -11.67
N VAL C 256 10.33 -9.05 -11.67
CA VAL C 256 9.37 -9.62 -10.70
C VAL C 256 9.99 -9.67 -9.33
N ARG C 257 11.26 -10.11 -9.29
CA ARG C 257 12.00 -10.24 -8.07
C ARG C 257 12.09 -8.93 -7.34
N THR C 258 12.31 -7.87 -8.07
CA THR C 258 12.39 -6.55 -7.46
C THR C 258 11.07 -6.17 -6.77
N TYR C 259 9.92 -6.46 -7.34
CA TYR C 259 8.66 -6.17 -6.69
C TYR C 259 8.40 -7.07 -5.46
N VAL C 260 8.69 -8.37 -5.55
CA VAL C 260 8.49 -9.32 -4.49
C VAL C 260 9.39 -8.97 -3.28
N GLU C 261 10.64 -8.58 -3.50
CA GLU C 261 11.54 -8.18 -2.41
C GLU C 261 11.18 -6.80 -1.81
N ASN C 262 10.47 -5.92 -2.55
CA ASN C 262 10.06 -4.60 -2.04
C ASN C 262 8.77 -4.67 -1.24
N ARG C 263 8.05 -5.83 -1.26
CA ARG C 263 6.80 -6.00 -0.52
C ARG C 263 7.07 -5.90 1.00
N PRO C 264 6.08 -5.51 1.84
CA PRO C 264 6.30 -5.57 3.30
C PRO C 264 6.51 -7.03 3.69
N LYS C 265 7.29 -7.25 4.75
CA LYS C 265 7.64 -8.58 5.24
C LYS C 265 6.51 -9.15 6.06
N TYR C 266 6.21 -10.42 5.84
CA TYR C 266 5.19 -11.12 6.60
C TYR C 266 5.77 -12.38 7.20
N ALA C 267 5.44 -12.65 8.47
CA ALA C 267 5.85 -13.89 9.16
C ALA C 267 4.92 -15.06 8.77
N GLY C 268 3.66 -14.74 8.53
CA GLY C 268 2.63 -15.73 8.23
C GLY C 268 2.10 -16.34 9.50
N TYR C 269 1.17 -17.26 9.37
CA TYR C 269 0.58 -17.91 10.53
C TYR C 269 0.79 -19.40 10.45
N SER C 270 0.82 -20.09 11.60
CA SER C 270 0.94 -21.54 11.66
C SER C 270 -0.32 -22.18 11.09
N PHE C 271 -0.22 -23.42 10.61
CA PHE C 271 -1.35 -24.13 10.04
C PHE C 271 -2.38 -24.44 11.13
N GLU C 272 -1.97 -24.38 12.41
CA GLU C 272 -2.85 -24.60 13.57
C GLU C 272 -3.72 -23.34 13.76
N LYS C 273 -3.13 -22.15 13.51
CA LYS C 273 -3.81 -20.85 13.60
C LYS C 273 -4.67 -20.63 12.35
N LEU C 274 -4.16 -21.02 11.18
CA LEU C 274 -4.95 -20.96 9.92
C LEU C 274 -6.10 -21.93 9.96
N PHE C 275 -5.83 -23.18 10.42
CA PHE C 275 -6.89 -24.20 10.47
C PHE C 275 -6.99 -24.81 11.87
N PRO C 276 -7.68 -24.13 12.81
CA PRO C 276 -7.88 -24.74 14.15
C PRO C 276 -8.73 -26.00 14.04
N ASP C 277 -8.64 -26.92 15.04
CA ASP C 277 -9.36 -28.21 15.09
C ASP C 277 -10.86 -28.09 14.87
N VAL C 278 -11.49 -27.07 15.52
CA VAL C 278 -12.93 -26.79 15.51
C VAL C 278 -13.46 -26.63 14.06
N LEU C 279 -12.60 -26.30 13.08
CA LEU C 279 -13.04 -26.14 11.69
C LEU C 279 -13.17 -27.49 10.98
N PHE C 280 -12.44 -28.51 11.47
CA PHE C 280 -12.44 -29.87 10.93
C PHE C 280 -13.62 -30.68 11.51
N PRO C 281 -14.07 -31.77 10.81
CA PRO C 281 -15.19 -32.58 11.34
C PRO C 281 -14.99 -33.10 12.77
N LEU C 289 -7.54 -40.28 9.71
CA LEU C 289 -8.71 -39.42 9.56
C LEU C 289 -8.95 -38.57 10.82
N LYS C 290 -7.97 -37.69 11.12
CA LYS C 290 -8.01 -36.70 12.19
C LYS C 290 -7.57 -35.33 11.62
N ALA C 291 -7.88 -34.26 12.37
CA ALA C 291 -7.62 -32.86 12.06
C ALA C 291 -6.13 -32.59 11.79
N SER C 292 -5.22 -33.15 12.63
CA SER C 292 -3.77 -32.97 12.51
C SER C 292 -3.23 -33.57 11.20
N GLN C 293 -3.83 -34.68 10.73
CA GLN C 293 -3.46 -35.35 9.46
C GLN C 293 -3.88 -34.51 8.27
N ALA C 294 -5.14 -34.03 8.28
CA ALA C 294 -5.72 -33.20 7.23
C ALA C 294 -4.93 -31.89 7.11
N ARG C 295 -4.61 -31.26 8.27
CA ARG C 295 -3.83 -30.03 8.41
C ARG C 295 -2.41 -30.26 7.89
N ASP C 296 -1.82 -31.43 8.21
CA ASP C 296 -0.48 -31.80 7.74
C ASP C 296 -0.45 -31.87 6.21
N LEU C 297 -1.52 -32.43 5.58
CA LEU C 297 -1.66 -32.54 4.13
C LEU C 297 -1.76 -31.13 3.50
N LEU C 298 -2.62 -30.26 4.08
CA LEU C 298 -2.77 -28.84 3.69
C LEU C 298 -1.41 -28.08 3.71
N SER C 299 -0.61 -28.30 4.79
CA SER C 299 0.69 -27.65 5.03
C SER C 299 1.73 -28.07 3.99
N LYS C 300 1.55 -29.26 3.35
CA LYS C 300 2.45 -29.80 2.33
C LYS C 300 2.02 -29.38 0.91
N MET C 301 0.75 -28.97 0.74
CA MET C 301 0.18 -28.51 -0.53
C MET C 301 0.29 -26.98 -0.67
N LEU C 302 -0.04 -26.24 0.41
CA LEU C 302 0.01 -24.77 0.43
C LEU C 302 1.42 -24.32 0.81
N VAL C 303 2.36 -24.59 -0.13
CA VAL C 303 3.80 -24.31 -0.09
C VAL C 303 4.10 -23.48 -1.31
N ILE C 304 4.57 -22.22 -1.09
CA ILE C 304 4.88 -21.22 -2.14
C ILE C 304 5.94 -21.79 -3.09
N ASP C 305 7.04 -22.31 -2.57
CA ASP C 305 8.09 -22.85 -3.44
C ASP C 305 7.65 -24.24 -3.89
N ALA C 306 7.32 -24.39 -5.20
CA ALA C 306 6.84 -25.63 -5.82
C ALA C 306 7.85 -26.79 -5.75
N SER C 307 9.17 -26.49 -5.68
CA SER C 307 10.21 -27.52 -5.56
C SER C 307 10.15 -28.20 -4.15
N LYS C 308 9.54 -27.51 -3.17
CA LYS C 308 9.34 -28.01 -1.81
C LYS C 308 7.87 -28.44 -1.55
N ARG C 309 7.02 -28.42 -2.60
CA ARG C 309 5.62 -28.81 -2.52
C ARG C 309 5.45 -30.31 -2.79
N ILE C 310 4.50 -30.95 -2.07
CA ILE C 310 4.13 -32.36 -2.20
C ILE C 310 3.76 -32.66 -3.68
N SER C 311 4.02 -33.92 -4.12
CA SER C 311 3.65 -34.39 -5.47
C SER C 311 2.29 -35.05 -5.38
N VAL C 312 1.63 -35.31 -6.53
CA VAL C 312 0.34 -36.00 -6.52
C VAL C 312 0.53 -37.42 -5.93
N ASP C 313 1.67 -38.11 -6.28
CA ASP C 313 2.04 -39.46 -5.81
C ASP C 313 2.21 -39.50 -4.29
N GLU C 314 2.92 -38.52 -3.70
CA GLU C 314 3.08 -38.45 -2.24
C GLU C 314 1.76 -38.09 -1.55
N ALA C 315 0.90 -37.27 -2.21
CA ALA C 315 -0.39 -36.87 -1.63
C ALA C 315 -1.34 -38.07 -1.56
N LEU C 316 -1.31 -38.97 -2.57
CA LEU C 316 -2.10 -40.20 -2.58
C LEU C 316 -1.66 -41.22 -1.46
N GLN C 317 -0.39 -41.17 -1.00
CA GLN C 317 0.20 -42.00 0.06
C GLN C 317 0.07 -41.38 1.46
N HIS C 318 -0.50 -40.16 1.58
CA HIS C 318 -0.62 -39.46 2.87
C HIS C 318 -1.60 -40.19 3.79
N PRO C 319 -1.28 -40.34 5.11
CA PRO C 319 -2.23 -41.02 6.04
C PRO C 319 -3.69 -40.58 5.97
N TYR C 320 -3.94 -39.32 5.64
CA TYR C 320 -5.30 -38.83 5.54
C TYR C 320 -6.00 -39.38 4.29
N ILE C 321 -5.26 -39.66 3.21
CA ILE C 321 -5.79 -40.14 1.92
C ILE C 321 -5.62 -41.69 1.69
N ASN C 322 -4.47 -42.29 2.10
CA ASN C 322 -4.12 -43.69 1.80
C ASN C 322 -5.17 -44.76 2.20
N VAL C 323 -6.10 -44.45 3.13
CA VAL C 323 -7.15 -45.38 3.57
C VAL C 323 -8.08 -45.84 2.39
N TRP C 324 -8.21 -45.00 1.35
CA TRP C 324 -9.03 -45.28 0.16
C TRP C 324 -8.19 -45.80 -1.00
N TYR C 325 -6.86 -45.94 -0.81
CA TYR C 325 -5.93 -46.34 -1.88
C TYR C 325 -6.27 -47.69 -2.51
N ASP C 326 -6.48 -47.64 -3.84
CA ASP C 326 -6.79 -48.76 -4.70
C ASP C 326 -5.90 -48.67 -5.92
N PRO C 327 -5.05 -49.68 -6.19
CA PRO C 327 -4.17 -49.63 -7.37
C PRO C 327 -4.92 -49.52 -8.71
N SER C 328 -6.17 -50.02 -8.79
CA SER C 328 -6.97 -49.93 -10.02
C SER C 328 -7.29 -48.46 -10.37
N GLU C 329 -7.62 -47.65 -9.33
CA GLU C 329 -7.98 -46.23 -9.46
C GLU C 329 -6.75 -45.31 -9.45
N ALA C 330 -5.79 -45.55 -8.54
CA ALA C 330 -4.59 -44.73 -8.39
C ALA C 330 -3.49 -45.11 -9.40
N GLU C 331 -3.23 -46.41 -9.63
CA GLU C 331 -2.20 -46.86 -10.59
C GLU C 331 -2.88 -47.34 -11.89
N ALA C 332 -3.69 -46.46 -12.50
CA ALA C 332 -4.40 -46.74 -13.75
C ALA C 332 -3.46 -46.54 -14.96
N PRO C 333 -3.61 -47.30 -16.07
CA PRO C 333 -2.70 -47.09 -17.23
C PRO C 333 -2.80 -45.69 -17.84
N PRO C 334 -1.68 -45.07 -18.28
CA PRO C 334 -1.75 -43.69 -18.82
C PRO C 334 -2.45 -43.57 -20.17
N PRO C 335 -3.24 -42.48 -20.40
CA PRO C 335 -3.89 -42.30 -21.71
C PRO C 335 -2.87 -41.95 -22.80
N LYS C 336 -3.18 -42.30 -24.07
CA LYS C 336 -2.29 -42.06 -25.21
C LYS C 336 -2.79 -40.88 -26.04
N ILE C 337 -1.94 -39.84 -26.19
CA ILE C 337 -2.20 -38.61 -26.94
C ILE C 337 -1.19 -38.50 -28.10
N PRO C 338 -1.65 -38.24 -29.36
CA PRO C 338 -0.70 -38.15 -30.49
C PRO C 338 0.20 -36.91 -30.45
N HIS C 347 -2.14 -21.18 -35.89
CA HIS C 347 -2.99 -21.45 -37.05
C HIS C 347 -3.97 -20.30 -37.32
N THR C 348 -4.49 -20.21 -38.56
CA THR C 348 -5.46 -19.18 -38.97
C THR C 348 -6.89 -19.60 -38.59
N ILE C 349 -7.80 -18.60 -38.50
CA ILE C 349 -9.23 -18.72 -38.16
C ILE C 349 -9.92 -19.76 -39.10
N GLU C 350 -9.55 -19.74 -40.40
CA GLU C 350 -10.06 -20.65 -41.44
C GLU C 350 -9.46 -22.06 -41.26
N GLU C 351 -8.16 -22.15 -40.87
CA GLU C 351 -7.45 -23.43 -40.65
C GLU C 351 -7.93 -24.13 -39.38
N TRP C 352 -8.28 -23.33 -38.34
CA TRP C 352 -8.80 -23.82 -37.06
C TRP C 352 -10.17 -24.44 -37.25
N LYS C 353 -11.04 -23.82 -38.08
CA LYS C 353 -12.38 -24.28 -38.44
C LYS C 353 -12.32 -25.69 -39.03
N GLU C 354 -11.31 -25.96 -39.88
CA GLU C 354 -11.04 -27.26 -40.52
C GLU C 354 -10.47 -28.26 -39.48
N LEU C 355 -9.58 -27.79 -38.59
CA LEU C 355 -8.94 -28.59 -37.52
C LEU C 355 -9.98 -29.12 -36.53
N ILE C 356 -10.94 -28.26 -36.11
CA ILE C 356 -12.02 -28.60 -35.18
C ILE C 356 -13.00 -29.56 -35.87
N TYR C 357 -13.51 -29.18 -37.08
CA TYR C 357 -14.49 -29.95 -37.90
C TYR C 357 -14.07 -31.41 -38.10
N LYS C 358 -12.77 -31.64 -38.42
CA LYS C 358 -12.20 -32.97 -38.64
C LYS C 358 -12.42 -33.86 -37.41
N GLU C 359 -12.11 -33.33 -36.20
CA GLU C 359 -12.25 -34.02 -34.90
C GLU C 359 -13.73 -34.33 -34.59
N VAL C 360 -14.63 -33.38 -34.88
CA VAL C 360 -16.08 -33.50 -34.68
C VAL C 360 -16.61 -34.67 -35.54
N MET C 361 -16.09 -34.84 -36.78
CA MET C 361 -16.48 -35.90 -37.73
C MET C 361 -16.08 -37.30 -37.26
N ASP C 362 -14.82 -37.48 -36.78
CA ASP C 362 -14.31 -38.76 -36.28
C ASP C 362 -15.08 -39.24 -35.03
N LEU C 363 -15.71 -38.28 -34.30
CA LEU C 363 -16.49 -38.50 -33.08
C LEU C 363 -18.00 -38.34 -33.33
N ASN D 9 41.64 -10.54 -39.48
CA ASN D 9 41.50 -11.52 -38.40
C ASN D 9 41.04 -10.84 -37.07
N PHE D 10 40.57 -11.67 -36.13
CA PHE D 10 40.03 -11.26 -34.84
C PHE D 10 41.00 -11.45 -33.67
N TYR D 11 40.72 -10.75 -32.55
CA TYR D 11 41.40 -10.83 -31.27
C TYR D 11 40.37 -10.63 -30.15
N SER D 12 40.71 -11.11 -28.94
CA SER D 12 39.84 -11.04 -27.79
C SER D 12 40.41 -10.19 -26.66
N VAL D 13 39.48 -9.52 -25.98
CA VAL D 13 39.72 -8.60 -24.89
C VAL D 13 38.60 -8.84 -23.86
N GLU D 14 38.97 -9.04 -22.59
CA GLU D 14 38.04 -9.32 -21.48
C GLU D 14 37.59 -8.03 -20.79
N ILE D 15 36.46 -7.44 -21.25
CA ILE D 15 35.91 -6.21 -20.67
C ILE D 15 34.72 -6.59 -19.74
N GLY D 16 34.98 -6.54 -18.45
CA GLY D 16 34.00 -6.92 -17.43
C GLY D 16 33.77 -8.41 -17.43
N ASP D 17 32.49 -8.82 -17.60
CA ASP D 17 32.06 -10.22 -17.62
C ASP D 17 32.13 -10.85 -19.02
N SER D 18 31.91 -10.04 -20.09
CA SER D 18 31.86 -10.52 -21.47
C SER D 18 33.18 -10.37 -22.24
N THR D 19 33.47 -11.37 -23.10
CA THR D 19 34.63 -11.41 -23.98
C THR D 19 34.25 -10.69 -25.28
N PHE D 20 35.02 -9.64 -25.63
CA PHE D 20 34.80 -8.90 -26.86
C PHE D 20 35.75 -9.42 -27.93
N THR D 21 35.23 -10.05 -28.99
CA THR D 21 36.06 -10.58 -30.07
C THR D 21 35.81 -9.73 -31.29
N VAL D 22 36.76 -8.82 -31.58
CA VAL D 22 36.64 -7.83 -32.64
C VAL D 22 37.73 -8.00 -33.71
N LEU D 23 37.52 -7.35 -34.88
CA LEU D 23 38.50 -7.27 -35.97
C LEU D 23 39.73 -6.50 -35.48
N LYS D 24 40.94 -6.92 -35.92
CA LYS D 24 42.25 -6.38 -35.55
C LYS D 24 42.32 -4.86 -35.71
N ARG D 25 41.56 -4.30 -36.67
CA ARG D 25 41.50 -2.86 -36.97
C ARG D 25 41.03 -2.01 -35.78
N TYR D 26 40.23 -2.60 -34.88
CA TYR D 26 39.66 -1.95 -33.72
C TYR D 26 40.59 -2.14 -32.54
N GLN D 27 41.20 -1.04 -32.10
CA GLN D 27 42.24 -1.04 -31.07
C GLN D 27 41.91 -0.24 -29.83
N ASN D 28 42.59 -0.58 -28.70
CA ASN D 28 42.48 0.07 -27.38
C ASN D 28 41.01 0.21 -26.94
N LEU D 29 40.32 -0.93 -26.89
CA LEU D 29 38.90 -1.00 -26.52
C LEU D 29 38.69 -0.60 -25.05
N LYS D 30 37.86 0.42 -24.85
CA LYS D 30 37.56 0.96 -23.52
C LYS D 30 36.07 0.95 -23.29
N PRO D 31 35.58 0.27 -22.23
CA PRO D 31 34.13 0.24 -21.96
C PRO D 31 33.55 1.64 -21.73
N ILE D 32 32.39 1.93 -22.32
CA ILE D 32 31.72 3.22 -22.16
C ILE D 32 30.30 2.99 -21.64
N ILE D 39 26.29 -4.08 -24.33
CA ILE D 39 27.66 -3.74 -23.94
C ILE D 39 28.38 -3.01 -25.08
N VAL D 40 28.85 -1.76 -24.81
CA VAL D 40 29.49 -0.84 -25.76
C VAL D 40 30.89 -0.43 -25.31
N CYS D 41 31.83 -0.47 -26.26
CA CYS D 41 33.22 -0.04 -26.11
C CYS D 41 33.53 1.09 -27.08
N ALA D 42 34.48 1.94 -26.68
CA ALA D 42 35.06 2.94 -27.57
C ALA D 42 36.32 2.29 -28.15
N ALA D 43 36.58 2.49 -29.45
CA ALA D 43 37.77 1.90 -30.05
C ALA D 43 38.32 2.80 -31.07
N TYR D 44 39.61 2.69 -31.31
CA TYR D 44 40.24 3.43 -32.39
C TYR D 44 40.32 2.49 -33.61
N ASP D 45 39.56 2.82 -34.68
CA ASP D 45 39.57 2.07 -35.93
C ASP D 45 40.81 2.51 -36.72
N ALA D 46 41.82 1.63 -36.83
CA ALA D 46 43.07 1.94 -37.52
C ALA D 46 42.89 2.10 -39.05
N ILE D 47 41.92 1.40 -39.67
CA ILE D 47 41.64 1.52 -41.10
C ILE D 47 41.08 2.94 -41.40
N LEU D 48 39.91 3.29 -40.83
CA LEU D 48 39.27 4.60 -40.98
C LEU D 48 40.04 5.73 -40.28
N GLU D 49 41.05 5.39 -39.43
CA GLU D 49 41.89 6.30 -38.65
C GLU D 49 41.02 7.24 -37.75
N ARG D 50 39.93 6.66 -37.18
CA ARG D 50 38.96 7.37 -36.34
C ARG D 50 38.53 6.58 -35.08
N ASN D 51 38.05 7.31 -34.06
CA ASN D 51 37.45 6.74 -32.86
C ASN D 51 36.02 6.30 -33.19
N VAL D 52 35.67 5.09 -32.81
CA VAL D 52 34.36 4.49 -33.08
C VAL D 52 33.76 3.94 -31.79
N ALA D 53 32.48 3.53 -31.86
CA ALA D 53 31.79 2.83 -30.76
C ALA D 53 31.38 1.45 -31.28
N ILE D 54 31.66 0.40 -30.50
CA ILE D 54 31.34 -1.00 -30.86
C ILE D 54 30.36 -1.53 -29.83
N LYS D 55 29.19 -1.95 -30.30
CA LYS D 55 28.14 -2.54 -29.47
C LYS D 55 28.03 -4.04 -29.77
N LYS D 56 28.20 -4.89 -28.72
CA LYS D 56 28.04 -6.33 -28.82
C LYS D 56 26.60 -6.62 -28.43
N LEU D 57 25.79 -7.13 -29.36
CA LEU D 57 24.37 -7.40 -29.07
C LEU D 57 24.25 -8.42 -27.93
N SER D 58 23.42 -8.09 -26.92
CA SER D 58 23.20 -8.90 -25.72
C SER D 58 22.28 -10.12 -26.00
N ARG D 59 22.91 -11.33 -26.10
CA ARG D 59 22.32 -12.66 -26.37
C ARG D 59 21.23 -12.54 -27.46
N PRO D 60 21.63 -12.34 -28.74
CA PRO D 60 20.61 -12.16 -29.78
C PRO D 60 19.75 -13.40 -30.00
N PHE D 61 20.26 -14.62 -29.68
CA PHE D 61 19.52 -15.86 -29.92
C PHE D 61 19.13 -16.59 -28.62
N GLN D 62 18.86 -15.83 -27.54
CA GLN D 62 18.41 -16.37 -26.25
C GLN D 62 17.04 -17.03 -26.45
N ASN D 63 16.17 -16.34 -27.20
CA ASN D 63 14.82 -16.77 -27.56
C ASN D 63 14.42 -16.10 -28.90
N GLN D 64 13.18 -16.34 -29.37
CA GLN D 64 12.66 -15.80 -30.61
C GLN D 64 12.47 -14.27 -30.54
N THR D 65 12.04 -13.74 -29.37
CA THR D 65 11.82 -12.30 -29.16
C THR D 65 13.16 -11.53 -29.30
N HIS D 66 14.26 -12.06 -28.74
CA HIS D 66 15.60 -11.46 -28.82
C HIS D 66 16.11 -11.40 -30.27
N ALA D 67 16.00 -12.52 -31.01
CA ALA D 67 16.44 -12.64 -32.40
C ALA D 67 15.68 -11.69 -33.34
N LYS D 68 14.35 -11.59 -33.18
CA LYS D 68 13.48 -10.70 -33.93
C LYS D 68 13.91 -9.24 -33.69
N ARG D 69 14.19 -8.88 -32.42
CA ARG D 69 14.62 -7.53 -32.01
C ARG D 69 16.03 -7.22 -32.55
N ALA D 70 16.91 -8.23 -32.66
CA ALA D 70 18.26 -8.08 -33.23
C ALA D 70 18.18 -7.83 -34.74
N TYR D 71 17.22 -8.51 -35.41
CA TYR D 71 16.98 -8.37 -36.85
C TYR D 71 16.46 -6.96 -37.18
N ARG D 72 15.45 -6.50 -36.41
CA ARG D 72 14.83 -5.18 -36.57
C ARG D 72 15.86 -4.05 -36.34
N GLU D 73 16.77 -4.25 -35.38
CA GLU D 73 17.83 -3.32 -35.05
C GLU D 73 18.83 -3.20 -36.21
N LEU D 74 19.24 -4.33 -36.82
CA LEU D 74 20.19 -4.37 -37.94
C LEU D 74 19.60 -3.73 -39.18
N VAL D 75 18.35 -4.10 -39.52
CA VAL D 75 17.59 -3.58 -40.66
C VAL D 75 17.42 -2.06 -40.49
N LEU D 76 16.98 -1.60 -39.29
CA LEU D 76 16.78 -0.17 -39.02
C LEU D 76 18.09 0.61 -39.00
N MET D 77 19.20 0.03 -38.52
CA MET D 77 20.52 0.69 -38.54
C MET D 77 20.98 0.95 -39.99
N LYS D 78 20.69 -0.01 -40.89
CA LYS D 78 21.04 0.04 -42.29
C LYS D 78 20.15 1.07 -43.04
N CYS D 79 18.86 1.22 -42.67
CA CYS D 79 17.90 2.09 -43.39
C CYS D 79 17.87 3.56 -42.93
N VAL D 80 18.10 3.84 -41.63
CA VAL D 80 18.06 5.22 -41.12
C VAL D 80 19.12 6.10 -41.79
N ASN D 81 18.78 7.38 -42.01
CA ASN D 81 19.70 8.34 -42.62
C ASN D 81 19.27 9.74 -42.25
N HIS D 82 19.75 10.21 -41.10
CA HIS D 82 19.45 11.52 -40.54
C HIS D 82 20.58 11.94 -39.61
N LYS D 83 20.85 13.24 -39.57
CA LYS D 83 21.89 13.88 -38.79
C LYS D 83 21.67 13.76 -37.26
N ASN D 84 20.44 13.46 -36.84
CA ASN D 84 20.05 13.33 -35.43
C ASN D 84 19.79 11.86 -35.02
N ILE D 85 20.29 10.92 -35.85
CA ILE D 85 20.24 9.46 -35.65
C ILE D 85 21.68 8.95 -35.81
N ILE D 86 22.09 7.95 -35.01
CA ILE D 86 23.46 7.40 -35.06
C ILE D 86 23.70 6.69 -36.41
N GLY D 87 24.88 6.93 -36.97
CA GLY D 87 25.32 6.33 -38.23
C GLY D 87 26.05 5.02 -38.03
N LEU D 88 25.66 4.02 -38.83
CA LEU D 88 26.26 2.68 -38.84
C LEU D 88 27.54 2.72 -39.69
N LEU D 89 28.64 2.18 -39.15
CA LEU D 89 29.91 2.15 -39.86
C LEU D 89 30.24 0.73 -40.33
N ASN D 90 29.91 -0.28 -39.53
CA ASN D 90 30.20 -1.68 -39.84
C ASN D 90 29.39 -2.61 -38.98
N VAL D 91 29.32 -3.88 -39.40
CA VAL D 91 28.69 -5.01 -38.70
C VAL D 91 29.59 -6.22 -38.93
N PHE D 92 29.82 -7.06 -37.89
CA PHE D 92 30.64 -8.27 -38.06
C PHE D 92 30.24 -9.37 -37.08
N THR D 93 30.79 -10.57 -37.32
CA THR D 93 30.62 -11.79 -36.53
C THR D 93 31.96 -12.53 -36.49
N PRO D 94 32.42 -13.02 -35.32
CA PRO D 94 33.66 -13.81 -35.29
C PRO D 94 33.50 -15.19 -35.96
N GLN D 95 32.31 -15.78 -35.83
CA GLN D 95 31.89 -17.11 -36.29
C GLN D 95 31.60 -17.17 -37.81
N LYS D 96 31.98 -18.30 -38.47
CA LYS D 96 31.80 -18.48 -39.93
C LYS D 96 30.70 -19.51 -40.28
N SER D 97 30.13 -20.20 -39.28
CA SER D 97 29.06 -21.18 -39.48
C SER D 97 27.79 -20.75 -38.72
N LEU D 98 26.62 -21.09 -39.26
CA LEU D 98 25.35 -20.75 -38.63
C LEU D 98 25.07 -21.60 -37.39
N GLU D 99 25.59 -22.84 -37.33
CA GLU D 99 25.43 -23.73 -36.18
C GLU D 99 26.17 -23.14 -34.97
N GLU D 100 27.38 -22.62 -35.20
CA GLU D 100 28.20 -21.97 -34.18
C GLU D 100 28.17 -20.47 -34.48
N PHE D 101 27.01 -19.81 -34.27
CA PHE D 101 26.76 -18.38 -34.51
C PHE D 101 25.94 -17.83 -33.36
N GLN D 102 26.51 -16.87 -32.63
CA GLN D 102 25.82 -16.33 -31.47
C GLN D 102 26.14 -14.84 -31.21
N ASP D 103 27.15 -14.27 -31.91
CA ASP D 103 27.56 -12.89 -31.65
C ASP D 103 27.54 -11.97 -32.86
N VAL D 104 26.90 -10.80 -32.68
CA VAL D 104 26.81 -9.72 -33.67
C VAL D 104 27.39 -8.46 -33.03
N TYR D 105 28.35 -7.82 -33.71
CA TYR D 105 28.93 -6.57 -33.28
C TYR D 105 28.56 -5.49 -34.28
N ILE D 106 28.05 -4.35 -33.77
CA ILE D 106 27.68 -3.19 -34.58
C ILE D 106 28.66 -2.08 -34.26
N VAL D 107 29.29 -1.49 -35.32
CA VAL D 107 30.24 -0.38 -35.23
C VAL D 107 29.52 0.90 -35.65
N MET D 108 29.60 1.92 -34.83
CA MET D 108 28.94 3.18 -35.10
C MET D 108 29.86 4.32 -34.74
N GLU D 109 29.47 5.54 -35.10
CA GLU D 109 30.28 6.71 -34.80
C GLU D 109 30.26 6.95 -33.28
N LEU D 110 31.37 7.46 -32.75
CA LEU D 110 31.50 7.75 -31.34
C LEU D 110 31.20 9.24 -31.05
N MET D 111 30.28 9.48 -30.11
CA MET D 111 29.94 10.81 -29.64
C MET D 111 30.68 11.04 -28.32
N ASP D 112 30.66 12.29 -27.82
CA ASP D 112 31.42 12.72 -26.65
C ASP D 112 30.80 12.32 -25.33
N ALA D 113 29.46 12.33 -25.23
CA ALA D 113 28.76 12.05 -23.99
C ALA D 113 27.30 11.70 -24.20
N ASN D 114 26.62 11.43 -23.08
CA ASN D 114 25.22 11.11 -22.81
C ASN D 114 24.44 12.31 -22.50
N LEU D 115 23.11 12.17 -22.48
CA LEU D 115 22.27 13.25 -21.98
C LEU D 115 22.32 13.29 -20.44
N CYS D 116 22.80 12.20 -19.78
CA CYS D 116 22.99 12.09 -18.32
C CYS D 116 23.85 13.22 -17.80
N GLN D 117 24.93 13.52 -18.54
CA GLN D 117 25.86 14.60 -18.27
C GLN D 117 25.18 15.97 -18.41
N VAL D 118 24.34 16.14 -19.45
CA VAL D 118 23.61 17.39 -19.74
C VAL D 118 22.60 17.70 -18.61
N ILE D 119 22.00 16.65 -18.01
CA ILE D 119 21.02 16.75 -16.91
C ILE D 119 21.73 17.25 -15.62
N GLN D 120 23.05 17.01 -15.53
CA GLN D 120 23.88 17.45 -14.40
C GLN D 120 24.47 18.87 -14.62
N MET D 121 24.00 19.59 -15.65
CA MET D 121 24.48 20.96 -15.86
C MET D 121 23.31 21.91 -16.09
N GLU D 122 23.53 23.17 -15.70
CA GLU D 122 22.56 24.25 -15.86
C GLU D 122 22.62 24.76 -17.29
N LEU D 123 21.50 24.61 -18.00
CA LEU D 123 21.40 25.07 -19.38
C LEU D 123 20.65 26.38 -19.47
N ASP D 124 20.85 27.09 -20.59
CA ASP D 124 20.08 28.28 -20.93
C ASP D 124 18.94 27.78 -21.84
N HIS D 125 17.94 28.63 -22.10
CA HIS D 125 16.80 28.26 -22.99
C HIS D 125 17.26 27.87 -24.38
N GLU D 126 18.29 28.57 -24.90
CA GLU D 126 18.91 28.35 -26.21
C GLU D 126 19.36 26.90 -26.38
N ARG D 127 20.22 26.41 -25.47
CA ARG D 127 20.76 25.04 -25.50
C ARG D 127 19.66 24.01 -25.22
N MET D 128 18.77 24.29 -24.24
CA MET D 128 17.67 23.39 -23.89
C MET D 128 16.75 23.18 -25.08
N SER D 129 16.26 24.29 -25.65
CA SER D 129 15.35 24.33 -26.80
C SER D 129 16.00 23.67 -28.02
N TYR D 130 17.29 24.00 -28.30
CA TYR D 130 18.00 23.45 -29.45
C TYR D 130 18.25 21.92 -29.31
N LEU D 131 18.54 21.43 -28.10
CA LEU D 131 18.71 19.98 -27.88
C LEU D 131 17.39 19.24 -28.09
N LEU D 132 16.29 19.77 -27.53
CA LEU D 132 14.95 19.19 -27.68
C LEU D 132 14.49 19.18 -29.16
N TYR D 133 14.75 20.28 -29.93
CA TYR D 133 14.43 20.38 -31.37
C TYR D 133 15.13 19.22 -32.15
N GLN D 134 16.42 18.98 -31.88
CA GLN D 134 17.21 17.92 -32.53
C GLN D 134 16.69 16.53 -32.20
N MET D 135 16.23 16.33 -30.96
CA MET D 135 15.64 15.08 -30.47
C MET D 135 14.36 14.81 -31.24
N LEU D 136 13.49 15.84 -31.34
CA LEU D 136 12.22 15.78 -32.04
C LEU D 136 12.43 15.55 -33.54
N CYS D 137 13.51 16.11 -34.11
CA CYS D 137 13.86 15.92 -35.52
C CYS D 137 14.22 14.47 -35.78
N GLY D 138 15.03 13.90 -34.89
CA GLY D 138 15.44 12.50 -34.94
C GLY D 138 14.25 11.57 -34.82
N ILE D 139 13.38 11.85 -33.82
CA ILE D 139 12.16 11.05 -33.60
C ILE D 139 11.23 11.15 -34.86
N LYS D 140 11.02 12.37 -35.39
CA LYS D 140 10.17 12.61 -36.58
C LYS D 140 10.65 11.77 -37.79
N HIS D 141 11.99 11.63 -37.98
CA HIS D 141 12.59 10.79 -39.03
C HIS D 141 12.09 9.34 -38.92
N LEU D 142 12.09 8.75 -37.71
CA LEU D 142 11.61 7.38 -37.49
C LEU D 142 10.07 7.30 -37.66
N HIS D 143 9.33 8.28 -37.09
CA HIS D 143 7.87 8.34 -37.16
C HIS D 143 7.34 8.52 -38.59
N SER D 144 8.17 9.08 -39.51
CA SER D 144 7.80 9.30 -40.91
C SER D 144 7.76 7.95 -41.67
N ALA D 145 8.40 6.91 -41.11
CA ALA D 145 8.40 5.54 -41.63
C ALA D 145 7.58 4.62 -40.72
N GLY D 146 6.83 5.21 -39.79
CA GLY D 146 6.00 4.49 -38.83
C GLY D 146 6.75 3.71 -37.77
N ILE D 147 8.06 3.99 -37.60
CA ILE D 147 8.91 3.34 -36.59
C ILE D 147 8.81 4.13 -35.27
N ILE D 148 8.56 3.41 -34.18
CA ILE D 148 8.49 3.94 -32.82
C ILE D 148 9.74 3.44 -32.09
N HIS D 149 10.55 4.34 -31.54
CA HIS D 149 11.80 3.99 -30.85
C HIS D 149 11.50 3.10 -29.66
N ARG D 150 10.52 3.52 -28.82
CA ARG D 150 9.97 2.86 -27.62
C ARG D 150 10.92 2.80 -26.40
N ASP D 151 12.21 3.10 -26.58
CA ASP D 151 13.17 3.06 -25.47
C ASP D 151 13.98 4.36 -25.34
N LEU D 152 13.34 5.52 -25.54
CA LEU D 152 14.06 6.78 -25.40
C LEU D 152 14.29 7.08 -23.92
N LYS D 153 15.56 7.30 -23.57
CA LYS D 153 16.05 7.61 -22.25
C LYS D 153 17.37 8.38 -22.38
N PRO D 154 17.81 9.10 -21.33
CA PRO D 154 19.05 9.91 -21.43
C PRO D 154 20.31 9.17 -21.88
N SER D 155 20.47 7.86 -21.59
CA SER D 155 21.67 7.14 -22.01
C SER D 155 21.60 6.73 -23.51
N ASN D 156 20.41 6.79 -24.13
CA ASN D 156 20.19 6.47 -25.55
C ASN D 156 20.28 7.72 -26.44
N ILE D 157 20.64 8.86 -25.82
CA ILE D 157 20.78 10.13 -26.51
C ILE D 157 22.21 10.62 -26.27
N VAL D 158 22.93 10.86 -27.36
CA VAL D 158 24.34 11.23 -27.30
C VAL D 158 24.55 12.61 -27.88
N VAL D 159 25.51 13.35 -27.31
CA VAL D 159 25.82 14.72 -27.71
C VAL D 159 27.30 14.91 -27.99
N LYS D 160 27.62 16.00 -28.68
CA LYS D 160 28.98 16.44 -28.98
C LYS D 160 29.15 17.84 -28.39
N SER D 161 30.40 18.24 -28.07
CA SER D 161 30.71 19.53 -27.46
C SER D 161 30.18 20.76 -28.26
N ASP D 162 29.89 20.59 -29.58
CA ASP D 162 29.36 21.66 -30.44
C ASP D 162 27.81 21.78 -30.32
N CYS D 163 27.21 21.05 -29.36
CA CYS D 163 25.78 20.99 -29.03
C CYS D 163 24.98 20.14 -30.05
N THR D 164 25.64 19.27 -30.84
CA THR D 164 24.90 18.39 -31.77
C THR D 164 24.41 17.16 -30.98
N LEU D 165 23.28 16.57 -31.41
CA LEU D 165 22.65 15.46 -30.72
C LEU D 165 22.26 14.36 -31.68
N LYS D 166 22.39 13.09 -31.24
CA LYS D 166 21.99 11.91 -32.01
C LYS D 166 21.27 10.88 -31.12
N ILE D 167 20.26 10.18 -31.68
CA ILE D 167 19.49 9.10 -31.03
C ILE D 167 20.23 7.81 -31.35
N LEU D 168 20.26 6.86 -30.42
CA LEU D 168 21.15 5.71 -30.48
C LEU D 168 20.64 4.25 -30.51
N ASP D 169 19.84 3.77 -29.54
CA ASP D 169 19.55 2.32 -29.43
C ASP D 169 18.27 1.84 -30.17
N PHE D 170 18.43 1.11 -31.28
CA PHE D 170 17.27 0.62 -32.06
C PHE D 170 16.90 -0.84 -31.75
N GLY D 171 17.26 -1.29 -30.55
CA GLY D 171 17.00 -2.63 -30.06
C GLY D 171 15.54 -2.99 -29.88
N LEU D 172 14.68 -2.01 -29.49
CA LEU D 172 13.24 -2.20 -29.26
C LEU D 172 12.37 -1.46 -30.27
N ALA D 173 12.98 -0.86 -31.31
CA ALA D 173 12.27 -0.05 -32.30
C ALA D 173 11.47 -0.91 -33.27
N ARG D 174 10.20 -0.52 -33.50
CA ARG D 174 9.26 -1.22 -34.39
C ARG D 174 8.04 -0.36 -34.70
N THR D 175 7.05 -0.94 -35.41
CA THR D 175 5.79 -0.30 -35.82
C THR D 175 4.75 -0.32 -34.69
N ALA D 176 3.61 0.38 -34.87
CA ALA D 176 2.50 0.42 -33.92
C ALA D 176 1.90 -0.97 -33.72
N GLY D 177 1.59 -1.29 -32.46
CA GLY D 177 1.02 -2.58 -32.07
C GLY D 177 0.12 -2.53 -30.86
N THR D 178 -0.19 -3.73 -30.33
CA THR D 178 -1.09 -3.94 -29.19
C THR D 178 -0.51 -4.98 -28.21
N SER D 179 0.51 -5.74 -28.64
CA SER D 179 1.13 -6.75 -27.78
C SER D 179 2.06 -6.06 -26.77
N PHE D 180 2.06 -6.61 -25.56
CA PHE D 180 2.81 -6.18 -24.37
C PHE D 180 4.32 -6.41 -24.57
N MET D 181 5.11 -5.34 -24.39
CA MET D 181 6.57 -5.35 -24.54
C MET D 181 7.22 -5.83 -23.25
N MET D 182 7.62 -7.09 -23.26
CA MET D 182 8.19 -7.71 -22.08
C MET D 182 9.68 -7.54 -22.09
N THR D 183 10.19 -6.95 -21.02
CA THR D 183 11.63 -6.74 -20.83
C THR D 183 11.98 -7.30 -19.49
N PRO D 184 12.14 -8.65 -19.30
CA PRO D 184 12.33 -9.11 -17.95
C PRO D 184 13.61 -8.66 -17.27
N TYR D 185 14.69 -8.46 -18.01
CA TYR D 185 15.96 -8.12 -17.37
C TYR D 185 16.14 -6.64 -17.20
N VAL D 186 15.16 -5.88 -17.64
CA VAL D 186 15.16 -4.45 -17.42
C VAL D 186 14.32 -4.18 -16.19
N VAL D 187 14.96 -3.88 -15.09
CA VAL D 187 14.27 -3.64 -13.83
C VAL D 187 13.56 -2.28 -13.83
N THR D 188 14.34 -1.16 -14.08
CA THR D 188 13.93 0.27 -14.11
C THR D 188 13.17 0.63 -15.42
N ARG D 189 12.06 1.37 -15.28
CA ARG D 189 11.21 1.78 -16.39
C ARG D 189 10.72 3.23 -16.18
N TYR D 190 11.68 4.19 -15.89
CA TYR D 190 11.37 5.60 -15.60
C TYR D 190 10.81 6.41 -16.76
N TYR D 191 11.13 6.02 -18.02
CA TYR D 191 10.72 6.74 -19.24
C TYR D 191 9.66 5.98 -20.05
N ARG D 192 9.14 4.85 -19.53
CA ARG D 192 8.10 4.04 -20.18
C ARG D 192 6.75 4.72 -20.08
N ALA D 193 6.06 4.80 -21.22
CA ALA D 193 4.75 5.43 -21.33
C ALA D 193 3.70 4.57 -20.64
N PRO D 194 2.62 5.17 -20.11
CA PRO D 194 1.57 4.35 -19.46
C PRO D 194 1.05 3.17 -20.33
N GLU D 195 0.83 3.37 -21.63
CA GLU D 195 0.36 2.31 -22.54
C GLU D 195 1.38 1.15 -22.64
N VAL D 196 2.69 1.43 -22.47
CA VAL D 196 3.74 0.42 -22.42
C VAL D 196 3.65 -0.34 -21.05
N ILE D 197 3.57 0.39 -19.90
CA ILE D 197 3.44 -0.18 -18.53
C ILE D 197 2.18 -1.04 -18.35
N LEU D 198 1.05 -0.58 -18.93
CA LEU D 198 -0.26 -1.19 -18.71
C LEU D 198 -0.67 -2.20 -19.81
N GLY D 199 0.19 -2.41 -20.80
CA GLY D 199 -0.06 -3.38 -21.87
C GLY D 199 -1.19 -3.01 -22.81
N MET D 200 -1.23 -1.76 -23.26
CA MET D 200 -2.26 -1.25 -24.17
C MET D 200 -1.76 -1.15 -25.62
N GLY D 201 -2.62 -0.59 -26.47
CA GLY D 201 -2.31 -0.26 -27.85
C GLY D 201 -1.37 0.93 -27.82
N TYR D 202 -0.32 0.91 -28.65
CA TYR D 202 0.67 1.99 -28.66
C TYR D 202 0.91 2.53 -30.05
N LYS D 203 0.90 3.86 -30.15
CA LYS D 203 1.14 4.64 -31.35
C LYS D 203 2.54 5.25 -31.29
N GLU D 204 2.88 6.09 -32.28
CA GLU D 204 4.13 6.85 -32.39
C GLU D 204 4.36 7.77 -31.17
N ASN D 205 3.30 8.45 -30.71
CA ASN D 205 3.39 9.40 -29.61
C ASN D 205 3.76 8.77 -28.26
N VAL D 206 4.08 7.48 -28.27
CA VAL D 206 4.64 6.77 -27.13
C VAL D 206 5.97 7.43 -26.86
N ASP D 207 6.65 7.80 -27.93
CA ASP D 207 7.95 8.38 -27.80
C ASP D 207 7.87 9.76 -27.22
N LEU D 208 6.75 10.43 -27.37
CA LEU D 208 6.58 11.77 -26.81
C LEU D 208 6.42 11.79 -25.31
N TRP D 209 5.97 10.71 -24.73
CA TRP D 209 5.95 10.60 -23.29
C TRP D 209 7.40 10.59 -22.78
N SER D 210 8.25 9.80 -23.41
CA SER D 210 9.66 9.65 -23.08
C SER D 210 10.36 10.98 -23.13
N VAL D 211 10.12 11.80 -24.19
CA VAL D 211 10.68 13.13 -24.39
C VAL D 211 10.30 14.04 -23.21
N GLY D 212 9.04 14.00 -22.78
CA GLY D 212 8.55 14.75 -21.63
C GLY D 212 9.28 14.40 -20.34
N CYS D 213 9.59 13.12 -20.13
CA CYS D 213 10.30 12.65 -18.94
C CYS D 213 11.72 13.16 -18.94
N ILE D 214 12.37 13.16 -20.12
CA ILE D 214 13.74 13.60 -20.33
C ILE D 214 13.80 15.14 -20.19
N MET D 215 12.85 15.86 -20.82
CA MET D 215 12.75 17.32 -20.70
C MET D 215 12.55 17.72 -19.22
N GLY D 216 11.64 17.02 -18.54
CA GLY D 216 11.37 17.25 -17.12
C GLY D 216 12.61 17.08 -16.26
N GLU D 217 13.40 16.05 -16.54
CA GLU D 217 14.65 15.73 -15.85
C GLU D 217 15.76 16.78 -16.16
N MET D 218 15.74 17.38 -17.36
CA MET D 218 16.67 18.43 -17.75
C MET D 218 16.42 19.72 -16.91
N VAL D 219 15.16 19.96 -16.53
CA VAL D 219 14.64 21.11 -15.76
C VAL D 219 14.81 20.93 -14.22
N CYS D 220 14.44 19.77 -13.67
CA CYS D 220 14.47 19.45 -12.23
CA CYS D 220 14.54 19.60 -12.21
C CYS D 220 15.83 18.89 -11.80
N HIS D 221 16.57 18.31 -12.77
CA HIS D 221 17.87 17.64 -12.58
C HIS D 221 17.72 16.31 -11.77
N LYS D 222 16.47 15.87 -11.61
CA LYS D 222 16.05 14.64 -10.95
C LYS D 222 15.09 13.86 -11.85
N ILE D 223 15.07 12.53 -11.68
CA ILE D 223 14.14 11.64 -12.38
C ILE D 223 12.71 12.02 -11.96
N LEU D 224 11.84 12.24 -12.96
CA LEU D 224 10.44 12.65 -12.79
C LEU D 224 9.59 11.62 -12.06
N PHE D 225 9.61 10.34 -12.49
CA PHE D 225 8.80 9.30 -11.87
C PHE D 225 9.73 8.17 -11.43
N PRO D 226 10.39 8.31 -10.24
CA PRO D 226 11.38 7.31 -9.82
C PRO D 226 10.75 6.08 -9.13
N GLY D 227 10.08 5.24 -9.91
CA GLY D 227 9.47 4.01 -9.42
C GLY D 227 10.54 3.05 -8.91
N ARG D 228 10.31 2.46 -7.73
CA ARG D 228 11.28 1.53 -7.08
C ARG D 228 11.22 0.11 -7.69
N ASP D 229 10.21 -0.16 -8.50
CA ASP D 229 9.99 -1.39 -9.27
C ASP D 229 8.95 -1.07 -10.38
N TYR D 230 8.71 -2.04 -11.28
CA TYR D 230 7.81 -1.86 -12.44
C TYR D 230 6.33 -1.61 -12.07
N ILE D 231 5.87 -2.09 -10.87
CA ILE D 231 4.50 -1.89 -10.40
C ILE D 231 4.45 -0.53 -9.67
N ASP D 232 5.52 -0.19 -8.93
CA ASP D 232 5.63 1.09 -8.23
C ASP D 232 5.74 2.26 -9.23
N GLN D 233 6.20 1.98 -10.46
CA GLN D 233 6.31 2.99 -11.49
C GLN D 233 4.97 3.68 -11.75
N TRP D 234 3.86 2.93 -11.69
CA TRP D 234 2.53 3.47 -11.94
C TRP D 234 2.08 4.37 -10.80
N ASN D 235 2.50 4.05 -9.55
CA ASN D 235 2.19 4.88 -8.37
C ASN D 235 2.77 6.29 -8.50
N LYS D 236 4.00 6.39 -9.02
CA LYS D 236 4.73 7.63 -9.19
C LYS D 236 4.08 8.53 -10.20
N VAL D 237 3.64 7.95 -11.33
CA VAL D 237 2.99 8.67 -12.42
C VAL D 237 1.68 9.28 -11.92
N ILE D 238 0.80 8.46 -11.29
CA ILE D 238 -0.54 8.90 -10.82
C ILE D 238 -0.48 9.90 -9.67
N GLU D 239 0.55 9.85 -8.82
CA GLU D 239 0.68 10.77 -7.69
C GLU D 239 0.98 12.19 -8.18
N GLN D 240 1.82 12.30 -9.20
CA GLN D 240 2.20 13.57 -9.78
C GLN D 240 1.16 14.12 -10.74
N LEU D 241 0.62 13.25 -11.62
CA LEU D 241 -0.27 13.69 -12.70
C LEU D 241 -1.77 13.57 -12.40
N GLY D 242 -2.10 12.72 -11.45
CA GLY D 242 -3.48 12.45 -11.06
C GLY D 242 -3.95 11.17 -11.68
N THR D 243 -4.93 10.55 -11.03
CA THR D 243 -5.57 9.32 -11.49
C THR D 243 -6.17 9.58 -12.90
N PRO D 244 -5.92 8.73 -13.92
CA PRO D 244 -6.51 9.00 -15.24
C PRO D 244 -8.05 8.91 -15.27
N CYS D 245 -8.66 9.51 -16.30
CA CYS D 245 -10.12 9.58 -16.47
C CYS D 245 -10.77 8.19 -16.74
N PRO D 246 -12.12 8.05 -16.50
CA PRO D 246 -12.82 6.76 -16.79
C PRO D 246 -12.81 6.23 -18.19
N GLU D 247 -12.35 7.14 -18.97
CA GLU D 247 -12.29 6.91 -20.33
C GLU D 247 -11.05 6.22 -20.75
N PHE D 248 -9.97 6.63 -20.09
CA PHE D 248 -8.75 5.97 -20.27
C PHE D 248 -8.88 4.53 -19.69
N MET D 249 -9.52 4.40 -18.51
CA MET D 249 -9.74 3.13 -17.80
C MET D 249 -10.44 2.06 -18.67
N LYS D 250 -11.40 2.48 -19.49
CA LYS D 250 -12.17 1.61 -20.39
C LYS D 250 -11.30 0.99 -21.49
N LYS D 251 -10.16 1.61 -21.81
CA LYS D 251 -9.24 1.11 -22.84
C LYS D 251 -8.29 0.05 -22.29
N LEU D 252 -8.26 -0.17 -20.97
CA LEU D 252 -7.40 -1.16 -20.34
C LEU D 252 -8.01 -2.58 -20.41
N GLN D 253 -7.14 -3.58 -20.50
CA GLN D 253 -7.50 -5.00 -20.41
C GLN D 253 -8.14 -5.23 -19.02
N PRO D 254 -9.24 -6.02 -18.89
CA PRO D 254 -9.94 -6.12 -17.58
C PRO D 254 -9.10 -6.51 -16.35
N THR D 255 -8.10 -7.34 -16.51
CA THR D 255 -7.27 -7.76 -15.38
C THR D 255 -6.50 -6.54 -14.79
N VAL D 256 -5.85 -5.76 -15.70
CA VAL D 256 -5.07 -4.55 -15.45
C VAL D 256 -5.98 -3.46 -14.94
N ARG D 257 -7.17 -3.37 -15.54
CA ARG D 257 -8.17 -2.40 -15.19
C ARG D 257 -8.65 -2.54 -13.77
N THR D 258 -8.86 -3.75 -13.28
CA THR D 258 -9.28 -3.96 -11.89
C THR D 258 -8.23 -3.44 -10.94
N TYR D 259 -6.96 -3.68 -11.19
CA TYR D 259 -5.90 -3.21 -10.32
C TYR D 259 -5.78 -1.68 -10.32
N VAL D 260 -5.84 -1.05 -11.50
CA VAL D 260 -5.74 0.38 -11.71
C VAL D 260 -6.94 1.12 -11.03
N GLU D 261 -8.15 0.55 -11.13
CA GLU D 261 -9.33 1.13 -10.46
C GLU D 261 -9.28 0.88 -8.92
N ASN D 262 -8.52 -0.12 -8.45
CA ASN D 262 -8.39 -0.41 -7.00
C ASN D 262 -7.34 0.42 -6.32
N ARG D 263 -6.50 1.14 -7.09
CA ARG D 263 -5.46 2.02 -6.54
C ARG D 263 -6.10 3.17 -5.75
N PRO D 264 -5.39 3.78 -4.75
CA PRO D 264 -5.94 4.99 -4.12
C PRO D 264 -6.02 6.11 -5.17
N LYS D 265 -6.95 7.04 -4.98
CA LYS D 265 -7.18 8.12 -5.92
C LYS D 265 -6.29 9.32 -5.65
N TYR D 266 -5.78 9.91 -6.74
CA TYR D 266 -4.91 11.08 -6.69
C TYR D 266 -5.44 12.17 -7.57
N ALA D 267 -5.34 13.40 -7.09
CA ALA D 267 -5.73 14.59 -7.83
C ALA D 267 -4.59 15.03 -8.73
N GLY D 268 -3.37 14.78 -8.28
CA GLY D 268 -2.14 15.19 -8.94
C GLY D 268 -1.79 16.64 -8.63
N TYR D 269 -0.78 17.15 -9.29
CA TYR D 269 -0.35 18.52 -9.08
C TYR D 269 -0.40 19.27 -10.37
N SER D 270 -0.57 20.58 -10.31
CA SER D 270 -0.56 21.41 -11.52
C SER D 270 0.86 21.45 -12.08
N PHE D 271 1.01 21.73 -13.37
CA PHE D 271 2.32 21.82 -14.00
C PHE D 271 3.14 23.01 -13.46
N GLU D 272 2.46 24.02 -12.89
CA GLU D 272 3.05 25.20 -12.24
C GLU D 272 3.72 24.79 -10.91
N LYS D 273 3.06 23.90 -10.12
CA LYS D 273 3.56 23.31 -8.85
C LYS D 273 4.65 22.26 -9.15
N LEU D 274 4.47 21.47 -10.23
CA LEU D 274 5.43 20.44 -10.65
C LEU D 274 6.68 21.09 -11.22
N PHE D 275 6.50 22.20 -11.97
CA PHE D 275 7.61 22.90 -12.57
C PHE D 275 7.53 24.42 -12.32
N PRO D 276 7.89 24.94 -11.12
CA PRO D 276 7.92 26.42 -10.96
C PRO D 276 9.00 27.08 -11.83
N ASP D 277 8.83 28.37 -12.09
CA ASP D 277 9.71 29.22 -12.90
C ASP D 277 11.18 29.20 -12.52
N VAL D 278 11.50 29.10 -11.22
CA VAL D 278 12.89 29.11 -10.73
C VAL D 278 13.69 27.89 -11.28
N LEU D 279 13.04 26.77 -11.59
CA LEU D 279 13.68 25.54 -12.10
C LEU D 279 14.11 25.67 -13.55
N PHE D 280 13.42 26.51 -14.31
CA PHE D 280 13.72 26.73 -15.71
C PHE D 280 14.90 27.69 -15.88
N PRO D 281 15.58 27.74 -17.07
CA PRO D 281 16.61 28.78 -17.28
C PRO D 281 15.95 30.15 -17.13
N ALA D 282 16.65 31.13 -16.53
CA ALA D 282 16.12 32.49 -16.29
C ALA D 282 15.55 33.14 -17.58
N ASP D 283 14.36 33.78 -17.46
CA ASP D 283 13.65 34.46 -18.57
C ASP D 283 14.37 35.75 -18.99
N ASN D 287 14.66 37.82 -25.76
CA ASN D 287 14.50 36.43 -25.36
C ASN D 287 13.01 36.04 -25.37
N LYS D 288 12.54 35.45 -26.49
CA LYS D 288 11.14 35.04 -26.64
C LYS D 288 10.91 33.63 -26.05
N LEU D 289 12.00 32.83 -25.87
CA LEU D 289 11.92 31.52 -25.22
C LEU D 289 11.67 31.78 -23.74
N LYS D 290 10.53 31.29 -23.23
CA LYS D 290 10.08 31.51 -21.86
C LYS D 290 9.84 30.20 -21.11
N ALA D 291 9.88 30.28 -19.77
CA ALA D 291 9.62 29.19 -18.82
C ALA D 291 8.21 28.64 -19.01
N SER D 292 7.25 29.55 -19.34
CA SER D 292 5.83 29.28 -19.54
C SER D 292 5.56 28.49 -20.80
N GLN D 293 6.38 28.67 -21.86
CA GLN D 293 6.27 27.92 -23.13
C GLN D 293 6.85 26.50 -22.94
N ALA D 294 7.99 26.40 -22.20
CA ALA D 294 8.65 25.14 -21.85
C ALA D 294 7.70 24.26 -20.99
N ARG D 295 7.04 24.89 -19.97
CA ARG D 295 6.06 24.25 -19.08
C ARG D 295 4.84 23.80 -19.87
N ASP D 296 4.38 24.66 -20.80
CA ASP D 296 3.24 24.36 -21.66
C ASP D 296 3.50 23.12 -22.54
N LEU D 297 4.72 22.97 -23.07
CA LEU D 297 5.10 21.86 -23.94
C LEU D 297 5.14 20.57 -23.12
N LEU D 298 5.75 20.63 -21.92
CA LEU D 298 5.77 19.54 -20.94
C LEU D 298 4.37 19.05 -20.62
N SER D 299 3.43 19.98 -20.41
CA SER D 299 2.03 19.70 -20.06
C SER D 299 1.29 18.98 -21.17
N LYS D 300 1.78 19.10 -22.42
CA LYS D 300 1.22 18.45 -23.59
C LYS D 300 1.90 17.11 -23.88
N MET D 301 3.06 16.85 -23.25
CA MET D 301 3.83 15.61 -23.41
C MET D 301 3.50 14.64 -22.27
N LEU D 302 3.37 15.16 -21.03
CA LEU D 302 3.12 14.36 -19.83
C LEU D 302 1.59 14.19 -19.59
N VAL D 303 0.97 13.51 -20.54
CA VAL D 303 -0.45 13.19 -20.60
C VAL D 303 -0.54 11.67 -20.65
N ILE D 304 -1.15 11.06 -19.59
CA ILE D 304 -1.27 9.60 -19.43
C ILE D 304 -1.98 8.99 -20.68
N ASP D 305 -3.15 9.54 -21.05
CA ASP D 305 -3.93 9.09 -22.20
C ASP D 305 -3.24 9.52 -23.52
N ALA D 306 -2.63 8.57 -24.26
CA ALA D 306 -1.91 8.89 -25.50
C ALA D 306 -2.79 9.55 -26.57
N SER D 307 -4.11 9.29 -26.56
CA SER D 307 -5.03 9.86 -27.52
C SER D 307 -5.22 11.36 -27.24
N LYS D 308 -4.81 11.84 -26.06
CA LYS D 308 -4.89 13.26 -25.72
C LYS D 308 -3.47 13.90 -25.65
N ARG D 309 -2.42 13.15 -25.99
CA ARG D 309 -1.02 13.60 -25.93
C ARG D 309 -0.55 14.16 -27.28
N ILE D 310 0.32 15.20 -27.24
CA ILE D 310 0.89 15.87 -28.41
C ILE D 310 1.64 14.88 -29.33
N SER D 311 1.68 15.19 -30.64
CA SER D 311 2.40 14.42 -31.66
C SER D 311 3.75 15.10 -31.89
N VAL D 312 4.69 14.43 -32.58
CA VAL D 312 6.03 14.98 -32.84
C VAL D 312 5.95 16.24 -33.76
N ASP D 313 4.99 16.27 -34.72
CA ASP D 313 4.79 17.39 -35.65
C ASP D 313 4.32 18.64 -34.92
N GLU D 314 3.36 18.46 -34.01
CA GLU D 314 2.81 19.53 -33.19
C GLU D 314 3.86 20.05 -32.22
N ALA D 315 4.72 19.14 -31.68
CA ALA D 315 5.80 19.51 -30.74
C ALA D 315 6.89 20.28 -31.48
N LEU D 316 7.16 19.94 -32.76
CA LEU D 316 8.13 20.65 -33.60
C LEU D 316 7.61 22.08 -33.98
N GLN D 317 6.26 22.28 -34.02
CA GLN D 317 5.59 23.55 -34.34
C GLN D 317 5.34 24.41 -33.08
N HIS D 318 5.48 23.82 -31.88
CA HIS D 318 5.29 24.47 -30.59
C HIS D 318 6.22 25.68 -30.45
N PRO D 319 5.75 26.82 -29.90
CA PRO D 319 6.61 28.04 -29.81
C PRO D 319 7.98 27.87 -29.13
N TYR D 320 8.16 26.85 -28.27
CA TYR D 320 9.44 26.67 -27.58
C TYR D 320 10.47 26.02 -28.51
N ILE D 321 9.98 25.25 -29.51
CA ILE D 321 10.81 24.50 -30.46
C ILE D 321 10.93 25.21 -31.83
N ASN D 322 9.83 25.81 -32.32
CA ASN D 322 9.68 26.46 -33.64
C ASN D 322 10.81 27.44 -34.04
N VAL D 323 11.43 28.14 -33.09
CA VAL D 323 12.50 29.13 -33.35
C VAL D 323 13.67 28.57 -34.18
N TRP D 324 13.90 27.25 -34.15
CA TRP D 324 14.99 26.57 -34.86
C TRP D 324 14.52 25.93 -36.15
N TYR D 325 13.19 25.77 -36.35
CA TYR D 325 12.57 25.08 -37.47
C TYR D 325 13.26 25.33 -38.83
N ASP D 326 13.58 24.22 -39.49
CA ASP D 326 14.23 24.15 -40.80
C ASP D 326 13.69 22.90 -41.51
N PRO D 327 12.99 23.05 -42.67
CA PRO D 327 12.41 21.87 -43.36
C PRO D 327 13.42 20.80 -43.76
N SER D 328 14.71 21.16 -43.94
CA SER D 328 15.75 20.20 -44.30
C SER D 328 16.02 19.19 -43.17
N GLU D 329 15.72 19.55 -41.90
CA GLU D 329 15.91 18.69 -40.71
C GLU D 329 14.59 18.05 -40.24
N ALA D 330 13.49 18.86 -40.20
CA ALA D 330 12.17 18.44 -39.70
C ALA D 330 11.23 17.84 -40.77
N GLU D 331 11.50 18.08 -42.07
CA GLU D 331 10.69 17.55 -43.17
C GLU D 331 11.61 16.78 -44.14
N ALA D 332 12.71 16.23 -43.59
CA ALA D 332 13.77 15.47 -44.27
C ALA D 332 13.22 14.17 -44.95
N PRO D 333 13.92 13.58 -45.97
CA PRO D 333 13.37 12.36 -46.60
C PRO D 333 13.30 11.16 -45.66
N PRO D 334 12.11 10.53 -45.53
CA PRO D 334 11.95 9.38 -44.61
C PRO D 334 12.89 8.20 -44.91
N PRO D 335 13.22 7.33 -43.91
CA PRO D 335 14.08 6.17 -44.23
C PRO D 335 13.32 5.15 -45.08
N LYS D 336 14.04 4.47 -45.97
CA LYS D 336 13.44 3.51 -46.88
C LYS D 336 13.70 2.08 -46.42
N ILE D 337 12.67 1.47 -45.80
CA ILE D 337 12.70 0.09 -45.33
C ILE D 337 12.12 -0.80 -46.46
N PRO D 338 12.90 -1.78 -46.97
CA PRO D 338 12.41 -2.62 -48.10
C PRO D 338 11.23 -3.56 -47.81
N ASP D 339 11.20 -4.20 -46.60
CA ASP D 339 10.19 -5.17 -46.13
C ASP D 339 10.33 -6.53 -46.83
N ASP D 343 10.68 -6.72 -42.21
CA ASP D 343 9.64 -6.69 -41.18
C ASP D 343 8.67 -7.91 -41.29
N GLU D 344 9.17 -9.07 -40.91
CA GLU D 344 8.46 -10.35 -41.01
C GLU D 344 8.07 -10.84 -39.65
N ARG D 345 6.81 -11.12 -39.43
CA ARG D 345 6.33 -11.39 -38.09
C ARG D 345 6.90 -12.61 -37.34
N GLU D 346 6.96 -13.81 -37.95
CA GLU D 346 7.34 -14.96 -37.13
C GLU D 346 8.22 -15.96 -37.80
N HIS D 347 9.18 -16.43 -37.03
CA HIS D 347 10.21 -17.36 -37.44
C HIS D 347 10.78 -18.10 -36.26
N THR D 348 11.45 -19.24 -36.50
CA THR D 348 12.12 -19.96 -35.42
C THR D 348 13.49 -19.29 -35.22
N ILE D 349 14.18 -19.56 -34.09
CA ILE D 349 15.50 -18.97 -33.77
C ILE D 349 16.50 -19.28 -34.92
N GLU D 350 16.47 -20.51 -35.46
CA GLU D 350 17.33 -20.95 -36.57
C GLU D 350 16.98 -20.20 -37.88
N GLU D 351 15.68 -19.88 -38.09
CA GLU D 351 15.24 -19.11 -39.26
C GLU D 351 15.73 -17.67 -39.14
N TRP D 352 15.66 -17.10 -37.90
CA TRP D 352 16.11 -15.75 -37.56
C TRP D 352 17.63 -15.63 -37.78
N LYS D 353 18.40 -16.66 -37.31
CA LYS D 353 19.85 -16.81 -37.46
C LYS D 353 20.28 -16.68 -38.93
N GLU D 354 19.48 -17.24 -39.88
CA GLU D 354 19.74 -17.22 -41.32
C GLU D 354 19.68 -15.78 -41.86
N LEU D 355 18.54 -15.09 -41.59
CA LEU D 355 18.25 -13.70 -41.97
C LEU D 355 19.29 -12.74 -41.40
N ILE D 356 19.64 -12.90 -40.10
CA ILE D 356 20.62 -12.05 -39.39
C ILE D 356 22.01 -12.29 -40.00
N TYR D 357 22.46 -13.56 -40.16
CA TYR D 357 23.76 -13.86 -40.75
C TYR D 357 23.88 -13.21 -42.14
N LYS D 358 22.82 -13.28 -42.97
CA LYS D 358 22.77 -12.67 -44.31
C LYS D 358 22.85 -11.15 -44.20
N GLU D 359 22.13 -10.56 -43.23
CA GLU D 359 22.14 -9.12 -42.98
C GLU D 359 23.55 -8.64 -42.57
N VAL D 360 24.25 -9.42 -41.70
CA VAL D 360 25.61 -9.13 -41.23
C VAL D 360 26.59 -9.23 -42.42
N MET D 361 26.38 -10.21 -43.33
CA MET D 361 27.22 -10.44 -44.53
C MET D 361 27.12 -9.31 -45.55
N ASP D 362 25.88 -8.85 -45.83
CA ASP D 362 25.63 -7.78 -46.81
C ASP D 362 26.03 -6.41 -46.26
N LEU D 363 26.19 -6.27 -44.92
CA LEU D 363 26.57 -5.01 -44.29
C LEU D 363 28.08 -4.95 -43.94
N GLU D 364 28.75 -6.12 -43.81
CA GLU D 364 30.19 -6.24 -43.51
C GLU D 364 31.05 -5.68 -44.66
N PRO E 3 32.78 40.93 9.64
CA PRO E 3 31.92 42.13 9.75
C PRO E 3 30.56 41.93 9.10
N ARG E 4 29.53 42.67 9.59
CA ARG E 4 28.13 42.65 9.11
C ARG E 4 28.11 42.80 7.56
N PRO E 5 27.51 41.83 6.81
CA PRO E 5 27.57 41.92 5.34
C PRO E 5 26.58 42.92 4.72
N THR E 6 26.86 43.33 3.47
CA THR E 6 26.04 44.25 2.67
C THR E 6 25.48 43.42 1.48
N LEU E 7 24.39 42.65 1.77
CA LEU E 7 23.71 41.73 0.85
C LEU E 7 22.29 42.22 0.49
N GLN E 8 21.76 41.78 -0.67
CA GLN E 8 20.43 42.19 -1.14
C GLN E 8 19.57 41.02 -1.65
N LEU E 9 18.25 41.06 -1.34
CA LEU E 9 17.24 40.11 -1.83
C LEU E 9 16.24 40.85 -2.71
N PRO E 10 16.13 40.50 -4.02
CA PRO E 10 15.14 41.18 -4.88
C PRO E 10 13.72 40.68 -4.56
N LEU E 11 13.06 41.35 -3.64
CA LEU E 11 11.71 41.00 -3.21
C LEU E 11 10.68 41.89 -3.91
N ALA E 12 9.65 41.25 -4.49
CA ALA E 12 8.55 41.93 -5.16
C ALA E 12 7.49 42.42 -4.16
N PRO F 5 -34.26 -24.76 30.65
CA PRO F 5 -33.61 -25.96 30.09
C PRO F 5 -32.24 -26.24 30.72
N THR F 6 -31.79 -27.50 30.64
CA THR F 6 -30.49 -27.96 31.16
C THR F 6 -29.42 -27.73 30.06
N LEU F 7 -28.87 -26.49 30.01
CA LEU F 7 -27.84 -26.13 29.04
C LEU F 7 -26.48 -26.49 29.62
N GLN F 8 -25.54 -26.93 28.78
CA GLN F 8 -24.25 -27.37 29.28
C GLN F 8 -23.09 -27.08 28.30
N LEU F 9 -21.95 -26.62 28.82
CA LEU F 9 -20.73 -26.40 28.03
C LEU F 9 -19.67 -27.45 28.39
N PRO F 10 -19.16 -28.23 27.43
CA PRO F 10 -18.10 -29.21 27.77
C PRO F 10 -16.71 -28.56 27.83
N LEU F 11 -16.39 -27.98 28.99
CA LEU F 11 -15.14 -27.26 29.24
C LEU F 11 -14.06 -28.16 29.88
N ALA F 12 -12.79 -27.67 29.88
CA ALA F 12 -11.63 -28.36 30.44
C ALA F 12 -11.49 -28.07 31.94
N GLN G 1 -10.03 -54.07 2.27
CA GLN G 1 -9.39 -53.12 3.19
C GLN G 1 -9.86 -51.67 2.94
N ARG G 2 -10.77 -51.46 1.96
CA ARG G 2 -11.32 -50.12 1.71
C ARG G 2 -12.53 -49.93 2.65
N PRO G 3 -12.65 -48.78 3.35
CA PRO G 3 -13.79 -48.59 4.28
C PRO G 3 -15.13 -48.54 3.55
N ARG G 4 -16.22 -48.94 4.23
CA ARG G 4 -17.54 -48.92 3.63
C ARG G 4 -18.52 -48.00 4.42
N PRO G 5 -18.22 -46.69 4.58
CA PRO G 5 -19.15 -45.84 5.34
C PRO G 5 -20.32 -45.37 4.50
N THR G 6 -21.25 -44.63 5.14
CA THR G 6 -22.36 -43.98 4.45
C THR G 6 -21.73 -42.67 3.93
N LEU G 7 -21.63 -42.56 2.59
CA LEU G 7 -20.99 -41.44 1.93
C LEU G 7 -21.99 -40.47 1.27
N GLN G 8 -23.30 -40.76 1.36
CA GLN G 8 -24.37 -39.95 0.76
C GLN G 8 -24.25 -38.44 1.03
N LEU G 9 -24.27 -37.64 -0.06
CA LEU G 9 -24.23 -36.18 0.00
C LEU G 9 -25.65 -35.61 -0.18
N PRO G 10 -26.15 -34.79 0.77
CA PRO G 10 -27.50 -34.20 0.58
C PRO G 10 -27.46 -33.03 -0.43
N LEU G 11 -27.45 -33.38 -1.72
CA LEU G 11 -27.41 -32.41 -2.81
C LEU G 11 -28.83 -32.02 -3.22
N ALA G 12 -29.17 -30.72 -3.04
CA ALA G 12 -30.49 -30.18 -3.35
C ALA G 12 -30.39 -28.73 -3.81
N GLN H 1 18.40 32.40 -40.66
CA GLN H 1 18.16 31.40 -39.60
C GLN H 1 18.78 31.81 -38.26
N ARG H 2 18.16 31.35 -37.16
CA ARG H 2 18.60 31.61 -35.79
C ARG H 2 20.01 31.01 -35.55
N PRO H 3 20.99 31.80 -35.05
CA PRO H 3 22.33 31.24 -34.79
C PRO H 3 22.29 30.09 -33.78
N ARG H 4 22.71 28.91 -34.25
CA ARG H 4 22.76 27.66 -33.48
C ARG H 4 23.82 27.77 -32.37
N PRO H 5 23.54 27.30 -31.12
CA PRO H 5 24.55 27.44 -30.04
C PRO H 5 25.76 26.51 -30.20
N GLN H 8 27.23 25.25 -27.62
CA GLN H 8 28.43 24.58 -27.12
C GLN H 8 28.18 24.07 -25.70
N LEU H 9 28.70 22.86 -25.36
CA LEU H 9 28.47 22.25 -24.04
C LEU H 9 29.78 21.97 -23.25
N PRO H 10 29.81 22.19 -21.91
CA PRO H 10 31.03 21.87 -21.15
C PRO H 10 31.08 20.38 -20.77
N LEU H 11 31.42 19.53 -21.75
CA LEU H 11 31.51 18.08 -21.57
C LEU H 11 32.94 17.67 -21.19
PG ANP I . -1.22 30.24 10.61
O1G ANP I . -1.96 29.87 9.36
O2G ANP I . -2.18 30.65 11.67
O3G ANP I . -0.43 29.04 11.08
PB ANP I . 1.45 31.60 10.48
O1B ANP I . 1.85 30.79 11.66
O2B ANP I . 2.17 31.03 9.17
N3B ANP I . -0.18 31.49 10.29
PA ANP I . 1.05 34.47 10.93
O1A ANP I . -0.40 34.16 11.05
O2A ANP I . 1.55 35.15 12.21
O3A ANP I . 1.87 33.13 10.69
O5' ANP I . 1.28 35.47 9.69
C5' ANP I . 0.84 35.13 8.35
C4' ANP I . 1.68 35.83 7.31
O4' ANP I . 1.64 37.27 7.51
C3' ANP I . 3.18 35.49 7.28
O3' ANP I . 3.42 34.28 6.59
C2' ANP I . 3.75 36.71 6.55
O2' ANP I . 3.56 36.62 5.13
C1' ANP I . 2.90 37.83 7.15
N9 ANP I . 3.49 38.47 8.32
C8 ANP I . 3.17 38.25 9.63
N7 ANP I . 3.85 38.98 10.48
C5 ANP I . 4.68 39.76 9.67
C6 ANP I . 5.59 40.78 9.95
N6 ANP I . 5.87 41.23 11.19
N1 ANP I . 6.21 41.38 8.91
C2 ANP I . 5.94 40.96 7.66
N3 ANP I . 5.08 40.00 7.28
C4 ANP I . 4.47 39.44 8.33
S SO4 J . 0.60 22.02 23.03
O1 SO4 J . 1.16 21.07 22.09
O2 SO4 J . 1.56 22.32 24.11
O3 SO4 J . 0.24 23.25 22.32
O4 SO4 J . -0.62 21.46 23.62
S SO4 K . -2.28 17.09 8.72
O1 SO4 K . -1.23 16.11 8.61
O2 SO4 K . -2.31 17.45 10.15
O3 SO4 K . -2.02 18.24 7.88
O4 SO4 K . -3.55 16.50 8.26
S SO4 L . 0.03 1.50 2.20
O1 SO4 L . 1.24 0.83 1.74
O2 SO4 L . -0.55 0.75 3.33
O3 SO4 L . 0.37 2.86 2.61
O4 SO4 L . -0.95 1.54 1.12
S SO4 M . 15.31 2.67 -2.21
O1 SO4 M . 16.72 3.05 -2.41
O2 SO4 M . 14.67 3.66 -1.31
O3 SO4 M . 14.64 2.66 -3.51
O4 SO4 M . 15.25 1.31 -1.62
PG ANP N . -7.03 -8.45 30.53
O1G ANP N . -6.82 -7.42 29.46
O2G ANP N . -7.46 -9.75 29.90
O3G ANP N . -8.10 -7.99 31.47
PB ANP N . -5.36 -8.98 32.96
O1B ANP N . -3.89 -8.96 33.22
O2B ANP N . -6.06 -7.83 33.83
N3B ANP N . -5.63 -8.69 31.37
PA ANP N . -7.37 -11.11 33.76
O1A ANP N . -7.92 -10.50 35.00
O2A ANP N . -8.38 -10.93 32.60
O3A ANP N . -5.95 -10.42 33.37
O5' ANP N . -7.13 -12.69 33.99
C5' ANP N . -6.45 -13.54 33.02
C4' ANP N . -7.21 -14.83 32.88
O4' ANP N . -7.47 -15.40 34.18
C3' ANP N . -8.59 -14.75 32.22
O3' ANP N . -8.52 -14.70 30.81
C2' ANP N . -9.25 -16.02 32.74
O2' ANP N . -8.89 -17.20 32.04
C1' ANP N . -8.70 -16.10 34.17
N9 ANP N . -9.60 -15.56 35.19
C8 ANP N . -9.56 -14.31 35.76
N7 ANP N . -10.50 -14.07 36.62
C5 ANP N . -11.23 -15.28 36.64
C6 ANP N . -12.37 -15.67 37.35
N6 ANP N . -12.94 -14.94 38.31
N1 ANP N . -12.89 -16.90 37.08
C2 ANP N . -12.26 -17.66 36.18
N3 ANP N . -11.15 -17.41 35.48
C4 ANP N . -10.68 -16.18 35.75
S SO4 O . -8.46 6.39 30.08
O1 SO4 O . -7.40 5.38 29.98
O2 SO4 O . -8.05 7.48 30.97
O3 SO4 O . -8.76 6.92 28.74
O4 SO4 O . -9.67 5.79 30.65
S SO4 P . -16.64 -13.47 54.82
O1 SO4 P . -16.64 -14.71 54.04
O2 SO4 P . -16.16 -13.75 56.18
O3 SO4 P . -15.77 -12.48 54.19
O4 SO4 P . -18.00 -12.94 54.89
S SO4 Q . -17.24 18.97 3.65
O1 SO4 Q . -15.77 18.92 3.64
O2 SO4 Q . -17.72 18.67 5.00
O3 SO4 Q . -17.68 20.32 3.28
O4 SO4 Q . -17.78 18.01 2.69
S SO4 R . -1.55 -2.44 19.21
O1 SO4 R . -2.56 -2.20 18.17
O2 SO4 R . -0.23 -2.32 18.62
O3 SO4 R . -1.74 -1.51 20.27
O4 SO4 R . -1.71 -3.79 19.76
PG ANP S . -16.52 -22.98 -19.26
O1G ANP S . -17.75 -22.62 -20.04
O2G ANP S . -16.12 -24.38 -19.60
O3G ANP S . -15.40 -22.04 -19.63
PB ANP S . -16.40 -23.82 -16.39
O1B ANP S . -14.96 -24.14 -16.52
O2B ANP S . -16.68 -23.08 -15.00
N3B ANP S . -16.84 -22.86 -17.65
PA ANP S . -18.34 -25.78 -17.45
O1A ANP S . -18.62 -24.83 -18.54
O2A ANP S . -17.79 -27.09 -18.03
O3A ANP S . -17.27 -25.16 -16.43
O5' ANP S . -19.71 -26.06 -16.68
C5' ANP S . -20.47 -25.03 -16.03
C4' ANP S . -21.27 -25.68 -14.92
O4' ANP S . -22.20 -26.61 -15.49
C3' ANP S . -20.45 -26.49 -13.92
O3' ANP S . -19.89 -25.66 -12.91
C2' ANP S . -21.50 -27.48 -13.39
O2' ANP S . -22.34 -26.91 -12.39
C1' ANP S . -22.31 -27.76 -14.67
N9 ANP S . -21.86 -28.94 -15.42
C8 ANP S . -21.07 -28.97 -16.52
N7 ANP S . -20.83 -30.19 -17.00
C5 ANP S . -21.53 -31.00 -16.13
C6 ANP S . -21.68 -32.41 -16.06
N6 ANP S . -21.04 -33.26 -16.87
N1 ANP S . -22.45 -32.92 -15.07
C2 ANP S . -23.03 -32.07 -14.21
N3 ANP S . -22.96 -30.73 -14.16
C4 ANP S . -22.20 -30.27 -15.15
S SO4 T . 0.57 -1.09 -1.78
O1 SO4 T . 1.45 -1.26 -0.62
O2 SO4 T . -0.37 0.02 -1.54
O3 SO4 T . 1.36 -0.77 -2.96
O4 SO4 T . -0.22 -2.32 -1.99
S SO4 U . -16.35 -19.55 -10.61
O1 SO4 U . -15.82 -20.42 -11.65
O2 SO4 U . -15.26 -19.16 -9.71
O3 SO4 U . -16.93 -18.36 -11.22
O4 SO4 U . -17.39 -20.24 -9.84
S SO4 V . -7.95 -11.39 -12.67
O1 SO4 V . -7.27 -11.80 -13.85
O2 SO4 V . -7.04 -11.45 -11.56
O3 SO4 V . -8.48 -10.02 -12.81
O4 SO4 V . -9.07 -12.26 -12.41
S SO4 W . -2.49 -21.19 -23.22
O1 SO4 W . -2.37 -22.58 -23.70
O2 SO4 W . -1.30 -20.85 -22.45
O3 SO4 W . -2.62 -20.30 -24.37
O4 SO4 W . -3.68 -21.07 -22.38
PG ANP X . 21.81 1.49 -21.92
O1G ANP X . 22.05 2.17 -20.59
O2G ANP X . 20.40 0.95 -21.96
O3G ANP X . 22.01 2.47 -23.03
PB ANP X . 23.75 -0.26 -23.38
O1B ANP X . 23.10 -1.43 -24.02
O2B ANP X . 23.89 0.93 -24.43
N3B ANP X . 22.86 0.24 -22.08
PA ANP X . 26.06 -0.21 -21.55
O1A ANP X . 25.34 -0.54 -20.29
O2A ANP X . 27.44 -0.92 -21.54
O3A ANP X . 25.21 -0.70 -22.83
O5' ANP X . 26.29 1.39 -21.64
C5' ANP X . 26.71 1.99 -22.89
C4' ANP X . 27.09 3.43 -22.67
O4' ANP X . 27.82 3.92 -23.82
C3' ANP X . 25.94 4.40 -22.43
O3' ANP X . 26.26 5.32 -21.40
C2' ANP X . 25.73 5.03 -23.81
O2' ANP X . 25.23 6.36 -23.75
C1' ANP X . 27.15 5.04 -24.38
N9 ANP X . 27.22 4.93 -25.84
C8 ANP X . 26.64 3.97 -26.61
N7 ANP X . 26.83 4.12 -27.91
C5 ANP X . 27.59 5.27 -27.98
C6 ANP X . 28.10 6.01 -29.08
N6 ANP X . 27.80 5.74 -30.35
N1 ANP X . 28.85 7.11 -28.81
C2 ANP X . 29.05 7.45 -27.53
N3 ANP X . 28.59 6.86 -26.42
C4 ANP X . 27.87 5.78 -26.71
S SO4 Y . 1.60 -6.76 -32.53
O1 SO4 Y . 2.54 -7.84 -32.89
O2 SO4 Y . 2.18 -5.96 -31.45
O3 SO4 Y . 1.36 -5.91 -33.70
O4 SO4 Y . 0.32 -7.33 -32.08
S SO4 Z . 8.27 -6.82 -29.27
O1 SO4 Z . 8.25 -8.09 -28.55
O2 SO4 Z . 9.64 -6.37 -29.42
O3 SO4 Z . 7.69 -6.97 -30.62
O4 SO4 Z . 7.46 -5.86 -28.53
S SO4 AA . 35.24 -0.07 -44.29
O1 SO4 AA . 36.31 -0.69 -45.08
O2 SO4 AA . 35.84 0.83 -43.30
O3 SO4 AA . 34.37 0.70 -45.17
O4 SO4 AA . 34.46 -1.10 -43.62
S SO4 BA . -21.24 -52.39 -1.44
O1 SO4 BA . -20.41 -53.56 -1.71
O2 SO4 BA . -20.51 -51.48 -0.56
O3 SO4 BA . -21.56 -51.72 -2.69
O4 SO4 BA . -22.50 -52.81 -0.79
#